data_6U7J
#
_entry.id   6U7J
#
_cell.length_a   74.941
_cell.length_b   105.655
_cell.length_c   189.566
_cell.angle_alpha   90.000
_cell.angle_beta   94.599
_cell.angle_gamma   90.000
#
_symmetry.space_group_name_H-M   'P 1 21 1'
#
loop_
_entity.id
_entity.type
_entity.pdbx_description
1 polymer Beta-glucuronidase
2 non-polymer 'CALCIUM ION'
3 water water
#
_entity_poly.entity_id   1
_entity_poly.type   'polypeptide(L)'
_entity_poly.pdbx_seq_one_letter_code
;MMPGKRRFDMLFPVDNEARQIKELNGIWKFKRDNYYKQGFEEKWFEKPLEDVIDMPVPSSYNDITTDQELRDHVGWVWYE
RKFAVPRLWKDQRLVLRFGSVTHHAVIYLNGKEITRHKGGFLPFEADVTEMANEGENRLTVAVGNILEWDCLPVGHIEYV
RDEMHPEGQMEQKFDFDFFNYSGIHRPVRLYCTPKEYIEDISVRTTVDDKDGMVHYEIKTNAEEKFIKVYIRDEKNQVVA
ESNEMKDMVLVKDAQLWQPGSAYLYKLDIYFGQDHYTLPFGIRTIQLTEKQFLINGKPFYFKGFGKHEDSDIRGKGLDEA
LNVRDCELLKWIGANSFRTSHYPYAEEMMQMADQKGIVVIDEVPAVGMNFFDGENGGIFTEDKVNEKTLAYHKQVLKELY
QRDKNHPCVVMWSITNEPHSSEEASRNYFEEVTKYIRKLDSERPITGTMNVDVEEDKISQFFDVVCINRYFGWYVGAGKI
ERIYPSLKTDLIKWHEKYGKPVIVTEYGADTIAGLHKLPEVIFSEEYQKRCIEENNKAMDECDFVIGEHIWAFADFMTAF
GLKRVDGNKKGIFTRERQPKTAAFAIRERWRKML
;
_entity_poly.pdbx_strand_id   A,B,C,D
#
loop_
_chem_comp.id
_chem_comp.type
_chem_comp.name
_chem_comp.formula
CA non-polymer 'CALCIUM ION' 'Ca 2'
#
# COMPACT_ATOMS: atom_id res chain seq x y z
N ASP A 9 19.45 7.97 -45.19
CA ASP A 9 18.12 7.55 -45.65
C ASP A 9 17.40 6.72 -44.61
N MET A 10 16.21 7.15 -44.21
CA MET A 10 15.47 6.42 -43.19
C MET A 10 13.98 6.70 -43.28
N LEU A 11 13.38 6.38 -44.43
CA LEU A 11 11.93 6.48 -44.54
C LEU A 11 11.28 5.36 -43.74
N PHE A 12 10.23 5.70 -43.00
CA PHE A 12 9.54 4.68 -42.23
C PHE A 12 8.98 3.63 -43.18
N PRO A 13 9.19 2.34 -42.91
CA PRO A 13 8.70 1.30 -43.83
C PRO A 13 7.18 1.34 -43.96
N VAL A 14 6.70 1.03 -45.17
CA VAL A 14 5.28 1.03 -45.46
C VAL A 14 4.87 -0.24 -46.20
N ASP A 15 3.58 -0.51 -46.19
CA ASP A 15 2.95 -1.59 -46.94
C ASP A 15 2.04 -0.97 -48.00
N ASN A 16 2.22 -1.38 -49.25
CA ASN A 16 1.26 -1.01 -50.29
C ASN A 16 1.36 -2.05 -51.40
N GLU A 17 0.92 -1.70 -52.60
CA GLU A 17 0.96 -2.65 -53.70
C GLU A 17 2.39 -3.00 -54.10
N ALA A 18 3.36 -2.12 -53.82
CA ALA A 18 4.73 -2.27 -54.27
C ALA A 18 5.72 -2.64 -53.18
N ARG A 19 5.47 -2.23 -51.94
CA ARG A 19 6.38 -2.46 -50.83
C ARG A 19 5.72 -3.38 -49.81
N GLN A 20 6.51 -4.24 -49.17
CA GLN A 20 5.93 -5.17 -48.21
C GLN A 20 6.83 -5.28 -46.99
N ILE A 21 6.20 -5.42 -45.82
CA ILE A 21 6.91 -5.52 -44.54
C ILE A 21 6.69 -6.91 -43.95
N LYS A 22 7.76 -7.54 -43.49
CA LYS A 22 7.68 -8.76 -42.70
C LYS A 22 8.20 -8.48 -41.29
N GLU A 23 7.32 -8.60 -40.29
CA GLU A 23 7.70 -8.38 -38.89
C GLU A 23 8.48 -9.56 -38.36
N LEU A 24 9.61 -9.28 -37.70
CA LEU A 24 10.42 -10.34 -37.11
C LEU A 24 10.47 -10.21 -35.58
N ASN A 25 9.32 -10.10 -34.94
CA ASN A 25 9.24 -9.86 -33.50
C ASN A 25 9.08 -11.19 -32.78
N GLY A 26 8.09 -11.37 -31.90
CA GLY A 26 7.86 -12.66 -31.28
C GLY A 26 8.94 -13.06 -30.28
N ILE A 27 9.20 -14.36 -30.21
CA ILE A 27 10.09 -14.94 -29.22
C ILE A 27 11.39 -15.32 -29.91
N TRP A 28 12.49 -14.73 -29.47
CA TRP A 28 13.82 -15.13 -29.93
C TRP A 28 14.49 -16.05 -28.91
N LYS A 29 15.59 -16.64 -29.33
CA LYS A 29 16.48 -17.37 -28.43
C LYS A 29 17.56 -16.41 -27.94
N PHE A 30 18.01 -16.62 -26.70
CA PHE A 30 18.77 -15.60 -25.99
C PHE A 30 19.85 -16.20 -25.11
N LYS A 31 21.01 -15.52 -25.05
CA LYS A 31 22.08 -15.95 -24.16
C LYS A 31 22.98 -14.76 -23.81
N ARG A 32 23.40 -14.67 -22.56
CA ARG A 32 24.33 -13.60 -22.15
C ARG A 32 25.77 -14.11 -22.09
N ASP A 33 26.71 -13.19 -22.30
CA ASP A 33 28.12 -13.49 -22.07
C ASP A 33 28.35 -13.79 -20.60
N ASN A 34 29.16 -14.83 -20.33
CA ASN A 34 29.57 -15.14 -18.97
C ASN A 34 30.89 -14.47 -18.58
N TYR A 35 31.69 -14.04 -19.55
CA TYR A 35 32.77 -13.09 -19.30
C TYR A 35 32.74 -12.07 -20.42
N TYR A 36 33.48 -10.99 -20.22
CA TYR A 36 33.48 -9.88 -21.17
C TYR A 36 33.82 -10.35 -22.57
N LYS A 37 32.89 -10.14 -23.50
CA LYS A 37 33.04 -10.43 -24.92
C LYS A 37 33.22 -11.92 -25.19
N GLN A 38 32.75 -12.77 -24.28
CA GLN A 38 32.85 -14.21 -24.51
C GLN A 38 32.33 -14.60 -25.89
N GLY A 39 31.20 -14.03 -26.31
CA GLY A 39 30.59 -14.47 -27.56
C GLY A 39 31.40 -14.11 -28.79
N PHE A 40 32.07 -12.95 -28.78
CA PHE A 40 32.96 -12.59 -29.87
C PHE A 40 34.19 -13.49 -29.91
N GLU A 41 34.85 -13.67 -28.75
CA GLU A 41 36.07 -14.48 -28.70
C GLU A 41 35.79 -15.91 -29.13
N GLU A 42 34.70 -16.50 -28.66
CA GLU A 42 34.34 -17.86 -29.03
C GLU A 42 33.55 -17.94 -30.33
N LYS A 43 33.36 -16.81 -31.03
CA LYS A 43 32.68 -16.76 -32.33
C LYS A 43 31.35 -17.53 -32.30
N TRP A 44 30.49 -17.13 -31.36
CA TRP A 44 29.20 -17.79 -31.20
C TRP A 44 28.34 -17.65 -32.45
N PHE A 45 28.48 -16.54 -33.17
CA PHE A 45 27.68 -16.28 -34.37
C PHE A 45 27.91 -17.28 -35.48
N GLU A 46 29.01 -18.05 -35.43
CA GLU A 46 29.35 -18.95 -36.53
C GLU A 46 28.43 -20.16 -36.61
N LYS A 47 27.79 -20.53 -35.52
CA LYS A 47 26.85 -21.65 -35.47
C LYS A 47 25.64 -21.20 -34.68
N PRO A 48 24.52 -21.93 -34.79
CA PRO A 48 23.36 -21.60 -33.96
C PRO A 48 23.72 -21.50 -32.49
N LEU A 49 23.06 -20.57 -31.78
CA LEU A 49 23.33 -20.40 -30.36
C LEU A 49 22.89 -21.64 -29.58
N GLU A 50 23.67 -22.00 -28.57
CA GLU A 50 23.37 -23.16 -27.74
C GLU A 50 23.29 -22.73 -26.28
N ASP A 51 22.53 -23.48 -25.50
CA ASP A 51 22.16 -23.17 -24.11
C ASP A 51 21.58 -21.76 -23.98
N VAL A 52 20.34 -21.66 -24.47
CA VAL A 52 19.66 -20.38 -24.62
C VAL A 52 18.39 -20.41 -23.78
N ILE A 53 17.84 -19.22 -23.54
CA ILE A 53 16.49 -19.09 -23.01
C ILE A 53 15.66 -18.31 -24.04
N ASP A 54 14.34 -18.32 -23.84
CA ASP A 54 13.45 -17.48 -24.63
C ASP A 54 13.51 -16.03 -24.14
N MET A 55 13.48 -15.10 -25.09
CA MET A 55 13.42 -13.67 -24.79
C MET A 55 12.47 -13.02 -25.79
N PRO A 56 11.51 -12.22 -25.33
CA PRO A 56 10.60 -11.55 -26.27
C PRO A 56 11.26 -10.34 -26.93
N VAL A 57 10.81 -10.06 -28.15
CA VAL A 57 11.25 -8.91 -28.94
C VAL A 57 10.00 -8.27 -29.54
N PRO A 58 9.76 -6.96 -29.33
CA PRO A 58 10.58 -5.97 -28.63
C PRO A 58 10.38 -5.94 -27.10
N SER A 59 11.46 -5.70 -26.35
CA SER A 59 11.43 -5.67 -24.88
C SER A 59 12.85 -5.50 -24.35
N SER A 60 13.01 -4.89 -23.18
CA SER A 60 14.28 -5.06 -22.47
C SER A 60 14.38 -6.49 -21.97
N TYR A 61 15.61 -6.94 -21.74
CA TYR A 61 15.76 -8.27 -21.17
C TYR A 61 15.86 -8.25 -19.64
N ASN A 62 16.02 -7.07 -19.04
CA ASN A 62 16.44 -7.00 -17.65
C ASN A 62 15.37 -7.52 -16.69
N ASP A 63 14.09 -7.26 -16.97
CA ASP A 63 13.02 -7.53 -16.03
C ASP A 63 12.22 -8.79 -16.37
N ILE A 64 12.64 -9.54 -17.38
CA ILE A 64 11.88 -10.72 -17.80
C ILE A 64 12.11 -11.90 -16.86
N THR A 65 13.35 -12.14 -16.44
CA THR A 65 13.66 -13.35 -15.69
C THR A 65 13.68 -13.09 -14.19
N THR A 66 13.85 -14.18 -13.42
CA THR A 66 13.98 -14.14 -11.98
C THR A 66 15.44 -14.11 -11.54
N ASP A 67 16.35 -13.79 -12.44
CA ASP A 67 17.78 -13.97 -12.30
C ASP A 67 18.43 -12.60 -12.12
N GLN A 68 19.00 -12.34 -10.94
CA GLN A 68 19.59 -11.02 -10.72
C GLN A 68 20.84 -10.81 -11.58
N GLU A 69 21.54 -11.88 -11.94
CA GLU A 69 22.75 -11.72 -12.74
C GLU A 69 22.43 -11.15 -14.12
N LEU A 70 21.35 -11.64 -14.75
CA LEU A 70 20.93 -11.08 -16.03
C LEU A 70 20.43 -9.64 -15.86
N ARG A 71 19.68 -9.37 -14.79
CA ARG A 71 19.17 -8.01 -14.58
C ARG A 71 20.30 -7.00 -14.51
N ASP A 72 21.37 -7.33 -13.79
CA ASP A 72 22.48 -6.42 -13.56
C ASP A 72 23.63 -6.63 -14.54
N HIS A 73 23.40 -7.37 -15.62
CA HIS A 73 24.46 -7.71 -16.57
C HIS A 73 25.14 -6.47 -17.12
N VAL A 74 26.46 -6.54 -17.23
CA VAL A 74 27.29 -5.50 -17.86
C VAL A 74 28.02 -6.16 -19.02
N GLY A 75 27.83 -5.64 -20.23
CA GLY A 75 28.49 -6.17 -21.41
C GLY A 75 27.52 -6.54 -22.52
N TRP A 76 27.72 -7.72 -23.12
CA TRP A 76 27.01 -8.16 -24.32
C TRP A 76 26.10 -9.35 -24.03
N VAL A 77 24.97 -9.38 -24.73
CA VAL A 77 24.08 -10.53 -24.79
C VAL A 77 23.84 -10.86 -26.26
N TRP A 78 23.29 -12.04 -26.51
CA TRP A 78 23.17 -12.57 -27.87
C TRP A 78 21.73 -13.00 -28.15
N TYR A 79 21.15 -12.43 -29.20
CA TYR A 79 19.82 -12.82 -29.67
C TYR A 79 19.94 -13.56 -30.99
N GLU A 80 19.02 -14.49 -31.24
CA GLU A 80 19.00 -15.19 -32.51
C GLU A 80 17.59 -15.64 -32.85
N ARG A 81 17.24 -15.58 -34.14
CA ARG A 81 16.06 -16.25 -34.65
C ARG A 81 16.25 -16.55 -36.13
N LYS A 82 15.28 -17.27 -36.69
CA LYS A 82 15.23 -17.59 -38.11
C LYS A 82 14.14 -16.80 -38.79
N PHE A 83 14.39 -16.43 -40.06
CA PHE A 83 13.38 -15.82 -40.90
C PHE A 83 13.46 -16.41 -42.30
N ALA A 84 12.37 -16.26 -43.06
CA ALA A 84 12.25 -16.83 -44.40
C ALA A 84 12.14 -15.71 -45.43
N VAL A 85 12.80 -15.89 -46.57
CA VAL A 85 12.57 -15.06 -47.75
C VAL A 85 11.62 -15.83 -48.67
N PRO A 86 10.45 -15.29 -48.99
CA PRO A 86 9.52 -16.00 -49.87
C PRO A 86 10.02 -16.08 -51.31
N ARG A 87 9.63 -17.16 -52.00
CA ARG A 87 9.84 -17.24 -53.45
C ARG A 87 9.34 -15.98 -54.15
N LEU A 88 8.19 -15.46 -53.71
CA LEU A 88 7.54 -14.32 -54.36
C LEU A 88 8.37 -13.03 -54.26
N TRP A 89 9.36 -12.99 -53.37
CA TRP A 89 10.22 -11.82 -53.23
C TRP A 89 11.42 -11.86 -54.17
N LYS A 90 11.34 -12.66 -55.25
CA LYS A 90 12.53 -13.12 -55.98
C LYS A 90 13.47 -11.98 -56.38
N ASP A 91 12.95 -10.96 -57.04
CA ASP A 91 13.83 -9.95 -57.61
C ASP A 91 13.66 -8.59 -56.95
N GLN A 92 13.29 -8.59 -55.68
CA GLN A 92 13.06 -7.34 -54.96
C GLN A 92 14.31 -6.96 -54.19
N ARG A 93 14.42 -5.67 -53.91
CA ARG A 93 15.40 -5.19 -52.95
C ARG A 93 14.92 -5.56 -51.55
N LEU A 94 15.84 -6.08 -50.72
CA LEU A 94 15.52 -6.57 -49.38
C LEU A 94 16.28 -5.76 -48.34
N VAL A 95 15.57 -5.29 -47.31
CA VAL A 95 16.19 -4.48 -46.27
C VAL A 95 15.83 -5.02 -44.90
N LEU A 96 16.83 -5.17 -44.05
CA LEU A 96 16.62 -5.56 -42.66
C LEU A 96 16.68 -4.30 -41.80
N ARG A 97 15.58 -3.96 -41.13
CA ARG A 97 15.51 -2.73 -40.35
C ARG A 97 15.37 -3.02 -38.86
N PHE A 98 16.20 -2.35 -38.05
CA PHE A 98 16.08 -2.36 -36.60
C PHE A 98 15.60 -0.99 -36.14
N GLY A 99 14.41 -0.95 -35.53
CA GLY A 99 13.94 0.31 -34.98
C GLY A 99 14.90 0.87 -33.93
N SER A 100 15.46 -0.01 -33.09
CA SER A 100 16.60 0.33 -32.23
C SER A 100 17.16 -0.96 -31.63
N VAL A 101 18.40 -0.86 -31.17
CA VAL A 101 19.04 -1.87 -30.34
C VAL A 101 19.84 -1.10 -29.32
N THR A 102 19.60 -1.35 -28.03
CA THR A 102 20.16 -0.52 -26.95
C THR A 102 21.24 -1.30 -26.24
N HIS A 103 22.49 -0.81 -26.27
CA HIS A 103 22.94 0.45 -26.88
C HIS A 103 23.75 0.24 -28.15
N HIS A 104 24.38 -0.93 -28.28
CA HIS A 104 25.31 -1.24 -29.36
C HIS A 104 24.95 -2.57 -29.99
N ALA A 105 25.10 -2.65 -31.30
CA ALA A 105 24.65 -3.80 -32.06
C ALA A 105 25.73 -4.28 -33.02
N VAL A 106 25.87 -5.59 -33.14
CA VAL A 106 26.55 -6.25 -34.24
C VAL A 106 25.55 -7.23 -34.84
N ILE A 107 25.26 -7.09 -36.13
CA ILE A 107 24.25 -7.90 -36.81
C ILE A 107 24.95 -8.94 -37.68
N TYR A 108 24.53 -10.20 -37.55
CA TYR A 108 25.02 -11.31 -38.37
C TYR A 108 23.88 -11.93 -39.16
N LEU A 109 24.16 -12.29 -40.40
CA LEU A 109 23.23 -13.02 -41.25
C LEU A 109 23.90 -14.30 -41.71
N ASN A 110 23.28 -15.43 -41.40
CA ASN A 110 23.83 -16.76 -41.68
C ASN A 110 25.31 -16.84 -41.28
N GLY A 111 25.64 -16.32 -40.10
CA GLY A 111 26.97 -16.45 -39.55
C GLY A 111 27.98 -15.41 -39.98
N LYS A 112 27.60 -14.47 -40.84
CA LYS A 112 28.50 -13.47 -41.36
C LYS A 112 28.06 -12.08 -40.89
N GLU A 113 29.00 -11.26 -40.43
CA GLU A 113 28.65 -9.91 -40.00
C GLU A 113 28.22 -9.09 -41.20
N ILE A 114 27.14 -8.32 -41.04
CA ILE A 114 26.64 -7.49 -42.14
C ILE A 114 26.53 -6.01 -41.77
N THR A 115 26.41 -5.65 -40.49
CA THR A 115 26.43 -4.23 -40.10
C THR A 115 26.66 -4.13 -38.60
N ARG A 116 26.93 -2.90 -38.15
CA ARG A 116 27.08 -2.52 -36.75
C ARG A 116 26.36 -1.22 -36.52
N HIS A 117 26.06 -0.93 -35.25
CA HIS A 117 25.44 0.35 -34.93
C HIS A 117 25.79 0.75 -33.52
N LYS A 118 25.96 2.05 -33.32
CA LYS A 118 26.28 2.62 -32.01
C LYS A 118 25.18 3.61 -31.64
N GLY A 119 24.52 3.37 -30.50
CA GLY A 119 23.47 4.28 -30.02
C GLY A 119 22.15 3.53 -29.96
N GLY A 120 21.46 3.66 -28.83
CA GLY A 120 20.37 2.78 -28.48
C GLY A 120 18.96 3.25 -28.78
N PHE A 121 18.78 4.35 -29.50
CA PHE A 121 17.44 4.92 -29.59
C PHE A 121 17.08 5.41 -30.98
N LEU A 122 17.83 5.00 -32.00
CA LEU A 122 17.60 5.45 -33.36
C LEU A 122 17.71 4.25 -34.28
N PRO A 123 16.95 4.21 -35.35
CA PRO A 123 16.91 3.01 -36.20
C PRO A 123 18.12 2.92 -37.12
N PHE A 124 18.36 1.70 -37.60
CA PHE A 124 19.39 1.43 -38.60
C PHE A 124 18.97 0.23 -39.43
N GLU A 125 19.58 0.09 -40.61
CA GLU A 125 19.17 -0.97 -41.52
C GLU A 125 20.35 -1.47 -42.32
N ALA A 126 20.13 -2.56 -43.04
CA ALA A 126 21.16 -3.18 -43.85
C ALA A 126 20.50 -3.77 -45.08
N ASP A 127 21.03 -3.44 -46.26
CA ASP A 127 20.57 -4.05 -47.50
C ASP A 127 21.10 -5.49 -47.58
N VAL A 128 20.20 -6.46 -47.57
CA VAL A 128 20.58 -7.88 -47.63
C VAL A 128 20.11 -8.53 -48.93
N THR A 129 19.84 -7.71 -49.97
CA THR A 129 19.32 -8.23 -51.23
C THR A 129 20.17 -9.38 -51.79
N GLU A 130 21.49 -9.26 -51.71
CA GLU A 130 22.37 -10.25 -52.30
C GLU A 130 22.94 -11.23 -51.27
N MET A 131 22.49 -11.19 -50.02
CA MET A 131 23.03 -12.05 -48.98
C MET A 131 22.01 -12.99 -48.35
N ALA A 132 20.73 -12.62 -48.31
CA ALA A 132 19.71 -13.54 -47.83
C ALA A 132 19.40 -14.59 -48.88
N ASN A 133 19.14 -15.81 -48.42
CA ASN A 133 18.76 -16.90 -49.30
C ASN A 133 17.25 -16.99 -49.35
N GLU A 134 16.76 -17.53 -50.46
CA GLU A 134 15.38 -17.99 -50.50
C GLU A 134 15.18 -19.03 -49.40
N GLY A 135 14.01 -19.02 -48.78
CA GLY A 135 13.78 -19.88 -47.64
C GLY A 135 14.42 -19.38 -46.36
N GLU A 136 14.93 -20.32 -45.55
CA GLU A 136 15.34 -20.06 -44.18
C GLU A 136 16.69 -19.35 -44.11
N ASN A 137 16.78 -18.40 -43.17
CA ASN A 137 17.99 -17.68 -42.86
C ASN A 137 18.11 -17.62 -41.34
N ARG A 138 19.33 -17.36 -40.86
CA ARG A 138 19.58 -17.24 -39.43
C ARG A 138 20.03 -15.82 -39.14
N LEU A 139 19.33 -15.14 -38.24
CA LEU A 139 19.64 -13.77 -37.87
C LEU A 139 20.14 -13.75 -36.43
N THR A 140 21.36 -13.26 -36.24
CA THR A 140 22.00 -13.23 -34.94
C THR A 140 22.37 -11.79 -34.62
N VAL A 141 22.09 -11.35 -33.39
CA VAL A 141 22.26 -9.97 -32.98
C VAL A 141 22.99 -9.95 -31.65
N ALA A 142 24.14 -9.30 -31.60
CA ALA A 142 24.83 -9.05 -30.34
C ALA A 142 24.42 -7.69 -29.80
N VAL A 143 24.12 -7.63 -28.50
CA VAL A 143 23.57 -6.42 -27.88
C VAL A 143 24.45 -6.04 -26.69
N GLY A 144 25.06 -4.87 -26.76
CA GLY A 144 25.97 -4.39 -25.73
C GLY A 144 25.37 -3.19 -25.02
N ASN A 145 25.58 -3.14 -23.70
CA ASN A 145 24.98 -2.07 -22.90
C ASN A 145 26.00 -1.11 -22.32
N ILE A 146 27.27 -1.20 -22.72
CA ILE A 146 28.31 -0.43 -22.07
C ILE A 146 28.30 0.99 -22.62
N LEU A 147 28.30 1.96 -21.73
CA LEU A 147 28.35 3.37 -22.09
C LEU A 147 29.70 3.94 -21.67
N GLU A 148 30.35 4.63 -22.60
CA GLU A 148 31.61 5.29 -22.34
C GLU A 148 31.44 6.79 -22.54
N TRP A 149 32.52 7.54 -22.36
CA TRP A 149 32.46 8.99 -22.39
C TRP A 149 32.16 9.53 -23.78
N ASP A 150 32.22 8.68 -24.79
CA ASP A 150 31.89 9.08 -26.16
C ASP A 150 30.55 8.52 -26.62
N CYS A 151 29.79 7.89 -25.72
CA CYS A 151 28.42 7.49 -26.04
C CYS A 151 27.41 8.50 -25.53
N LEU A 152 26.20 8.39 -26.06
CA LEU A 152 25.06 9.17 -25.59
C LEU A 152 23.94 8.19 -25.31
N PRO A 153 23.51 8.03 -24.05
CA PRO A 153 23.97 8.76 -22.85
C PRO A 153 25.43 8.49 -22.48
N VAL A 154 26.01 9.47 -21.79
CA VAL A 154 27.38 9.36 -21.30
C VAL A 154 27.43 8.42 -20.10
N GLY A 155 28.54 7.69 -19.97
CA GLY A 155 28.85 6.91 -18.80
C GLY A 155 30.33 6.57 -18.80
N HIS A 156 30.73 5.66 -17.90
CA HIS A 156 32.09 5.12 -17.96
C HIS A 156 32.18 3.86 -17.12
N ILE A 157 33.17 3.02 -17.46
CA ILE A 157 33.40 1.76 -16.76
C ILE A 157 34.48 1.94 -15.71
N GLU A 158 34.26 1.36 -14.54
CA GLU A 158 35.28 1.25 -13.51
C GLU A 158 35.49 -0.22 -13.17
N TYR A 159 36.71 -0.56 -12.76
CA TYR A 159 37.03 -1.93 -12.35
C TYR A 159 37.38 -1.97 -10.87
N MET A 170 34.14 -5.34 -13.57
CA MET A 170 33.51 -4.29 -14.35
C MET A 170 32.22 -3.75 -13.74
N GLU A 171 32.19 -2.45 -13.47
CA GLU A 171 31.00 -1.81 -12.96
C GLU A 171 30.65 -0.63 -13.86
N GLN A 172 29.38 -0.52 -14.23
CA GLN A 172 28.96 0.59 -15.09
C GLN A 172 28.63 1.80 -14.23
N LYS A 173 29.21 2.93 -14.56
CA LYS A 173 28.91 4.17 -13.88
C LYS A 173 28.22 5.12 -14.84
N PHE A 174 27.31 5.92 -14.30
CA PHE A 174 26.68 7.00 -15.06
C PHE A 174 25.93 7.88 -14.09
N ASP A 175 25.62 9.08 -14.53
CA ASP A 175 24.97 10.06 -13.68
C ASP A 175 23.62 10.52 -14.22
N PHE A 176 22.99 9.71 -15.05
CA PHE A 176 21.57 9.92 -15.33
C PHE A 176 20.74 9.03 -14.42
N ASP A 177 19.47 9.39 -14.31
CA ASP A 177 18.54 8.76 -13.38
C ASP A 177 18.19 7.34 -13.80
N PHE A 178 17.58 7.22 -14.98
CA PHE A 178 16.80 6.05 -15.36
C PHE A 178 17.66 4.79 -15.49
N PHE A 179 17.00 3.65 -15.32
CA PHE A 179 17.68 2.37 -15.35
C PHE A 179 18.23 2.11 -16.75
N ASN A 180 19.44 1.55 -16.80
CA ASN A 180 20.13 1.34 -18.08
C ASN A 180 19.69 0.01 -18.71
N TYR A 181 18.39 -0.04 -19.03
CA TYR A 181 17.80 -1.17 -19.73
C TYR A 181 18.48 -1.41 -21.06
N SER A 182 18.55 -2.68 -21.45
CA SER A 182 19.17 -3.02 -22.71
C SER A 182 18.35 -4.13 -23.34
N GLY A 183 18.45 -4.26 -24.66
CA GLY A 183 17.72 -5.26 -25.40
C GLY A 183 17.36 -4.74 -26.78
N ILE A 184 16.42 -5.44 -27.43
CA ILE A 184 15.90 -5.00 -28.72
C ILE A 184 14.53 -4.39 -28.42
N HIS A 185 14.49 -3.06 -28.33
CA HIS A 185 13.35 -2.37 -27.76
C HIS A 185 12.28 -2.01 -28.78
N ARG A 186 12.53 -2.16 -30.06
CA ARG A 186 11.60 -1.70 -31.09
C ARG A 186 11.49 -2.77 -32.16
N PRO A 187 10.43 -2.75 -32.98
CA PRO A 187 10.20 -3.86 -33.91
C PRO A 187 11.39 -4.09 -34.84
N VAL A 188 11.64 -5.36 -35.15
CA VAL A 188 12.57 -5.75 -36.21
C VAL A 188 11.74 -6.10 -37.43
N ARG A 189 12.14 -5.58 -38.58
CA ARG A 189 11.35 -5.72 -39.79
C ARG A 189 12.23 -6.05 -40.97
N LEU A 190 11.90 -7.11 -41.69
CA LEU A 190 12.45 -7.34 -43.02
C LEU A 190 11.44 -6.78 -44.02
N TYR A 191 11.90 -5.94 -44.93
CA TYR A 191 10.98 -5.38 -45.89
C TYR A 191 11.59 -5.37 -47.29
N CYS A 192 10.72 -5.20 -48.29
CA CYS A 192 11.09 -5.27 -49.68
C CYS A 192 10.55 -4.07 -50.44
N THR A 193 11.34 -3.62 -51.41
CA THR A 193 10.97 -2.58 -52.36
C THR A 193 11.47 -3.00 -53.74
N PRO A 194 10.96 -2.37 -54.79
CA PRO A 194 11.59 -2.50 -56.11
C PRO A 194 13.03 -2.01 -56.10
N LYS A 195 13.78 -2.45 -57.12
CA LYS A 195 15.22 -2.14 -57.16
C LYS A 195 15.49 -0.67 -57.52
N GLU A 196 14.56 -0.01 -58.18
CA GLU A 196 14.63 1.44 -58.37
C GLU A 196 13.51 2.04 -57.52
N TYR A 197 13.87 2.97 -56.63
CA TYR A 197 12.96 3.22 -55.54
C TYR A 197 13.23 4.60 -54.93
N ILE A 198 12.27 5.06 -54.14
CA ILE A 198 12.33 6.33 -53.43
C ILE A 198 13.18 6.15 -52.16
N GLU A 199 14.27 6.91 -52.06
CA GLU A 199 15.25 6.79 -50.97
C GLU A 199 14.96 7.73 -49.79
N ASP A 200 14.48 8.95 -50.05
CA ASP A 200 14.36 9.95 -49.01
C ASP A 200 13.36 11.00 -49.47
N ILE A 201 12.74 11.68 -48.51
CA ILE A 201 11.77 12.75 -48.78
C ILE A 201 11.96 13.81 -47.70
N SER A 202 11.96 15.09 -48.10
CA SER A 202 11.92 16.19 -47.14
C SER A 202 10.79 17.13 -47.53
N VAL A 203 9.96 17.50 -46.55
CA VAL A 203 8.81 18.38 -46.79
C VAL A 203 8.93 19.58 -45.84
N ARG A 204 8.76 20.79 -46.39
CA ARG A 204 8.65 22.00 -45.60
C ARG A 204 7.43 22.79 -46.06
N THR A 205 6.82 23.53 -45.13
CA THR A 205 5.55 24.20 -45.40
C THR A 205 5.62 25.67 -44.98
N THR A 206 4.94 26.51 -45.75
CA THR A 206 4.71 27.91 -45.39
C THR A 206 3.26 28.25 -45.69
N VAL A 207 2.79 29.35 -45.10
CA VAL A 207 1.40 29.76 -45.23
C VAL A 207 1.36 31.24 -45.59
N ASP A 208 0.68 31.57 -46.70
CA ASP A 208 0.43 32.96 -47.06
C ASP A 208 -1.08 33.20 -46.94
N ASP A 209 -1.45 33.90 -45.87
CA ASP A 209 -2.83 34.13 -45.47
C ASP A 209 -3.60 32.82 -45.34
N LYS A 210 -4.42 32.51 -46.35
CA LYS A 210 -5.29 31.35 -46.33
C LYS A 210 -4.77 30.17 -47.15
N ASP A 211 -3.64 30.33 -47.84
CA ASP A 211 -3.12 29.28 -48.69
C ASP A 211 -1.77 28.76 -48.21
N GLY A 212 -1.56 27.47 -48.37
CA GLY A 212 -0.35 26.80 -47.91
C GLY A 212 0.53 26.42 -49.08
N MET A 213 1.83 26.50 -48.88
CA MET A 213 2.84 26.19 -49.88
C MET A 213 3.66 25.00 -49.40
N VAL A 214 3.62 23.91 -50.17
CA VAL A 214 4.32 22.68 -49.80
C VAL A 214 5.57 22.57 -50.66
N HIS A 215 6.73 22.77 -50.04
CA HIS A 215 8.04 22.56 -50.67
C HIS A 215 8.47 21.13 -50.37
N TYR A 216 8.74 20.34 -51.40
CA TYR A 216 9.23 18.99 -51.20
C TYR A 216 10.46 18.72 -52.05
N GLU A 217 11.27 17.79 -51.58
CA GLU A 217 12.39 17.23 -52.34
C GLU A 217 12.35 15.73 -52.18
N ILE A 218 12.38 15.00 -53.30
CA ILE A 218 12.38 13.53 -53.30
C ILE A 218 13.68 13.05 -53.90
N LYS A 219 14.32 12.08 -53.23
CA LYS A 219 15.50 11.43 -53.77
C LYS A 219 15.17 9.99 -54.13
N THR A 220 15.64 9.55 -55.29
CA THR A 220 15.50 8.18 -55.77
C THR A 220 16.87 7.71 -56.24
N ASN A 221 16.99 6.42 -56.57
CA ASN A 221 18.23 5.91 -57.16
C ASN A 221 18.17 5.85 -58.69
N ALA A 222 17.28 6.63 -59.33
CA ALA A 222 17.29 6.81 -60.80
C ALA A 222 16.60 8.13 -61.10
N GLU A 223 17.34 9.22 -60.86
CA GLU A 223 16.77 10.57 -60.90
C GLU A 223 16.28 11.00 -62.27
N GLU A 224 16.61 10.27 -63.34
CA GLU A 224 16.17 10.66 -64.67
C GLU A 224 14.80 10.11 -65.02
N LYS A 225 14.31 9.11 -64.28
CA LYS A 225 13.06 8.44 -64.61
C LYS A 225 11.85 9.26 -64.21
N PHE A 226 10.72 8.95 -64.85
CA PHE A 226 9.47 9.66 -64.61
C PHE A 226 8.99 9.47 -63.17
N ILE A 227 8.47 10.53 -62.59
CA ILE A 227 7.85 10.45 -61.28
C ILE A 227 6.51 11.18 -61.31
N LYS A 228 5.58 10.73 -60.46
CA LYS A 228 4.27 11.36 -60.31
C LYS A 228 4.02 11.61 -58.83
N VAL A 229 3.76 12.86 -58.46
CA VAL A 229 3.61 13.27 -57.07
C VAL A 229 2.24 13.92 -56.89
N TYR A 230 1.42 13.31 -56.04
CA TYR A 230 0.16 13.87 -55.60
C TYR A 230 0.29 14.42 -54.18
N ILE A 231 -0.46 15.48 -53.92
CA ILE A 231 -0.79 15.87 -52.56
C ILE A 231 -2.26 15.55 -52.38
N ARG A 232 -2.56 14.68 -51.43
CA ARG A 232 -3.94 14.31 -51.13
C ARG A 232 -4.35 14.86 -49.77
N ASP A 233 -5.64 15.19 -49.66
CA ASP A 233 -6.19 15.65 -48.40
C ASP A 233 -6.62 14.45 -47.56
N GLU A 234 -7.27 14.71 -46.43
CA GLU A 234 -7.60 13.63 -45.50
C GLU A 234 -8.69 12.72 -46.03
N LYS A 235 -9.53 13.20 -46.95
CA LYS A 235 -10.46 12.32 -47.64
C LYS A 235 -9.83 11.68 -48.87
N ASN A 236 -8.52 11.83 -49.05
CA ASN A 236 -7.72 11.19 -50.10
C ASN A 236 -8.03 11.73 -51.49
N GLN A 237 -8.53 12.95 -51.61
CA GLN A 237 -8.77 13.56 -52.91
C GLN A 237 -7.58 14.46 -53.25
N VAL A 238 -7.21 14.45 -54.54
CA VAL A 238 -6.03 15.17 -55.03
C VAL A 238 -6.28 16.67 -54.94
N VAL A 239 -5.35 17.40 -54.32
CA VAL A 239 -5.41 18.85 -54.23
C VAL A 239 -4.23 19.52 -54.91
N ALA A 240 -3.27 18.74 -55.39
CA ALA A 240 -2.08 19.24 -56.08
C ALA A 240 -1.39 18.05 -56.74
N GLU A 241 -0.69 18.33 -57.84
CA GLU A 241 -0.14 17.30 -58.72
C GLU A 241 1.16 17.81 -59.33
N SER A 242 2.16 16.93 -59.46
CA SER A 242 3.41 17.35 -60.09
C SER A 242 4.22 16.15 -60.56
N ASN A 243 5.04 16.36 -61.59
CA ASN A 243 6.00 15.36 -62.08
C ASN A 243 7.43 15.75 -61.79
N GLU A 244 7.66 16.66 -60.84
CA GLU A 244 8.99 17.08 -60.45
C GLU A 244 9.44 16.37 -59.16
N MET A 245 10.72 16.02 -59.12
CA MET A 245 11.32 15.46 -57.90
C MET A 245 11.40 16.50 -56.79
N LYS A 246 11.60 17.77 -57.14
CA LYS A 246 11.64 18.86 -56.18
C LYS A 246 10.68 19.93 -56.66
N ASP A 247 9.79 20.40 -55.80
CA ASP A 247 8.82 21.37 -56.28
C ASP A 247 8.23 22.16 -55.12
N MET A 248 7.34 23.08 -55.46
CA MET A 248 6.71 24.00 -54.53
C MET A 248 5.29 24.18 -55.05
N VAL A 249 4.32 23.49 -54.44
CA VAL A 249 2.95 23.46 -54.92
C VAL A 249 2.04 24.17 -53.92
N LEU A 250 1.06 24.88 -54.45
CA LEU A 250 0.10 25.62 -53.64
C LEU A 250 -1.04 24.70 -53.23
N VAL A 251 -1.44 24.83 -51.97
CA VAL A 251 -2.62 24.13 -51.44
C VAL A 251 -3.57 25.23 -50.99
N LYS A 252 -4.52 25.58 -51.85
CA LYS A 252 -5.43 26.68 -51.56
C LYS A 252 -6.36 26.32 -50.40
N ASP A 253 -6.60 27.30 -49.52
CA ASP A 253 -7.49 27.13 -48.36
C ASP A 253 -7.03 25.94 -47.52
N ALA A 254 -5.76 25.97 -47.14
CA ALA A 254 -5.12 24.80 -46.54
C ALA A 254 -5.69 24.48 -45.15
N GLN A 255 -6.02 23.22 -44.94
CA GLN A 255 -6.36 22.75 -43.59
C GLN A 255 -5.09 22.66 -42.77
N LEU A 256 -4.92 23.58 -41.83
CA LEU A 256 -3.70 23.64 -41.04
C LEU A 256 -3.69 22.57 -39.96
N TRP A 257 -2.50 22.07 -39.65
CA TRP A 257 -2.32 21.18 -38.51
C TRP A 257 -2.27 22.03 -37.24
N GLN A 258 -3.19 21.78 -36.29
CA GLN A 258 -3.25 22.60 -35.08
C GLN A 258 -3.10 21.77 -33.81
N PRO A 259 -2.49 22.32 -32.77
CA PRO A 259 -2.50 21.64 -31.46
C PRO A 259 -3.93 21.31 -31.08
N GLY A 260 -4.16 20.04 -30.73
CA GLY A 260 -5.50 19.58 -30.39
C GLY A 260 -6.42 19.28 -31.56
N SER A 261 -6.10 19.73 -32.78
CA SER A 261 -6.88 19.38 -33.98
C SER A 261 -5.91 19.16 -35.15
N ALA A 262 -5.42 17.93 -35.25
CA ALA A 262 -4.50 17.58 -36.31
C ALA A 262 -5.19 17.55 -37.67
N TYR A 263 -4.48 17.98 -38.70
CA TYR A 263 -4.86 17.68 -40.08
C TYR A 263 -3.62 17.25 -40.82
N LEU A 264 -3.69 16.11 -41.50
CA LEU A 264 -2.52 15.53 -42.14
C LEU A 264 -2.81 15.35 -43.63
N TYR A 265 -2.04 16.03 -44.47
CA TYR A 265 -2.05 15.71 -45.88
C TYR A 265 -1.12 14.54 -46.16
N LYS A 266 -1.15 14.06 -47.40
CA LYS A 266 -0.31 12.94 -47.82
C LYS A 266 0.42 13.29 -49.10
N LEU A 267 1.74 13.12 -49.08
CA LEU A 267 2.56 13.18 -50.28
C LEU A 267 2.59 11.76 -50.85
N ASP A 268 1.87 11.55 -51.93
CA ASP A 268 1.63 10.23 -52.49
C ASP A 268 2.42 10.14 -53.80
N ILE A 269 3.48 9.31 -53.80
CA ILE A 269 4.52 9.35 -54.82
C ILE A 269 4.56 8.02 -55.56
N TYR A 270 4.47 8.08 -56.90
CA TYR A 270 4.58 6.91 -57.75
C TYR A 270 5.85 7.05 -58.59
N PHE A 271 6.76 6.09 -58.45
CA PHE A 271 8.07 6.18 -59.13
C PHE A 271 8.41 4.82 -59.72
N GLY A 272 8.24 4.68 -61.03
CA GLY A 272 8.45 3.40 -61.68
C GLY A 272 7.50 2.37 -61.14
N GLN A 273 8.04 1.30 -60.58
CA GLN A 273 7.22 0.32 -59.86
C GLN A 273 7.04 0.64 -58.38
N ASP A 274 7.68 1.70 -57.88
CA ASP A 274 7.68 1.98 -56.46
C ASP A 274 6.50 2.87 -56.09
N HIS A 275 6.16 2.86 -54.81
CA HIS A 275 5.06 3.67 -54.28
C HIS A 275 5.40 3.99 -52.83
N TYR A 276 5.29 5.26 -52.46
CA TYR A 276 5.47 5.66 -51.07
C TYR A 276 4.51 6.78 -50.75
N THR A 277 3.88 6.71 -49.57
CA THR A 277 2.93 7.72 -49.13
C THR A 277 3.40 8.26 -47.80
N LEU A 278 3.58 9.57 -47.73
CA LEU A 278 4.15 10.23 -46.57
C LEU A 278 3.16 11.22 -45.97
N PRO A 279 2.61 10.97 -44.78
CA PRO A 279 1.80 12.00 -44.12
C PRO A 279 2.65 13.18 -43.69
N PHE A 280 2.02 14.37 -43.71
CA PHE A 280 2.71 15.58 -43.27
C PHE A 280 1.66 16.61 -42.91
N GLY A 281 2.09 17.65 -42.21
CA GLY A 281 1.18 18.69 -41.78
C GLY A 281 1.67 20.07 -42.19
N ILE A 282 0.71 20.95 -42.44
CA ILE A 282 0.98 22.34 -42.78
C ILE A 282 0.81 23.15 -41.49
N ARG A 283 1.90 23.70 -40.97
CA ARG A 283 1.80 24.50 -39.76
C ARG A 283 3.07 25.32 -39.62
N THR A 284 2.93 26.56 -39.14
CA THR A 284 4.07 27.45 -38.97
C THR A 284 4.45 27.55 -37.50
N ILE A 285 5.74 27.83 -37.27
CA ILE A 285 6.31 28.10 -35.95
C ILE A 285 7.03 29.44 -36.00
N GLN A 286 6.73 30.31 -35.04
CA GLN A 286 7.44 31.57 -34.95
C GLN A 286 7.62 31.92 -33.48
N LEU A 287 8.85 32.23 -33.11
CA LEU A 287 9.17 32.68 -31.76
C LEU A 287 9.20 34.20 -31.76
N THR A 288 8.49 34.80 -30.82
CA THR A 288 8.55 36.24 -30.63
C THR A 288 9.29 36.53 -29.35
N GLU A 289 9.46 37.81 -29.09
CA GLU A 289 9.75 38.19 -27.71
C GLU A 289 8.56 37.77 -26.88
N LYS A 290 8.74 36.79 -25.99
CA LYS A 290 7.82 36.37 -24.93
C LYS A 290 6.83 35.29 -25.35
N GLN A 291 6.75 34.92 -26.64
CA GLN A 291 5.72 33.96 -27.04
C GLN A 291 6.27 32.94 -28.03
N PHE A 292 5.56 31.81 -28.10
CA PHE A 292 5.83 30.69 -29.00
C PHE A 292 4.58 30.57 -29.84
N LEU A 293 4.64 31.02 -31.10
CA LEU A 293 3.48 31.06 -31.97
C LEU A 293 3.46 29.83 -32.85
N ILE A 294 2.31 29.17 -32.92
CA ILE A 294 2.08 28.08 -33.85
C ILE A 294 0.91 28.48 -34.71
N ASN A 295 1.13 28.55 -36.02
CA ASN A 295 0.14 29.11 -36.94
C ASN A 295 -0.24 30.54 -36.53
N GLY A 296 0.74 31.28 -36.03
CA GLY A 296 0.46 32.65 -35.65
C GLY A 296 -0.30 32.84 -34.36
N LYS A 297 -0.57 31.76 -33.61
CA LYS A 297 -1.30 31.91 -32.37
C LYS A 297 -0.46 31.44 -31.20
N PRO A 298 -0.46 32.17 -30.07
CA PRO A 298 0.41 31.80 -28.95
C PRO A 298 0.07 30.42 -28.42
N PHE A 299 1.13 29.65 -28.13
CA PHE A 299 1.00 28.30 -27.60
C PHE A 299 1.69 28.23 -26.25
N TYR A 300 0.99 27.70 -25.25
CA TYR A 300 1.56 27.52 -23.91
C TYR A 300 1.66 26.03 -23.63
N PHE A 301 2.89 25.52 -23.50
CA PHE A 301 3.12 24.08 -23.27
C PHE A 301 2.50 23.64 -21.94
N LYS A 302 1.63 22.63 -21.98
CA LYS A 302 1.08 21.99 -20.77
C LYS A 302 1.30 20.50 -20.92
N GLY A 303 2.18 19.94 -20.10
CA GLY A 303 2.45 18.54 -20.28
C GLY A 303 3.54 17.99 -19.39
N PHE A 304 4.27 17.01 -19.91
CA PHE A 304 5.19 16.21 -19.13
C PHE A 304 6.41 15.89 -19.97
N GLY A 305 7.54 15.72 -19.29
CA GLY A 305 8.57 14.86 -19.85
C GLY A 305 8.22 13.42 -19.52
N LYS A 306 8.37 12.54 -20.51
CA LYS A 306 7.98 11.14 -20.36
C LYS A 306 9.21 10.24 -20.25
N HIS A 307 8.99 8.94 -20.41
CA HIS A 307 10.04 7.95 -20.50
C HIS A 307 9.43 6.76 -21.22
N GLU A 308 10.28 5.97 -21.87
CA GLU A 308 9.84 4.70 -22.43
C GLU A 308 10.12 3.68 -21.34
N ASP A 309 9.07 3.30 -20.62
CA ASP A 309 9.21 2.49 -19.43
C ASP A 309 7.85 1.97 -18.99
N SER A 310 7.78 0.68 -18.66
CA SER A 310 6.58 0.12 -18.06
C SER A 310 6.98 -1.18 -17.40
N ASP A 311 6.03 -1.84 -16.74
CA ASP A 311 6.32 -3.07 -16.03
C ASP A 311 6.72 -4.18 -17.00
N ILE A 312 7.63 -5.04 -16.54
CA ILE A 312 8.05 -6.28 -17.18
C ILE A 312 8.94 -6.07 -18.40
N ARG A 313 8.53 -5.21 -19.34
CA ARG A 313 9.21 -5.08 -20.61
C ARG A 313 10.24 -3.97 -20.64
N GLY A 314 10.44 -3.24 -19.54
CA GLY A 314 11.44 -2.19 -19.55
C GLY A 314 11.07 -1.10 -20.55
N LYS A 315 11.93 -0.85 -21.54
CA LYS A 315 11.70 0.21 -22.53
C LYS A 315 11.08 -0.32 -23.81
N GLY A 316 10.57 -1.54 -23.80
CA GLY A 316 10.01 -2.10 -25.01
C GLY A 316 8.80 -1.31 -25.48
N LEU A 317 8.72 -1.09 -26.79
CA LEU A 317 7.54 -0.51 -27.39
C LEU A 317 6.31 -1.30 -26.99
N ASP A 318 5.27 -0.59 -26.55
CA ASP A 318 3.98 -1.20 -26.23
C ASP A 318 2.91 -0.24 -26.71
N GLU A 319 2.28 -0.57 -27.85
CA GLU A 319 1.34 0.37 -28.46
C GLU A 319 0.06 0.51 -27.65
N ALA A 320 -0.34 -0.55 -26.92
CA ALA A 320 -1.51 -0.45 -26.05
C ALA A 320 -1.25 0.56 -24.94
N LEU A 321 -0.08 0.46 -24.31
CA LEU A 321 0.34 1.48 -23.35
C LEU A 321 0.42 2.86 -23.97
N ASN A 322 0.83 2.95 -25.24
CA ASN A 322 0.92 4.25 -25.89
C ASN A 322 -0.45 4.88 -26.04
N VAL A 323 -1.47 4.07 -26.40
CA VAL A 323 -2.82 4.63 -26.50
C VAL A 323 -3.32 5.07 -25.13
N ARG A 324 -3.11 4.23 -24.11
CA ARG A 324 -3.54 4.59 -22.77
C ARG A 324 -2.91 5.90 -22.32
N ASP A 325 -1.62 6.11 -22.65
CA ASP A 325 -0.94 7.35 -22.25
C ASP A 325 -1.55 8.56 -22.95
N CYS A 326 -1.90 8.41 -24.24
CA CYS A 326 -2.53 9.53 -24.96
C CYS A 326 -3.93 9.82 -24.44
N GLU A 327 -4.68 8.78 -24.07
CA GLU A 327 -5.96 9.01 -23.38
C GLU A 327 -5.74 9.75 -22.08
N LEU A 328 -4.69 9.39 -21.34
CA LEU A 328 -4.40 10.07 -20.07
C LEU A 328 -4.01 11.52 -20.32
N LEU A 329 -3.14 11.74 -21.30
CA LEU A 329 -2.76 13.11 -21.64
C LEU A 329 -3.96 13.93 -22.03
N LYS A 330 -4.88 13.33 -22.80
CA LYS A 330 -6.08 14.06 -23.19
C LYS A 330 -6.96 14.34 -21.97
N TRP A 331 -7.17 13.31 -21.14
CA TRP A 331 -8.02 13.48 -19.96
C TRP A 331 -7.51 14.58 -19.06
N ILE A 332 -6.20 14.64 -18.85
CA ILE A 332 -5.65 15.60 -17.90
C ILE A 332 -5.51 17.00 -18.48
N GLY A 333 -5.81 17.19 -19.76
CA GLY A 333 -5.66 18.51 -20.36
C GLY A 333 -4.28 18.86 -20.88
N ALA A 334 -3.36 17.89 -20.97
CA ALA A 334 -2.04 18.16 -21.52
C ALA A 334 -2.13 18.42 -23.02
N ASN A 335 -1.18 19.19 -23.55
CA ASN A 335 -1.10 19.42 -24.99
C ASN A 335 0.26 19.10 -25.59
N SER A 336 1.19 18.54 -24.82
CA SER A 336 2.54 18.41 -25.32
C SER A 336 3.31 17.44 -24.43
N PHE A 337 4.42 16.93 -24.96
CA PHE A 337 5.41 16.29 -24.11
C PHE A 337 6.80 16.46 -24.72
N ARG A 338 7.80 16.21 -23.90
CA ARG A 338 9.19 16.14 -24.31
C ARG A 338 9.67 14.68 -24.28
N THR A 339 10.39 14.24 -25.31
CA THR A 339 10.88 12.86 -25.35
C THR A 339 12.09 12.75 -24.43
N SER A 340 11.83 12.85 -23.12
CA SER A 340 12.89 13.04 -22.14
C SER A 340 13.99 12.03 -22.32
N HIS A 341 15.11 12.56 -22.77
CA HIS A 341 16.47 12.14 -22.64
C HIS A 341 16.86 11.20 -23.76
N TYR A 342 15.99 10.93 -24.74
CA TYR A 342 16.32 10.11 -25.90
C TYR A 342 15.13 10.15 -26.87
N PRO A 343 15.38 9.90 -28.16
CA PRO A 343 14.26 9.74 -29.10
C PRO A 343 13.38 8.56 -28.75
N TYR A 344 12.07 8.72 -28.97
CA TYR A 344 11.11 7.64 -28.75
C TYR A 344 10.88 6.88 -30.05
N ALA A 345 10.12 5.80 -29.93
CA ALA A 345 9.65 5.05 -31.09
C ALA A 345 8.85 5.94 -32.03
N GLU A 346 8.96 5.64 -33.33
CA GLU A 346 8.26 6.42 -34.34
C GLU A 346 6.75 6.27 -34.20
N GLU A 347 6.28 5.09 -33.77
CA GLU A 347 4.85 4.89 -33.56
C GLU A 347 4.28 5.96 -32.62
N MET A 348 5.06 6.37 -31.61
CA MET A 348 4.60 7.43 -30.73
C MET A 348 4.66 8.78 -31.42
N MET A 349 5.72 9.04 -32.18
CA MET A 349 5.77 10.27 -32.97
C MET A 349 4.62 10.33 -33.97
N GLN A 350 4.31 9.19 -34.63
CA GLN A 350 3.16 9.15 -35.54
C GLN A 350 1.86 9.42 -34.79
N MET A 351 1.70 8.82 -33.61
CA MET A 351 0.51 9.06 -32.81
C MET A 351 0.37 10.53 -32.44
N ALA A 352 1.49 11.21 -32.14
CA ALA A 352 1.41 12.63 -31.81
C ALA A 352 1.00 13.45 -33.02
N ASP A 353 1.49 13.07 -34.21
CA ASP A 353 1.05 13.71 -35.46
C ASP A 353 -0.45 13.61 -35.62
N GLN A 354 -0.99 12.41 -35.42
CA GLN A 354 -2.40 12.17 -35.69
C GLN A 354 -3.30 12.79 -34.64
N LYS A 355 -2.84 12.86 -33.37
CA LYS A 355 -3.66 13.39 -32.29
C LYS A 355 -3.46 14.88 -32.06
N GLY A 356 -2.54 15.52 -32.77
CA GLY A 356 -2.34 16.95 -32.56
C GLY A 356 -1.56 17.30 -31.31
N ILE A 357 -0.63 16.43 -30.89
CA ILE A 357 0.15 16.64 -29.67
C ILE A 357 1.49 17.25 -30.06
N VAL A 358 1.86 18.32 -29.38
CA VAL A 358 3.06 19.07 -29.70
C VAL A 358 4.24 18.43 -28.98
N VAL A 359 5.37 18.28 -29.67
CA VAL A 359 6.47 17.49 -29.14
C VAL A 359 7.76 18.30 -29.17
N ILE A 360 8.53 18.19 -28.09
CA ILE A 360 9.93 18.59 -28.04
C ILE A 360 10.75 17.32 -28.16
N ASP A 361 11.59 17.25 -29.19
CA ASP A 361 12.31 16.05 -29.59
C ASP A 361 13.76 16.18 -29.15
N GLU A 362 14.24 15.21 -28.39
CA GLU A 362 15.49 15.36 -27.65
C GLU A 362 16.43 14.20 -27.99
N VAL A 363 17.72 14.51 -28.19
CA VAL A 363 18.77 13.51 -28.35
C VAL A 363 19.27 13.05 -26.98
N PRO A 364 19.93 11.88 -26.87
CA PRO A 364 20.30 11.36 -25.54
C PRO A 364 21.56 11.96 -24.92
N ALA A 365 21.83 13.26 -25.12
CA ALA A 365 22.97 13.91 -24.49
C ALA A 365 22.63 14.21 -23.02
N VAL A 366 22.53 13.13 -22.25
CA VAL A 366 22.18 13.21 -20.85
C VAL A 366 23.30 12.53 -20.06
N GLY A 367 23.52 13.01 -18.84
CA GLY A 367 24.59 12.47 -18.03
C GLY A 367 25.91 13.20 -18.11
N MET A 368 25.98 14.34 -18.82
CA MET A 368 27.19 15.16 -18.86
C MET A 368 27.25 16.07 -17.62
N ASN A 369 27.25 15.44 -16.45
CA ASN A 369 27.14 16.12 -15.17
C ASN A 369 27.52 15.10 -14.10
N PHE A 370 27.85 15.61 -12.92
CA PHE A 370 28.34 14.74 -11.86
C PHE A 370 27.49 14.88 -10.60
N GLY A 377 35.45 17.85 -13.24
CA GLY A 377 35.35 18.41 -14.58
C GLY A 377 34.88 17.41 -15.62
N ILE A 378 33.80 17.73 -16.31
CA ILE A 378 33.20 16.83 -17.30
C ILE A 378 33.73 17.10 -18.71
N PHE A 379 33.87 18.38 -19.09
CA PHE A 379 34.27 18.72 -20.46
C PHE A 379 35.80 18.86 -20.51
N THR A 380 36.46 17.72 -20.38
CA THR A 380 37.90 17.61 -20.45
C THR A 380 38.27 16.64 -21.56
N GLU A 381 39.55 16.67 -21.95
CA GLU A 381 39.99 15.86 -23.08
C GLU A 381 39.92 14.36 -22.80
N ASP A 382 39.92 13.95 -21.54
CA ASP A 382 39.84 12.54 -21.18
C ASP A 382 38.41 12.07 -20.92
N LYS A 383 37.42 12.95 -21.01
CA LYS A 383 36.03 12.56 -20.83
C LYS A 383 35.19 13.04 -22.01
N VAL A 384 34.28 13.98 -21.77
CA VAL A 384 33.47 14.52 -22.87
C VAL A 384 34.36 15.43 -23.71
N ASN A 385 34.79 14.94 -24.86
CA ASN A 385 35.80 15.61 -25.67
C ASN A 385 35.30 15.76 -27.11
N GLU A 386 36.24 15.92 -28.04
CA GLU A 386 35.84 16.12 -29.42
C GLU A 386 35.31 14.83 -30.05
N LYS A 387 35.70 13.67 -29.52
CA LYS A 387 35.11 12.43 -30.00
C LYS A 387 33.64 12.34 -29.61
N THR A 388 33.31 12.73 -28.38
CA THR A 388 31.91 12.85 -27.97
C THR A 388 31.18 13.83 -28.85
N LEU A 389 31.80 14.99 -29.10
CA LEU A 389 31.17 16.05 -29.89
C LEU A 389 30.80 15.57 -31.29
N ALA A 390 31.72 14.88 -31.95
CA ALA A 390 31.44 14.44 -33.32
C ALA A 390 30.32 13.41 -33.33
N TYR A 391 30.27 12.54 -32.32
CA TYR A 391 29.18 11.57 -32.25
C TYR A 391 27.85 12.28 -31.96
N HIS A 392 27.89 13.30 -31.11
CA HIS A 392 26.71 14.09 -30.80
C HIS A 392 26.13 14.70 -32.08
N LYS A 393 27.00 15.16 -32.99
CA LYS A 393 26.51 15.72 -34.25
C LYS A 393 25.87 14.63 -35.10
N GLN A 394 26.47 13.44 -35.10
CA GLN A 394 25.93 12.33 -35.88
C GLN A 394 24.55 11.93 -35.39
N VAL A 395 24.38 11.84 -34.07
CA VAL A 395 23.08 11.50 -33.51
C VAL A 395 22.04 12.54 -33.91
N LEU A 396 22.38 13.83 -33.83
CA LEU A 396 21.46 14.86 -34.29
C LEU A 396 21.11 14.67 -35.77
N LYS A 397 22.09 14.33 -36.61
CA LYS A 397 21.78 14.10 -38.02
C LYS A 397 20.82 12.94 -38.19
N GLU A 398 21.08 11.83 -37.49
CA GLU A 398 20.18 10.69 -37.53
C GLU A 398 18.80 11.04 -37.00
N LEU A 399 18.73 11.85 -35.93
CA LEU A 399 17.43 12.24 -35.40
C LEU A 399 16.68 13.12 -36.40
N TYR A 400 17.37 14.12 -36.94
CA TYR A 400 16.73 14.99 -37.93
C TYR A 400 16.21 14.19 -39.12
N GLN A 401 17.02 13.27 -39.64
CA GLN A 401 16.58 12.53 -40.81
C GLN A 401 15.35 11.69 -40.51
N ARG A 402 15.26 11.15 -39.28
CA ARG A 402 14.08 10.35 -38.93
C ARG A 402 12.84 11.22 -38.76
N ASP A 403 12.96 12.37 -38.09
CA ASP A 403 11.78 13.09 -37.58
C ASP A 403 11.51 14.42 -38.27
N LYS A 404 12.29 14.80 -39.30
CA LYS A 404 12.18 16.11 -39.95
C LYS A 404 10.78 16.39 -40.48
N ASN A 405 10.06 15.37 -40.90
CA ASN A 405 8.77 15.57 -41.54
C ASN A 405 7.59 15.52 -40.58
N HIS A 406 7.81 15.34 -39.28
CA HIS A 406 6.71 15.26 -38.32
C HIS A 406 6.23 16.65 -37.95
N PRO A 407 4.98 17.01 -38.24
CA PRO A 407 4.47 18.30 -37.76
C PRO A 407 4.41 18.37 -36.25
N CYS A 408 4.37 17.25 -35.53
CA CYS A 408 4.28 17.34 -34.08
C CYS A 408 5.58 17.91 -33.47
N VAL A 409 6.72 17.67 -34.11
CA VAL A 409 7.98 18.18 -33.55
C VAL A 409 8.07 19.68 -33.82
N VAL A 410 8.08 20.50 -32.76
CA VAL A 410 8.16 21.95 -32.92
C VAL A 410 9.49 22.52 -32.43
N MET A 411 10.37 21.70 -31.87
CA MET A 411 11.59 22.21 -31.24
C MET A 411 12.54 21.04 -31.00
N TRP A 412 13.84 21.27 -31.18
CA TRP A 412 14.88 20.28 -30.88
C TRP A 412 15.52 20.60 -29.54
N SER A 413 15.62 19.60 -28.67
CA SER A 413 16.41 19.69 -27.44
C SER A 413 17.68 18.89 -27.63
N ILE A 414 18.83 19.54 -27.46
CA ILE A 414 20.11 18.91 -27.79
C ILE A 414 20.83 18.38 -26.57
N THR A 415 20.30 18.59 -25.37
CA THR A 415 20.96 18.09 -24.16
C THR A 415 20.02 18.25 -22.96
N ASN A 416 20.21 17.38 -21.97
CA ASN A 416 19.47 17.47 -20.72
C ASN A 416 20.46 17.61 -19.57
N GLU A 417 20.42 18.75 -18.90
CA GLU A 417 21.18 18.98 -17.68
C GLU A 417 22.68 18.74 -17.83
N PRO A 418 23.34 19.33 -18.81
CA PRO A 418 24.81 19.25 -18.84
C PRO A 418 25.39 20.11 -17.73
N HIS A 419 26.63 19.79 -17.35
CA HIS A 419 27.36 20.67 -16.45
C HIS A 419 27.82 21.91 -17.22
N SER A 420 26.87 22.79 -17.54
CA SER A 420 27.13 23.94 -18.38
C SER A 420 27.73 25.13 -17.63
N SER A 421 28.18 24.93 -16.39
CA SER A 421 28.95 25.94 -15.69
C SER A 421 30.42 25.93 -16.10
N GLU A 422 30.88 24.82 -16.68
CA GLU A 422 32.27 24.73 -17.10
C GLU A 422 32.51 25.62 -18.30
N GLU A 423 33.60 26.40 -18.25
CA GLU A 423 33.99 27.22 -19.40
C GLU A 423 34.11 26.38 -20.67
N ALA A 424 34.67 25.17 -20.55
CA ALA A 424 34.90 24.36 -21.75
C ALA A 424 33.61 23.95 -22.44
N SER A 425 32.47 24.01 -21.75
CA SER A 425 31.21 23.63 -22.37
C SER A 425 30.71 24.68 -23.35
N ARG A 426 31.25 25.90 -23.30
CA ARG A 426 30.77 26.95 -24.20
C ARG A 426 31.05 26.60 -25.66
N ASN A 427 32.31 26.28 -25.98
CA ASN A 427 32.64 25.94 -27.36
C ASN A 427 31.99 24.63 -27.77
N TYR A 428 31.82 23.69 -26.84
CA TYR A 428 31.16 22.44 -27.17
C TYR A 428 29.74 22.69 -27.69
N PHE A 429 28.94 23.43 -26.92
CA PHE A 429 27.53 23.59 -27.29
C PHE A 429 27.31 24.64 -28.35
N GLU A 430 28.23 25.60 -28.52
CA GLU A 430 28.13 26.47 -29.69
C GLU A 430 28.25 25.65 -30.97
N GLU A 431 29.12 24.64 -30.96
CA GLU A 431 29.31 23.79 -32.12
C GLU A 431 28.09 22.90 -32.37
N VAL A 432 27.56 22.28 -31.32
CA VAL A 432 26.37 21.44 -31.48
C VAL A 432 25.20 22.25 -32.00
N THR A 433 24.96 23.43 -31.41
CA THR A 433 23.80 24.25 -31.80
C THR A 433 23.92 24.72 -33.25
N LYS A 434 25.14 25.04 -33.69
CA LYS A 434 25.27 25.53 -35.05
C LYS A 434 25.08 24.41 -36.06
N TYR A 435 25.52 23.20 -35.72
CA TYR A 435 25.26 22.04 -36.56
C TYR A 435 23.75 21.79 -36.73
N ILE A 436 23.00 21.71 -35.62
CA ILE A 436 21.55 21.45 -35.73
C ILE A 436 20.85 22.58 -36.49
N ARG A 437 21.33 23.82 -36.35
CA ARG A 437 20.71 24.92 -37.09
C ARG A 437 20.95 24.79 -38.59
N LYS A 438 22.10 24.25 -39.01
CA LYS A 438 22.31 24.05 -40.43
C LYS A 438 21.39 22.96 -40.97
N LEU A 439 21.24 21.85 -40.24
CA LEU A 439 20.33 20.80 -40.68
C LEU A 439 18.89 21.29 -40.78
N ASP A 440 18.45 22.11 -39.83
CA ASP A 440 17.05 22.52 -39.79
C ASP A 440 17.00 24.00 -39.43
N SER A 441 16.55 24.83 -40.38
CA SER A 441 16.42 26.25 -40.13
C SER A 441 15.05 26.63 -39.58
N GLU A 442 14.07 25.74 -39.64
CA GLU A 442 12.70 26.11 -39.28
C GLU A 442 12.39 25.92 -37.80
N ARG A 443 13.04 24.96 -37.11
CA ARG A 443 12.55 24.69 -35.77
C ARG A 443 13.44 25.31 -34.69
N PRO A 444 12.86 25.90 -33.65
CA PRO A 444 13.67 26.42 -32.53
C PRO A 444 14.50 25.32 -31.88
N ILE A 445 15.60 25.74 -31.25
CA ILE A 445 16.57 24.87 -30.61
C ILE A 445 16.62 25.19 -29.13
N THR A 446 16.78 24.16 -28.29
CA THR A 446 16.83 24.35 -26.85
C THR A 446 17.69 23.28 -26.21
N GLY A 447 17.79 23.35 -24.88
CA GLY A 447 18.43 22.36 -24.03
C GLY A 447 18.06 22.70 -22.60
N THR A 448 18.01 21.73 -21.67
CA THR A 448 17.48 22.00 -20.33
C THR A 448 18.58 22.28 -19.32
N MET A 449 18.31 23.22 -18.42
CA MET A 449 19.29 23.68 -17.44
C MET A 449 19.07 23.06 -16.07
N ASN A 450 20.17 22.66 -15.42
CA ASN A 450 20.14 22.47 -13.98
C ASN A 450 21.14 23.32 -13.22
N VAL A 451 22.20 23.84 -13.85
CA VAL A 451 23.14 24.69 -13.10
C VAL A 451 22.46 26.00 -12.73
N ASP A 452 23.05 26.68 -11.74
CA ASP A 452 22.56 28.01 -11.32
C ASP A 452 22.64 28.99 -12.48
N VAL A 453 21.72 29.97 -12.48
CA VAL A 453 21.65 30.90 -13.60
C VAL A 453 22.93 31.74 -13.72
N GLU A 454 23.56 32.05 -12.59
CA GLU A 454 24.75 32.90 -12.64
C GLU A 454 25.92 32.19 -13.33
N GLU A 455 26.00 30.87 -13.22
CA GLU A 455 27.13 30.12 -13.76
C GLU A 455 26.89 29.54 -15.16
N ASP A 456 25.66 29.53 -15.66
CA ASP A 456 25.42 28.89 -16.94
C ASP A 456 26.17 29.61 -18.05
N LYS A 457 26.66 28.86 -19.04
CA LYS A 457 27.46 29.44 -20.10
C LYS A 457 26.99 29.12 -21.51
N ILE A 458 25.85 28.45 -21.70
CA ILE A 458 25.47 28.02 -23.04
C ILE A 458 24.08 28.50 -23.46
N SER A 459 23.21 28.92 -22.56
CA SER A 459 21.81 29.12 -22.95
C SER A 459 21.62 30.27 -23.93
N GLN A 460 22.63 31.13 -24.11
CA GLN A 460 22.52 32.20 -25.10
C GLN A 460 22.48 31.65 -26.53
N PHE A 461 22.92 30.42 -26.74
CA PHE A 461 22.84 29.80 -28.06
C PHE A 461 21.45 29.28 -28.39
N PHE A 462 20.52 29.29 -27.43
CA PHE A 462 19.21 28.69 -27.61
C PHE A 462 18.17 29.74 -28.00
N ASP A 463 17.08 29.27 -28.58
CA ASP A 463 15.92 30.12 -28.82
C ASP A 463 14.95 30.16 -27.64
N VAL A 464 14.93 29.12 -26.81
CA VAL A 464 14.09 29.05 -25.63
C VAL A 464 14.95 28.55 -24.48
N VAL A 465 14.77 29.15 -23.31
CA VAL A 465 15.47 28.71 -22.11
C VAL A 465 14.57 27.72 -21.36
N CYS A 466 15.08 26.52 -21.12
CA CYS A 466 14.35 25.47 -20.41
C CYS A 466 15.10 25.16 -19.12
N ILE A 467 14.40 25.22 -17.99
CA ILE A 467 15.05 24.98 -16.71
C ILE A 467 14.36 23.84 -15.96
N ASN A 468 15.17 22.99 -15.33
CA ASN A 468 14.69 21.96 -14.43
C ASN A 468 14.88 22.49 -13.00
N ARG A 469 13.78 22.73 -12.31
CA ARG A 469 13.85 23.29 -10.96
C ARG A 469 12.99 22.46 -10.03
N TYR A 470 13.58 22.07 -8.90
CA TYR A 470 12.86 21.26 -7.93
C TYR A 470 12.77 21.95 -6.58
N PHE A 471 12.34 23.21 -6.58
CA PHE A 471 12.08 23.90 -5.33
C PHE A 471 10.95 23.20 -4.58
N GLY A 472 11.20 22.95 -3.29
CA GLY A 472 10.32 22.12 -2.49
C GLY A 472 10.69 20.65 -2.49
N TRP A 473 11.67 20.24 -3.28
CA TRP A 473 12.10 18.84 -3.27
C TRP A 473 13.61 18.77 -3.12
N TYR A 474 14.36 19.07 -4.18
CA TYR A 474 15.82 19.07 -4.07
C TYR A 474 16.36 20.31 -3.39
N VAL A 475 15.61 21.42 -3.41
CA VAL A 475 15.95 22.62 -2.65
C VAL A 475 14.82 22.90 -1.67
N GLY A 476 15.16 23.09 -0.40
CA GLY A 476 14.17 23.36 0.63
C GLY A 476 13.11 22.30 0.75
N ALA A 477 13.51 21.03 0.79
CA ALA A 477 12.58 19.92 0.85
C ALA A 477 11.62 20.08 2.03
N GLY A 478 10.33 20.00 1.74
CA GLY A 478 9.34 20.12 2.78
C GLY A 478 8.90 21.53 3.12
N LYS A 479 9.59 22.57 2.62
CA LYS A 479 9.30 23.95 3.01
C LYS A 479 8.38 24.57 1.97
N ILE A 480 7.09 24.32 2.15
CA ILE A 480 6.12 24.67 1.12
C ILE A 480 6.09 26.17 0.87
N GLU A 481 6.25 26.96 1.94
CA GLU A 481 6.12 28.40 1.83
C GLU A 481 7.30 29.04 1.10
N ARG A 482 8.40 28.30 0.91
CA ARG A 482 9.54 28.83 0.19
C ARG A 482 9.50 28.54 -1.30
N ILE A 483 8.56 27.71 -1.76
CA ILE A 483 8.54 27.30 -3.16
C ILE A 483 8.22 28.48 -4.07
N TYR A 484 7.12 29.17 -3.80
CA TYR A 484 6.73 30.27 -4.69
C TYR A 484 7.79 31.36 -4.79
N PRO A 485 8.33 31.92 -3.70
CA PRO A 485 9.33 33.00 -3.87
C PRO A 485 10.61 32.53 -4.54
N SER A 486 11.09 31.33 -4.21
CA SER A 486 12.29 30.81 -4.84
C SER A 486 12.12 30.67 -6.36
N LEU A 487 11.03 30.07 -6.81
CA LEU A 487 10.87 29.85 -8.24
C LEU A 487 10.69 31.17 -8.98
N LYS A 488 9.87 32.08 -8.43
CA LYS A 488 9.66 33.35 -9.11
C LYS A 488 10.96 34.13 -9.24
N THR A 489 11.79 34.12 -8.19
CA THR A 489 13.07 34.82 -8.25
C THR A 489 14.00 34.19 -9.28
N ASP A 490 14.07 32.86 -9.32
CA ASP A 490 14.92 32.21 -10.31
C ASP A 490 14.41 32.47 -11.72
N LEU A 491 13.09 32.39 -11.92
CA LEU A 491 12.53 32.61 -13.25
C LEU A 491 12.92 33.98 -13.79
N ILE A 492 12.82 35.01 -12.94
CA ILE A 492 13.13 36.38 -13.37
C ILE A 492 14.60 36.50 -13.74
N LYS A 493 15.48 35.82 -13.01
CA LYS A 493 16.91 35.90 -13.30
C LYS A 493 17.22 35.30 -14.67
N TRP A 494 16.61 34.16 -15.00
CA TRP A 494 16.81 33.54 -16.30
C TRP A 494 16.32 34.45 -17.42
N HIS A 495 15.14 35.05 -17.25
CA HIS A 495 14.63 35.98 -18.25
C HIS A 495 15.55 37.19 -18.41
N GLU A 496 16.07 37.73 -17.30
CA GLU A 496 16.87 38.94 -17.37
C GLU A 496 18.27 38.67 -17.93
N LYS A 497 18.82 37.48 -17.70
CA LYS A 497 20.16 37.19 -18.21
C LYS A 497 20.15 36.91 -19.71
N TYR A 498 19.07 36.32 -20.25
CA TYR A 498 19.05 35.90 -21.65
C TYR A 498 17.95 36.54 -22.48
N GLY A 499 16.90 37.08 -21.86
CA GLY A 499 15.88 37.78 -22.62
C GLY A 499 15.03 36.91 -23.52
N LYS A 500 14.96 35.61 -23.26
CA LYS A 500 14.18 34.70 -24.10
C LYS A 500 13.01 34.11 -23.32
N PRO A 501 11.98 33.60 -24.02
CA PRO A 501 10.90 32.93 -23.29
C PRO A 501 11.39 31.67 -22.60
N VAL A 502 10.69 31.30 -21.53
CA VAL A 502 11.16 30.27 -20.61
C VAL A 502 10.11 29.18 -20.50
N ILE A 503 10.56 27.93 -20.47
CA ILE A 503 9.74 26.79 -20.09
C ILE A 503 10.37 26.18 -18.85
N VAL A 504 9.53 25.88 -17.86
CA VAL A 504 9.99 25.01 -16.78
C VAL A 504 9.76 23.57 -17.23
N THR A 505 10.84 22.88 -17.59
CA THR A 505 10.76 21.57 -18.22
C THR A 505 10.68 20.43 -17.22
N GLU A 506 10.99 20.66 -15.96
CA GLU A 506 10.83 19.67 -14.91
C GLU A 506 10.59 20.38 -13.59
N TYR A 507 9.69 19.81 -12.80
CA TYR A 507 9.44 20.14 -11.40
C TYR A 507 8.46 19.10 -10.86
N GLY A 508 8.57 18.83 -9.58
CA GLY A 508 7.65 17.87 -8.97
C GLY A 508 8.27 17.28 -7.73
N ALA A 509 7.71 16.14 -7.31
CA ALA A 509 8.02 15.57 -6.00
C ALA A 509 7.69 14.08 -5.98
N ASP A 510 8.59 13.29 -5.39
CA ASP A 510 8.32 11.86 -5.23
C ASP A 510 7.11 11.66 -4.33
N THR A 511 6.29 10.68 -4.68
CA THR A 511 4.99 10.50 -4.05
C THR A 511 4.64 9.01 -4.02
N ILE A 512 4.44 8.45 -2.83
CA ILE A 512 4.05 7.07 -2.70
C ILE A 512 2.52 7.01 -2.72
N ALA A 513 1.95 6.34 -3.71
CA ALA A 513 0.51 6.15 -3.76
C ALA A 513 0.02 5.54 -2.46
N GLY A 514 -0.99 6.16 -1.86
CA GLY A 514 -1.51 5.66 -0.60
C GLY A 514 -0.89 6.25 0.65
N LEU A 515 0.21 6.98 0.50
CA LEU A 515 0.80 7.67 1.63
C LEU A 515 0.10 9.02 1.77
N HIS A 516 -0.74 9.14 2.82
CA HIS A 516 -1.49 10.36 3.13
C HIS A 516 -1.04 10.90 4.48
N LYS A 517 -1.00 12.22 4.63
CA LYS A 517 -0.71 12.77 5.95
C LYS A 517 -1.28 14.18 6.08
N LEU A 518 -1.75 14.48 7.28
CA LEU A 518 -2.31 15.77 7.60
C LEU A 518 -1.69 16.25 8.91
N PRO A 519 -0.85 17.30 8.90
CA PRO A 519 -0.37 18.08 7.75
C PRO A 519 0.50 17.28 6.79
N GLU A 520 0.63 17.75 5.55
CA GLU A 520 1.27 16.94 4.51
C GLU A 520 2.77 16.84 4.78
N VAL A 521 3.39 15.80 4.19
CA VAL A 521 4.82 15.60 4.29
C VAL A 521 5.34 15.11 2.94
N ILE A 522 6.63 15.38 2.69
CA ILE A 522 7.24 14.87 1.47
C ILE A 522 7.00 13.38 1.38
N PHE A 523 6.77 12.89 0.16
CA PHE A 523 6.35 11.56 -0.25
C PHE A 523 4.85 11.35 -0.16
N SER A 524 4.10 12.19 0.53
CA SER A 524 2.65 12.03 0.59
C SER A 524 1.99 12.56 -0.67
N GLU A 525 0.78 12.06 -0.93
CA GLU A 525 0.02 12.51 -2.09
C GLU A 525 -0.36 13.98 -1.97
N GLU A 526 -0.72 14.41 -0.76
CA GLU A 526 -1.07 15.82 -0.53
C GLU A 526 0.11 16.74 -0.81
N TYR A 527 1.33 16.34 -0.42
CA TYR A 527 2.48 17.21 -0.64
C TYR A 527 2.77 17.42 -2.13
N GLN A 528 2.69 16.34 -2.92
CA GLN A 528 2.93 16.51 -4.35
C GLN A 528 1.99 17.55 -4.93
N LYS A 529 0.73 17.53 -4.53
CA LYS A 529 -0.22 18.51 -5.05
C LYS A 529 0.17 19.93 -4.66
N ARG A 530 0.54 20.14 -3.39
CA ARG A 530 0.86 21.50 -2.92
C ARG A 530 2.15 22.00 -3.55
N CYS A 531 3.14 21.12 -3.67
CA CYS A 531 4.41 21.50 -4.26
C CYS A 531 4.20 22.03 -5.68
N ILE A 532 3.45 21.28 -6.47
CA ILE A 532 3.16 21.67 -7.85
C ILE A 532 2.35 22.96 -7.86
N GLU A 533 1.36 23.06 -6.98
CA GLU A 533 0.56 24.28 -6.85
C GLU A 533 1.42 25.52 -6.65
N GLU A 534 2.39 25.44 -5.72
CA GLU A 534 3.17 26.63 -5.37
C GLU A 534 4.13 27.01 -6.48
N ASN A 535 4.68 26.03 -7.19
CA ASN A 535 5.46 26.32 -8.37
C ASN A 535 4.60 26.98 -9.44
N ASN A 536 3.36 26.50 -9.60
CA ASN A 536 2.48 27.07 -10.62
C ASN A 536 2.17 28.53 -10.33
N LYS A 537 2.05 28.88 -9.05
CA LYS A 537 1.78 30.27 -8.66
C LYS A 537 2.92 31.19 -9.10
N ALA A 538 4.17 30.77 -8.93
CA ALA A 538 5.30 31.55 -9.43
C ALA A 538 5.24 31.74 -10.94
N MET A 539 4.98 30.66 -11.69
CA MET A 539 4.93 30.78 -13.14
C MET A 539 3.81 31.68 -13.60
N ASP A 540 2.67 31.65 -12.90
CA ASP A 540 1.53 32.46 -13.32
C ASP A 540 1.78 33.95 -13.16
N GLU A 541 2.78 34.34 -12.38
CA GLU A 541 3.08 35.75 -12.22
C GLU A 541 4.14 36.26 -13.18
N CYS A 542 4.51 35.47 -14.19
CA CYS A 542 5.62 35.79 -15.07
C CYS A 542 5.11 35.76 -16.50
N ASP A 543 5.10 36.93 -17.16
CA ASP A 543 4.55 37.01 -18.51
C ASP A 543 5.48 36.43 -19.57
N PHE A 544 6.67 35.97 -19.20
CA PHE A 544 7.62 35.41 -20.16
C PHE A 544 7.69 33.89 -20.15
N VAL A 545 6.92 33.22 -19.29
CA VAL A 545 6.91 31.76 -19.21
C VAL A 545 5.94 31.23 -20.26
N ILE A 546 6.41 30.33 -21.12
CA ILE A 546 5.60 29.78 -22.21
C ILE A 546 5.32 28.31 -22.02
N GLY A 547 5.67 27.73 -20.88
CA GLY A 547 5.34 26.33 -20.69
C GLY A 547 5.62 25.81 -19.30
N GLU A 548 4.84 24.83 -18.88
CA GLU A 548 5.10 24.08 -17.66
C GLU A 548 5.05 22.60 -18.00
N HIS A 549 6.10 21.88 -17.66
CA HIS A 549 6.13 20.44 -17.86
C HIS A 549 6.43 19.81 -16.53
N ILE A 550 5.46 19.06 -15.99
CA ILE A 550 5.65 18.39 -14.71
C ILE A 550 6.55 17.17 -14.94
N TRP A 551 7.45 16.93 -14.00
CA TRP A 551 8.18 15.67 -13.91
C TRP A 551 7.65 14.93 -12.70
N ALA A 552 7.14 13.71 -12.90
CA ALA A 552 7.13 13.00 -14.18
C ALA A 552 5.72 12.58 -14.61
N PHE A 553 5.61 12.01 -15.83
CA PHE A 553 4.31 11.50 -16.26
C PHE A 553 3.91 10.29 -15.43
N ALA A 554 4.77 9.27 -15.38
CA ALA A 554 4.48 8.05 -14.66
C ALA A 554 5.72 7.61 -13.91
N ASP A 555 5.51 6.98 -12.75
CA ASP A 555 6.59 6.29 -12.07
C ASP A 555 7.36 5.41 -13.05
N PHE A 556 8.69 5.45 -12.95
CA PHE A 556 9.55 4.68 -13.84
C PHE A 556 10.74 4.15 -13.05
N MET A 557 11.47 3.21 -13.64
CA MET A 557 12.56 2.53 -12.94
C MET A 557 13.88 3.29 -13.09
N THR A 558 14.68 3.23 -12.04
CA THR A 558 15.98 3.90 -11.99
C THR A 558 17.03 2.88 -11.56
N ALA A 559 18.30 3.20 -11.84
CA ALA A 559 19.39 2.53 -11.14
C ALA A 559 19.17 2.61 -9.63
N PHE A 560 19.63 1.60 -8.92
CA PHE A 560 19.34 1.46 -7.50
C PHE A 560 20.00 2.58 -6.68
N GLY A 561 19.31 3.04 -5.65
CA GLY A 561 19.84 4.13 -4.84
C GLY A 561 18.90 4.45 -3.71
N LEU A 562 19.46 5.04 -2.65
CA LEU A 562 18.73 5.20 -1.41
C LEU A 562 17.66 6.28 -1.48
N LYS A 563 17.63 7.08 -2.55
CA LYS A 563 16.59 8.09 -2.74
C LYS A 563 15.53 7.64 -3.72
N ARG A 564 15.59 6.39 -4.14
CA ARG A 564 14.71 5.88 -5.19
C ARG A 564 13.99 4.66 -4.65
N VAL A 565 12.74 4.84 -4.26
CA VAL A 565 11.89 3.75 -3.77
C VAL A 565 11.35 2.90 -4.92
N ASP A 566 12.06 1.82 -5.28
CA ASP A 566 11.72 1.00 -6.46
C ASP A 566 11.49 1.90 -7.68
N GLY A 567 12.46 2.78 -7.91
CA GLY A 567 12.44 3.68 -9.04
C GLY A 567 12.13 5.11 -8.63
N ASN A 568 11.92 5.93 -9.65
CA ASN A 568 11.54 7.32 -9.46
C ASN A 568 10.02 7.37 -9.26
N LYS A 569 9.57 7.95 -8.16
CA LYS A 569 8.15 8.01 -7.83
C LYS A 569 7.56 9.40 -8.03
N LYS A 570 8.15 10.20 -8.92
CA LYS A 570 7.62 11.54 -9.17
C LYS A 570 6.43 11.52 -10.12
N GLY A 571 5.97 10.33 -10.51
CA GLY A 571 4.87 10.25 -11.46
C GLY A 571 3.60 10.90 -10.94
N ILE A 572 2.92 11.62 -11.83
CA ILE A 572 1.54 12.01 -11.58
C ILE A 572 0.62 10.79 -11.68
N PHE A 573 0.96 9.84 -12.53
CA PHE A 573 0.33 8.53 -12.62
C PHE A 573 1.29 7.46 -12.10
N THR A 574 0.74 6.36 -11.59
CA THR A 574 1.60 5.24 -11.24
C THR A 574 2.18 4.60 -12.51
N ARG A 575 3.10 3.64 -12.32
CA ARG A 575 3.66 2.94 -13.48
C ARG A 575 2.60 2.15 -14.22
N GLU A 576 1.52 1.78 -13.55
CA GLU A 576 0.37 1.11 -14.16
C GLU A 576 -0.69 2.10 -14.65
N ARG A 577 -0.32 3.38 -14.77
CA ARG A 577 -1.12 4.37 -15.50
C ARG A 577 -2.44 4.66 -14.80
N GLN A 578 -2.40 4.77 -13.47
CA GLN A 578 -3.54 5.22 -12.68
C GLN A 578 -3.16 6.49 -11.91
N PRO A 579 -4.11 7.39 -11.70
CA PRO A 579 -3.76 8.73 -11.19
C PRO A 579 -3.56 8.75 -9.69
N LYS A 580 -2.56 9.52 -9.25
CA LYS A 580 -2.51 9.92 -7.85
C LYS A 580 -3.36 11.18 -7.67
N THR A 581 -3.52 11.58 -6.41
CA THR A 581 -4.40 12.71 -6.07
C THR A 581 -4.10 13.96 -6.90
N ALA A 582 -2.82 14.30 -7.03
CA ALA A 582 -2.47 15.56 -7.71
C ALA A 582 -2.96 15.60 -9.15
N ALA A 583 -3.10 14.43 -9.80
CA ALA A 583 -3.57 14.40 -11.18
C ALA A 583 -4.88 15.16 -11.35
N PHE A 584 -5.76 15.10 -10.35
CA PHE A 584 -7.06 15.72 -10.44
C PHE A 584 -6.98 17.23 -10.30
N ALA A 585 -6.08 17.72 -9.44
CA ALA A 585 -5.86 19.17 -9.36
C ALA A 585 -5.20 19.71 -10.62
N ILE A 586 -4.22 18.99 -11.17
CA ILE A 586 -3.60 19.40 -12.43
C ILE A 586 -4.64 19.48 -13.53
N ARG A 587 -5.54 18.49 -13.58
CA ARG A 587 -6.56 18.46 -14.61
C ARG A 587 -7.46 19.69 -14.54
N GLU A 588 -7.86 20.08 -13.33
CA GLU A 588 -8.72 21.26 -13.18
C GLU A 588 -8.02 22.49 -13.75
N ARG A 589 -6.74 22.67 -13.44
CA ARG A 589 -5.98 23.80 -13.94
C ARG A 589 -5.79 23.73 -15.46
N TRP A 590 -5.24 22.63 -15.97
CA TRP A 590 -4.94 22.59 -17.40
C TRP A 590 -6.20 22.68 -18.26
N ARG A 591 -7.32 22.15 -17.80
CA ARG A 591 -8.51 22.16 -18.63
C ARG A 591 -9.19 23.51 -18.66
N LYS A 592 -8.96 24.37 -17.67
CA LYS A 592 -9.54 25.71 -17.73
C LYS A 592 -8.63 26.73 -18.39
N MET A 593 -7.37 26.37 -18.65
CA MET A 593 -6.53 27.17 -19.52
C MET A 593 -6.98 27.04 -20.97
N PHE B 8 21.16 13.31 42.58
CA PHE B 8 20.39 13.34 43.84
C PHE B 8 19.21 12.34 43.79
N ASP B 9 18.31 12.45 44.76
CA ASP B 9 17.36 11.38 45.06
C ASP B 9 16.28 11.25 44.00
N MET B 10 15.97 10.01 43.63
CA MET B 10 14.98 9.77 42.58
C MET B 10 14.36 8.40 42.75
N LEU B 11 13.88 8.08 43.96
CA LEU B 11 13.10 6.86 44.12
C LEU B 11 11.78 6.96 43.36
N PHE B 12 11.37 5.85 42.76
CA PHE B 12 10.11 5.83 42.03
C PHE B 12 8.95 6.00 43.01
N PRO B 13 7.97 6.85 42.72
CA PRO B 13 6.87 7.07 43.67
C PRO B 13 6.04 5.82 43.86
N VAL B 14 5.59 5.59 45.11
CA VAL B 14 4.79 4.43 45.44
C VAL B 14 3.54 4.84 46.21
N ASP B 15 2.55 3.95 46.19
CA ASP B 15 1.37 4.04 47.05
C ASP B 15 1.42 2.95 48.11
N ASN B 16 1.23 3.34 49.38
CA ASN B 16 1.07 2.36 50.45
C ASN B 16 0.26 2.98 51.58
N GLU B 17 0.45 2.51 52.82
CA GLU B 17 -0.28 3.09 53.95
C GLU B 17 0.23 4.48 54.31
N ALA B 18 1.44 4.84 53.85
CA ALA B 18 2.15 6.04 54.25
C ALA B 18 2.29 7.08 53.14
N ARG B 19 2.48 6.65 51.89
CA ARG B 19 2.69 7.56 50.78
C ARG B 19 1.55 7.38 49.77
N GLN B 20 1.25 8.47 49.06
CA GLN B 20 0.19 8.42 48.07
C GLN B 20 0.60 9.24 46.84
N ILE B 21 0.01 8.88 45.70
CA ILE B 21 0.31 9.46 44.41
C ILE B 21 -0.97 10.04 43.82
N LYS B 22 -0.87 11.23 43.23
CA LYS B 22 -1.94 11.80 42.47
C LYS B 22 -1.44 12.10 41.05
N GLU B 23 -2.08 11.50 40.05
CA GLU B 23 -1.73 11.68 38.67
C GLU B 23 -2.32 12.98 38.12
N LEU B 24 -1.48 13.77 37.46
CA LEU B 24 -1.93 14.99 36.82
C LEU B 24 -1.82 14.92 35.29
N ASN B 25 -2.42 13.93 34.68
CA ASN B 25 -2.32 13.72 33.24
C ASN B 25 -3.60 14.27 32.58
N GLY B 26 -4.27 13.54 31.70
CA GLY B 26 -5.50 14.07 31.14
C GLY B 26 -5.25 15.14 30.09
N ILE B 27 -6.16 16.09 30.01
CA ILE B 27 -6.12 17.14 29.00
C ILE B 27 -5.69 18.43 29.68
N TRP B 28 -4.63 19.05 29.17
CA TRP B 28 -4.15 20.34 29.64
C TRP B 28 -4.48 21.42 28.62
N LYS B 29 -4.34 22.68 29.04
CA LYS B 29 -4.41 23.79 28.10
C LYS B 29 -3.02 24.09 27.57
N PHE B 30 -2.96 24.64 26.36
CA PHE B 30 -1.72 24.68 25.61
C PHE B 30 -1.71 25.86 24.64
N LYS B 31 -0.55 26.47 24.50
CA LYS B 31 -0.34 27.55 23.56
C LYS B 31 1.14 27.57 23.20
N ARG B 32 1.44 27.86 21.94
CA ARG B 32 2.83 28.02 21.54
C ARG B 32 3.21 29.50 21.49
N ASP B 33 4.51 29.75 21.60
CA ASP B 33 5.04 31.09 21.32
C ASP B 33 4.83 31.46 19.86
N ASN B 34 4.42 32.71 19.61
CA ASN B 34 4.38 33.24 18.25
C ASN B 34 5.67 33.92 17.83
N TYR B 35 6.56 34.22 18.76
CA TYR B 35 7.92 34.61 18.42
C TYR B 35 8.82 34.07 19.52
N TYR B 36 10.13 34.09 19.28
CA TYR B 36 11.06 33.48 20.22
C TYR B 36 10.91 34.08 21.62
N LYS B 37 10.59 33.22 22.58
CA LYS B 37 10.48 33.53 24.01
C LYS B 37 9.33 34.50 24.34
N GLN B 38 8.29 34.57 23.48
CA GLN B 38 7.17 35.47 23.74
C GLN B 38 6.58 35.26 25.12
N GLY B 39 6.36 34.00 25.50
CA GLY B 39 5.76 33.73 26.81
C GLY B 39 6.56 34.28 27.97
N PHE B 40 7.88 34.18 27.91
CA PHE B 40 8.72 34.73 28.98
C PHE B 40 8.68 36.25 28.94
N GLU B 41 8.76 36.82 27.74
CA GLU B 41 8.82 38.27 27.61
C GLU B 41 7.51 38.92 28.04
N GLU B 42 6.39 38.30 27.71
CA GLU B 42 5.09 38.81 28.10
C GLU B 42 4.61 38.26 29.42
N LYS B 43 5.46 37.48 30.09
CA LYS B 43 5.20 36.94 31.42
C LYS B 43 3.84 36.27 31.47
N TRP B 44 3.62 35.36 30.51
CA TRP B 44 2.36 34.64 30.40
C TRP B 44 2.03 33.86 31.65
N PHE B 45 3.07 33.46 32.39
CA PHE B 45 2.88 32.66 33.61
C PHE B 45 2.22 33.43 34.75
N GLU B 46 2.15 34.76 34.69
CA GLU B 46 1.60 35.51 35.81
C GLU B 46 0.09 35.43 35.92
N LYS B 47 -0.59 34.91 34.90
CA LYS B 47 -2.05 34.81 34.91
C LYS B 47 -2.43 33.60 34.06
N PRO B 48 -3.65 33.09 34.20
CA PRO B 48 -4.06 31.92 33.41
C PRO B 48 -3.84 32.13 31.91
N LEU B 49 -3.44 31.05 31.23
CA LEU B 49 -3.22 31.12 29.79
C LEU B 49 -4.51 31.45 29.06
N GLU B 50 -4.39 32.30 28.03
CA GLU B 50 -5.49 32.72 27.17
C GLU B 50 -5.23 32.29 25.74
N ASP B 51 -6.31 32.15 24.97
CA ASP B 51 -6.27 31.68 23.57
C ASP B 51 -5.48 30.37 23.46
N VAL B 52 -6.06 29.32 24.04
CA VAL B 52 -5.41 28.04 24.19
C VAL B 52 -6.18 26.96 23.41
N ILE B 53 -5.53 25.82 23.22
CA ILE B 53 -6.16 24.60 22.74
C ILE B 53 -5.94 23.51 23.78
N ASP B 54 -6.63 22.38 23.60
CA ASP B 54 -6.42 21.19 24.43
C ASP B 54 -5.21 20.39 23.96
N MET B 55 -4.50 19.79 24.92
CA MET B 55 -3.36 18.97 24.60
C MET B 55 -3.27 17.85 25.62
N PRO B 56 -3.15 16.60 25.17
CA PRO B 56 -3.06 15.48 26.12
C PRO B 56 -1.69 15.41 26.76
N VAL B 57 -1.66 14.86 27.97
CA VAL B 57 -0.43 14.58 28.70
C VAL B 57 -0.59 13.20 29.31
N PRO B 58 0.37 12.27 29.09
CA PRO B 58 1.60 12.46 28.34
C PRO B 58 1.43 12.24 26.83
N SER B 59 2.29 12.91 26.03
CA SER B 59 2.21 12.92 24.56
C SER B 59 3.18 13.99 24.06
N SER B 60 3.70 13.80 22.85
CA SER B 60 4.28 14.90 22.11
C SER B 60 3.14 15.79 21.59
N TYR B 61 3.42 17.08 21.40
CA TYR B 61 2.39 17.93 20.79
C TYR B 61 2.42 17.94 19.27
N ASN B 62 3.46 17.38 18.65
CA ASN B 62 3.72 17.68 17.25
C ASN B 62 2.74 17.02 16.29
N ASP B 63 2.20 15.83 16.61
CA ASP B 63 1.32 15.14 15.66
C ASP B 63 -0.16 15.16 16.07
N ILE B 64 -0.53 15.99 17.05
CA ILE B 64 -1.91 16.02 17.50
C ILE B 64 -2.77 16.89 16.60
N THR B 65 -2.27 18.05 16.17
CA THR B 65 -3.12 18.98 15.43
C THR B 65 -2.90 18.80 13.93
N THR B 66 -3.68 19.55 13.16
CA THR B 66 -3.59 19.57 11.71
C THR B 66 -2.72 20.71 11.22
N ASP B 67 -1.99 21.35 12.13
CA ASP B 67 -1.31 22.60 11.86
C ASP B 67 0.18 22.35 11.64
N GLN B 68 0.68 22.68 10.45
CA GLN B 68 2.10 22.48 10.17
C GLN B 68 3.00 23.36 11.05
N GLU B 69 2.56 24.58 11.37
CA GLU B 69 3.40 25.47 12.16
C GLU B 69 3.64 24.93 13.55
N LEU B 70 2.65 24.27 14.16
CA LEU B 70 2.90 23.65 15.45
C LEU B 70 3.79 22.41 15.32
N ARG B 71 3.54 21.58 14.29
CA ARG B 71 4.40 20.40 14.08
C ARG B 71 5.87 20.80 13.96
N ASP B 72 6.17 21.87 13.22
CA ASP B 72 7.53 22.30 12.93
C ASP B 72 8.04 23.40 13.87
N HIS B 73 7.36 23.63 14.98
CA HIS B 73 7.69 24.75 15.88
C HIS B 73 9.13 24.66 16.41
N VAL B 74 9.83 25.79 16.38
CA VAL B 74 11.14 25.91 17.01
C VAL B 74 11.02 26.89 18.17
N GLY B 75 11.36 26.43 19.37
CA GLY B 75 11.29 27.29 20.54
C GLY B 75 10.48 26.73 21.71
N TRP B 76 9.63 27.57 22.30
CA TRP B 76 8.94 27.25 23.54
C TRP B 76 7.44 27.16 23.33
N VAL B 77 6.81 26.29 24.12
CA VAL B 77 5.36 26.21 24.22
C VAL B 77 4.99 26.22 25.70
N TRP B 78 3.68 26.38 25.95
CA TRP B 78 3.17 26.61 27.30
C TRP B 78 2.01 25.66 27.57
N TYR B 79 2.15 24.87 28.63
CA TYR B 79 1.10 24.00 29.13
C TYR B 79 0.57 24.56 30.45
N GLU B 80 -0.71 24.30 30.73
CA GLU B 80 -1.26 24.71 32.01
C GLU B 80 -2.39 23.79 32.41
N ARG B 81 -2.47 23.49 33.71
CA ARG B 81 -3.66 22.85 34.26
C ARG B 81 -3.77 23.22 35.74
N LYS B 82 -4.90 22.84 36.33
CA LYS B 82 -5.15 23.02 37.75
C LYS B 82 -5.11 21.68 38.48
N PHE B 83 -4.67 21.72 39.74
CA PHE B 83 -4.68 20.54 40.59
C PHE B 83 -5.07 20.91 42.01
N ALA B 84 -5.48 19.91 42.78
CA ALA B 84 -5.99 20.10 44.12
C ALA B 84 -5.10 19.40 45.13
N VAL B 85 -4.84 20.06 46.25
CA VAL B 85 -4.26 19.42 47.43
C VAL B 85 -5.40 19.12 48.39
N PRO B 86 -5.64 17.85 48.73
CA PRO B 86 -6.72 17.53 49.67
C PRO B 86 -6.39 18.07 51.07
N ARG B 87 -7.45 18.36 51.83
CA ARG B 87 -7.31 18.60 53.27
C ARG B 87 -6.54 17.47 53.94
N LEU B 88 -6.84 16.23 53.56
CA LEU B 88 -6.25 15.07 54.21
C LEU B 88 -4.74 14.93 54.02
N TRP B 89 -4.12 15.76 53.17
CA TRP B 89 -2.67 15.80 53.02
C TRP B 89 -2.04 16.93 53.83
N LYS B 90 -2.82 17.58 54.70
CA LYS B 90 -2.48 18.76 55.48
C LYS B 90 -1.02 18.88 55.91
N ASP B 91 -0.52 17.87 56.63
CA ASP B 91 0.82 17.94 57.22
C ASP B 91 1.83 17.03 56.52
N GLN B 92 1.60 16.69 55.25
CA GLN B 92 2.52 15.79 54.58
C GLN B 92 3.55 16.58 53.77
N ARG B 93 4.66 15.92 53.47
CA ARG B 93 5.57 16.41 52.44
C ARG B 93 4.89 16.28 51.07
N LEU B 94 4.93 17.35 50.29
CA LEU B 94 4.28 17.40 48.97
C LEU B 94 5.35 17.57 47.91
N VAL B 95 5.35 16.68 46.91
CA VAL B 95 6.38 16.64 45.87
C VAL B 95 5.71 16.58 44.49
N LEU B 96 6.15 17.46 43.59
CA LEU B 96 5.68 17.48 42.21
C LEU B 96 6.72 16.79 41.33
N ARG B 97 6.36 15.67 40.73
CA ARG B 97 7.27 14.92 39.90
C ARG B 97 6.88 14.97 38.43
N PHE B 98 7.85 15.29 37.57
CA PHE B 98 7.73 15.12 36.13
C PHE B 98 8.59 13.93 35.72
N GLY B 99 7.97 12.96 35.02
CA GLY B 99 8.74 11.85 34.49
C GLY B 99 9.77 12.32 33.48
N SER B 100 9.38 13.31 32.68
CA SER B 100 10.28 13.98 31.75
C SER B 100 9.53 15.12 31.07
N VAL B 101 10.27 16.14 30.66
CA VAL B 101 9.79 17.24 29.84
C VAL B 101 10.86 17.47 28.78
N THR B 102 10.47 17.41 27.51
CA THR B 102 11.40 17.35 26.39
C THR B 102 11.37 18.67 25.62
N HIS B 103 12.48 19.41 25.61
CA HIS B 103 13.75 19.06 26.23
C HIS B 103 14.01 19.83 27.53
N HIS B 104 13.50 21.05 27.59
CA HIS B 104 13.78 22.00 28.65
C HIS B 104 12.48 22.44 29.32
N ALA B 105 12.52 22.61 30.64
CA ALA B 105 11.32 22.94 31.40
C ALA B 105 11.55 24.13 32.32
N VAL B 106 10.54 24.98 32.42
CA VAL B 106 10.42 25.96 33.50
C VAL B 106 9.04 25.74 34.12
N ILE B 107 9.03 25.38 35.41
CA ILE B 107 7.81 25.01 36.13
C ILE B 107 7.37 26.19 36.97
N TYR B 108 6.11 26.61 36.82
CA TYR B 108 5.53 27.68 37.63
C TYR B 108 4.37 27.12 38.43
N LEU B 109 4.24 27.57 39.68
CA LEU B 109 3.15 27.18 40.56
C LEU B 109 2.47 28.44 41.06
N ASN B 110 1.18 28.58 40.74
CA ASN B 110 0.42 29.77 41.10
C ASN B 110 1.12 31.04 40.65
N GLY B 111 1.71 30.99 39.46
CA GLY B 111 2.37 32.14 38.87
C GLY B 111 3.81 32.35 39.28
N LYS B 112 4.39 31.47 40.11
CA LYS B 112 5.75 31.65 40.59
C LYS B 112 6.63 30.50 40.11
N GLU B 113 7.77 30.85 39.51
CA GLU B 113 8.72 29.85 39.05
C GLU B 113 9.28 29.05 40.22
N ILE B 114 9.09 27.72 40.20
CA ILE B 114 9.55 26.88 41.31
C ILE B 114 10.69 25.96 40.93
N THR B 115 10.88 25.62 39.66
CA THR B 115 12.06 24.84 39.28
C THR B 115 12.28 24.95 37.78
N ARG B 116 13.47 24.48 37.37
CA ARG B 116 13.89 24.42 35.98
C ARG B 116 14.55 23.07 35.74
N HIS B 117 14.53 22.64 34.49
CA HIS B 117 15.24 21.42 34.16
C HIS B 117 15.74 21.49 32.73
N LYS B 118 16.89 20.88 32.50
CA LYS B 118 17.51 20.73 31.18
C LYS B 118 17.70 19.25 30.91
N GLY B 119 17.18 18.79 29.78
CA GLY B 119 17.32 17.37 29.50
C GLY B 119 15.96 16.75 29.36
N GLY B 120 15.74 16.10 28.21
CA GLY B 120 14.41 15.67 27.82
C GLY B 120 13.98 14.27 28.18
N PHE B 121 14.81 13.48 28.87
CA PHE B 121 14.47 12.07 29.01
C PHE B 121 14.72 11.51 30.41
N LEU B 122 14.80 12.35 31.44
CA LEU B 122 15.04 11.90 32.80
C LEU B 122 14.20 12.73 33.77
N PRO B 123 13.70 12.13 34.84
CA PRO B 123 12.73 12.82 35.70
C PRO B 123 13.35 13.92 36.53
N PHE B 124 12.47 14.77 37.05
CA PHE B 124 12.85 15.79 38.03
C PHE B 124 11.65 16.07 38.92
N GLU B 125 11.91 16.71 40.05
CA GLU B 125 10.81 16.96 40.98
C GLU B 125 11.07 18.25 41.76
N ALA B 126 10.01 18.72 42.42
CA ALA B 126 10.06 19.93 43.23
C ALA B 126 9.27 19.67 44.50
N ASP B 127 9.87 19.97 45.65
CA ASP B 127 9.16 19.93 46.91
C ASP B 127 8.27 21.17 46.99
N VAL B 128 6.96 20.98 47.01
CA VAL B 128 6.03 22.11 47.07
C VAL B 128 5.32 22.17 48.42
N THR B 129 5.86 21.53 49.45
CA THR B 129 5.19 21.45 50.74
C THR B 129 4.78 22.81 51.27
N GLU B 130 5.66 23.80 51.17
CA GLU B 130 5.38 25.10 51.74
C GLU B 130 4.80 26.09 50.73
N MET B 131 4.54 25.67 49.50
CA MET B 131 4.10 26.60 48.48
C MET B 131 2.73 26.32 47.92
N ALA B 132 2.26 25.08 47.95
CA ALA B 132 0.96 24.76 47.38
C ALA B 132 -0.13 25.07 48.40
N ASN B 133 -1.25 25.60 47.91
CA ASN B 133 -2.40 25.83 48.78
C ASN B 133 -3.22 24.57 48.90
N GLU B 134 -3.93 24.46 50.02
CA GLU B 134 -5.03 23.52 50.11
C GLU B 134 -6.08 23.85 49.07
N GLY B 135 -6.63 22.83 48.44
CA GLY B 135 -7.55 23.08 47.34
C GLY B 135 -6.81 23.40 46.06
N GLU B 136 -7.39 24.32 45.27
CA GLU B 136 -7.01 24.53 43.89
C GLU B 136 -5.66 25.24 43.76
N ASN B 137 -4.83 24.74 42.84
CA ASN B 137 -3.56 25.35 42.44
C ASN B 137 -3.50 25.42 40.91
N ARG B 138 -2.65 26.31 40.41
CA ARG B 138 -2.44 26.45 38.96
C ARG B 138 -1.01 26.03 38.64
N LEU B 139 -0.88 25.14 37.67
CA LEU B 139 0.41 24.59 37.27
C LEU B 139 0.66 24.99 35.82
N THR B 140 1.75 25.72 35.59
CA THR B 140 2.12 26.20 34.27
C THR B 140 3.51 25.66 33.95
N VAL B 141 3.65 25.05 32.78
CA VAL B 141 4.91 24.41 32.37
C VAL B 141 5.31 24.95 31.02
N ALA B 142 6.43 25.67 30.96
CA ALA B 142 7.03 26.06 29.69
C ALA B 142 7.94 24.93 29.22
N VAL B 143 7.79 24.55 27.94
CA VAL B 143 8.47 23.41 27.34
C VAL B 143 9.23 23.92 26.12
N GLY B 144 10.54 23.73 26.10
CA GLY B 144 11.39 24.24 25.03
C GLY B 144 12.10 23.10 24.32
N ASN B 145 12.22 23.20 23.00
CA ASN B 145 12.75 22.09 22.20
C ASN B 145 14.08 22.40 21.52
N ILE B 146 14.72 23.50 21.85
CA ILE B 146 15.95 23.89 21.17
C ILE B 146 17.12 23.07 21.69
N LEU B 147 17.96 22.59 20.78
CA LEU B 147 19.14 21.82 21.15
C LEU B 147 20.37 22.60 20.72
N GLU B 148 21.34 22.68 21.61
CA GLU B 148 22.61 23.35 21.37
C GLU B 148 23.76 22.37 21.55
N TRP B 149 24.98 22.87 21.38
CA TRP B 149 26.17 22.02 21.43
C TRP B 149 26.42 21.44 22.81
N ASP B 150 25.80 21.98 23.87
CA ASP B 150 25.95 21.44 25.21
C ASP B 150 24.67 20.82 25.72
N CYS B 151 23.74 20.50 24.83
CA CYS B 151 22.58 19.68 25.15
C CYS B 151 22.87 18.25 24.73
N LEU B 152 22.04 17.34 25.22
CA LEU B 152 22.07 15.94 24.80
C LEU B 152 20.63 15.52 24.50
N PRO B 153 20.30 15.18 23.25
CA PRO B 153 21.13 15.14 22.06
C PRO B 153 21.71 16.49 21.66
N VAL B 154 22.76 16.44 20.87
CA VAL B 154 23.47 17.63 20.44
C VAL B 154 22.76 18.24 19.23
N GLY B 155 22.66 19.57 19.20
CA GLY B 155 22.18 20.26 18.01
C GLY B 155 22.74 21.66 17.92
N HIS B 156 22.26 22.47 16.97
CA HIS B 156 22.57 23.91 17.01
C HIS B 156 21.56 24.66 16.16
N ILE B 157 21.47 25.98 16.42
CA ILE B 157 20.54 26.88 15.74
C ILE B 157 21.27 27.65 14.65
N GLU B 158 20.57 27.90 13.54
CA GLU B 158 21.05 28.73 12.44
C GLU B 158 19.96 29.72 11.99
N TYR B 159 20.42 30.81 11.36
CA TYR B 159 19.51 31.84 10.83
C TYR B 159 19.72 32.02 9.34
N MET B 170 14.97 31.30 12.44
CA MET B 170 15.52 30.30 13.36
C MET B 170 15.28 28.90 12.87
N GLU B 171 16.36 28.18 12.59
CA GLU B 171 16.26 26.81 12.10
C GLU B 171 17.06 25.88 13.00
N GLN B 172 16.41 24.84 13.50
CA GLN B 172 17.07 23.83 14.32
C GLN B 172 17.85 22.88 13.41
N LYS B 173 19.15 22.74 13.68
CA LYS B 173 19.99 21.76 13.00
C LYS B 173 20.40 20.65 13.98
N PHE B 174 20.51 19.42 13.46
CA PHE B 174 21.06 18.30 14.21
C PHE B 174 21.37 17.18 13.24
N ASP B 175 22.16 16.21 13.70
CA ASP B 175 22.62 15.09 12.89
C ASP B 175 22.21 13.74 13.46
N PHE B 176 21.14 13.69 14.24
CA PHE B 176 20.54 12.42 14.57
C PHE B 176 19.30 12.18 13.69
N ASP B 177 18.94 10.91 13.55
CA ASP B 177 17.84 10.50 12.69
C ASP B 177 16.52 11.08 13.17
N PHE B 178 16.13 10.71 14.38
CA PHE B 178 14.74 10.68 14.81
C PHE B 178 14.17 12.08 14.95
N PHE B 179 12.85 12.17 14.77
CA PHE B 179 12.16 13.45 14.81
C PHE B 179 12.30 14.10 16.20
N ASN B 180 12.55 15.42 16.21
CA ASN B 180 12.76 16.12 17.49
C ASN B 180 11.43 16.46 18.14
N TYR B 181 10.69 15.40 18.52
CA TYR B 181 9.41 15.55 19.20
C TYR B 181 9.59 16.28 20.52
N SER B 182 8.60 17.08 20.88
CA SER B 182 8.64 17.87 22.10
C SER B 182 7.29 17.77 22.80
N GLY B 183 7.32 17.96 24.11
CA GLY B 183 6.12 17.97 24.92
C GLY B 183 6.39 17.36 26.28
N ILE B 184 5.31 16.96 26.96
CA ILE B 184 5.40 16.28 28.26
C ILE B 184 5.13 14.81 27.99
N HIS B 185 6.20 14.02 27.89
CA HIS B 185 6.13 12.66 27.37
C HIS B 185 5.82 11.59 28.41
N ARG B 186 5.91 11.91 29.70
CA ARG B 186 5.78 10.94 30.77
C ARG B 186 4.88 11.48 31.87
N PRO B 187 4.29 10.61 32.69
CA PRO B 187 3.29 11.04 33.67
C PRO B 187 3.78 12.15 34.57
N VAL B 188 2.90 13.10 34.86
CA VAL B 188 3.08 14.13 35.88
C VAL B 188 2.38 13.64 37.15
N ARG B 189 3.07 13.73 38.28
CA ARG B 189 2.56 13.18 39.53
C ARG B 189 2.78 14.18 40.66
N LEU B 190 1.74 14.37 41.47
CA LEU B 190 1.87 14.99 42.79
C LEU B 190 1.76 13.87 43.83
N TYR B 191 2.76 13.75 44.69
CA TYR B 191 2.76 12.66 45.66
C TYR B 191 3.14 13.16 47.05
N CYS B 192 2.71 12.43 48.08
CA CYS B 192 2.97 12.82 49.45
C CYS B 192 3.78 11.75 50.19
N THR B 193 4.55 12.19 51.19
CA THR B 193 5.26 11.35 52.14
C THR B 193 5.20 11.99 53.52
N PRO B 194 5.50 11.23 54.56
CA PRO B 194 5.78 11.84 55.88
C PRO B 194 6.96 12.79 55.79
N LYS B 195 7.02 13.74 56.73
CA LYS B 195 8.10 14.72 56.71
C LYS B 195 9.45 14.12 57.08
N GLU B 196 9.48 12.99 57.77
CA GLU B 196 10.70 12.24 57.97
C GLU B 196 10.57 10.98 57.13
N TYR B 197 11.49 10.79 56.19
CA TYR B 197 11.20 9.88 55.08
C TYR B 197 12.47 9.33 54.45
N ILE B 198 12.28 8.24 53.71
CA ILE B 198 13.37 7.58 52.99
C ILE B 198 13.64 8.34 51.69
N GLU B 199 14.88 8.80 51.54
CA GLU B 199 15.32 9.59 50.38
C GLU B 199 15.91 8.74 49.26
N ASP B 200 16.80 7.80 49.59
CA ASP B 200 17.54 7.08 48.56
C ASP B 200 17.87 5.67 49.06
N ILE B 201 17.85 4.72 48.11
CA ILE B 201 18.17 3.31 48.37
C ILE B 201 19.12 2.84 47.27
N SER B 202 20.22 2.19 47.65
CA SER B 202 21.09 1.49 46.71
C SER B 202 21.27 0.05 47.14
N VAL B 203 21.09 -0.87 46.20
CA VAL B 203 21.26 -2.30 46.42
C VAL B 203 22.28 -2.83 45.42
N ARG B 204 23.23 -3.62 45.92
CA ARG B 204 24.16 -4.40 45.11
C ARG B 204 24.18 -5.81 45.64
N THR B 205 24.31 -6.78 44.74
CA THR B 205 24.25 -8.17 45.12
C THR B 205 25.50 -8.90 44.65
N THR B 206 25.90 -9.90 45.43
CA THR B 206 26.90 -10.87 45.03
C THR B 206 26.31 -12.25 45.26
N VAL B 207 26.95 -13.27 44.70
CA VAL B 207 26.48 -14.64 44.84
C VAL B 207 27.66 -15.52 45.21
N ASP B 208 27.54 -16.27 46.31
CA ASP B 208 28.52 -17.27 46.69
C ASP B 208 27.87 -18.65 46.56
N ASP B 209 28.25 -19.38 45.51
CA ASP B 209 27.54 -20.53 44.98
C ASP B 209 26.04 -20.39 45.12
N LYS B 210 25.42 -20.93 46.17
CA LYS B 210 23.97 -20.96 46.27
C LYS B 210 23.39 -19.86 47.15
N ASP B 211 24.20 -19.03 47.79
CA ASP B 211 23.68 -17.98 48.65
C ASP B 211 23.86 -16.62 48.02
N GLY B 212 22.92 -15.72 48.32
CA GLY B 212 23.02 -14.33 47.89
C GLY B 212 23.45 -13.43 49.04
N MET B 213 24.28 -12.45 48.71
CA MET B 213 24.69 -11.40 49.64
C MET B 213 24.10 -10.08 49.18
N VAL B 214 23.05 -9.62 49.85
CA VAL B 214 22.39 -8.36 49.51
C VAL B 214 23.05 -7.24 50.32
N HIS B 215 23.80 -6.39 49.64
CA HIS B 215 24.35 -5.17 50.22
C HIS B 215 23.38 -4.04 49.94
N TYR B 216 22.89 -3.38 51.00
CA TYR B 216 21.99 -2.25 50.82
C TYR B 216 22.46 -1.06 51.63
N GLU B 217 22.02 0.12 51.19
CA GLU B 217 22.36 1.38 51.84
C GLU B 217 21.18 2.34 51.67
N ILE B 218 20.66 2.82 52.79
CA ILE B 218 19.44 3.61 52.82
C ILE B 218 19.77 5.00 53.35
N LYS B 219 19.10 6.01 52.80
CA LYS B 219 19.34 7.41 53.14
C LYS B 219 18.01 8.02 53.52
N THR B 220 17.96 8.63 54.70
CA THR B 220 16.80 9.38 55.17
C THR B 220 17.21 10.80 55.51
N ASN B 221 16.22 11.65 55.77
CA ASN B 221 16.46 12.99 56.25
C ASN B 221 16.47 13.08 57.78
N ALA B 222 16.68 11.94 58.47
CA ALA B 222 16.84 11.89 59.93
C ALA B 222 17.65 10.63 60.27
N GLU B 223 18.97 10.70 60.03
CA GLU B 223 19.87 9.55 60.08
C GLU B 223 20.12 8.97 61.47
N GLU B 224 19.13 9.00 62.35
CA GLU B 224 19.32 8.54 63.73
C GLU B 224 18.11 7.87 64.34
N LYS B 225 16.91 8.12 63.83
CA LYS B 225 15.78 7.32 64.25
C LYS B 225 15.96 5.89 63.78
N PHE B 226 15.18 5.00 64.37
CA PHE B 226 15.36 3.57 64.16
C PHE B 226 14.71 3.14 62.86
N ILE B 227 15.33 2.17 62.18
CA ILE B 227 14.85 1.66 60.90
C ILE B 227 14.74 0.15 60.97
N LYS B 228 13.73 -0.39 60.28
CA LYS B 228 13.52 -1.83 60.13
C LYS B 228 13.56 -2.16 58.64
N VAL B 229 14.32 -3.20 58.30
CA VAL B 229 14.56 -3.56 56.90
C VAL B 229 14.30 -5.05 56.75
N TYR B 230 13.33 -5.41 55.93
CA TYR B 230 13.05 -6.80 55.60
C TYR B 230 13.42 -7.06 54.15
N ILE B 231 13.86 -8.28 53.87
CA ILE B 231 14.00 -8.76 52.51
C ILE B 231 12.96 -9.85 52.34
N ARG B 232 11.98 -9.60 51.47
CA ARG B 232 10.89 -10.52 51.23
C ARG B 232 11.06 -11.19 49.88
N ASP B 233 10.60 -12.43 49.79
CA ASP B 233 10.62 -13.17 48.54
C ASP B 233 9.34 -12.83 47.77
N GLU B 234 9.07 -13.54 46.67
CA GLU B 234 7.91 -13.22 45.87
C GLU B 234 6.60 -13.64 46.52
N LYS B 235 6.65 -14.62 47.43
CA LYS B 235 5.51 -14.94 48.28
C LYS B 235 5.37 -13.99 49.47
N ASN B 236 6.17 -12.92 49.50
CA ASN B 236 6.20 -11.89 50.54
C ASN B 236 6.68 -12.42 51.88
N GLN B 237 7.19 -13.65 51.95
CA GLN B 237 7.74 -14.13 53.20
C GLN B 237 9.09 -13.46 53.47
N VAL B 238 9.32 -13.11 54.74
CA VAL B 238 10.58 -12.45 55.08
C VAL B 238 11.70 -13.48 55.07
N VAL B 239 12.88 -13.04 54.63
CA VAL B 239 13.94 -13.93 54.20
C VAL B 239 15.24 -13.40 54.80
N ALA B 240 15.21 -12.15 55.26
CA ALA B 240 16.28 -11.52 56.02
C ALA B 240 15.67 -10.35 56.78
N GLU B 241 16.39 -9.89 57.81
CA GLU B 241 15.94 -8.78 58.67
C GLU B 241 17.15 -7.99 59.12
N SER B 242 16.94 -6.69 59.31
CA SER B 242 18.01 -5.88 59.88
C SER B 242 17.43 -4.57 60.38
N ASN B 243 18.09 -4.02 61.41
CA ASN B 243 17.83 -2.68 61.91
C ASN B 243 18.90 -1.71 61.47
N GLU B 244 19.76 -2.12 60.54
CA GLU B 244 20.84 -1.28 60.07
C GLU B 244 20.40 -0.51 58.83
N MET B 245 20.82 0.76 58.75
CA MET B 245 20.57 1.58 57.57
C MET B 245 21.50 1.24 56.42
N LYS B 246 22.67 0.70 56.73
CA LYS B 246 23.63 0.22 55.74
C LYS B 246 24.09 -1.14 56.23
N ASP B 247 23.87 -2.17 55.43
CA ASP B 247 24.05 -3.53 55.92
C ASP B 247 24.28 -4.48 54.76
N MET B 248 24.68 -5.70 55.12
CA MET B 248 25.08 -6.76 54.20
C MET B 248 24.47 -8.04 54.77
N VAL B 249 23.38 -8.52 54.17
CA VAL B 249 22.65 -9.64 54.75
C VAL B 249 22.54 -10.78 53.73
N LEU B 250 22.28 -11.97 54.27
CA LEU B 250 22.38 -13.23 53.56
C LEU B 250 21.00 -13.68 53.05
N VAL B 251 20.97 -14.21 51.84
CA VAL B 251 19.79 -14.80 51.25
C VAL B 251 20.20 -16.21 50.82
N LYS B 252 19.94 -17.19 51.66
CA LYS B 252 20.38 -18.54 51.37
C LYS B 252 19.46 -19.18 50.35
N ASP B 253 20.04 -20.00 49.47
CA ASP B 253 19.30 -20.64 48.38
C ASP B 253 18.54 -19.59 47.56
N ALA B 254 19.26 -18.52 47.21
CA ALA B 254 18.66 -17.36 46.56
C ALA B 254 18.17 -17.70 45.16
N GLN B 255 16.90 -17.38 44.88
CA GLN B 255 16.36 -17.50 43.54
C GLN B 255 16.94 -16.40 42.67
N LEU B 256 17.71 -16.78 41.66
CA LEU B 256 18.45 -15.80 40.88
C LEU B 256 17.55 -15.13 39.85
N TRP B 257 17.90 -13.89 39.51
CA TRP B 257 17.23 -13.20 38.43
C TRP B 257 17.86 -13.68 37.12
N GLN B 258 17.07 -14.36 36.30
CA GLN B 258 17.65 -14.93 35.09
C GLN B 258 17.03 -14.29 33.85
N PRO B 259 17.82 -14.09 32.79
CA PRO B 259 17.24 -13.71 31.50
C PRO B 259 16.13 -14.68 31.12
N GLY B 260 14.98 -14.13 30.77
CA GLY B 260 13.82 -14.95 30.42
C GLY B 260 13.09 -15.55 31.60
N SER B 261 13.63 -15.44 32.83
CA SER B 261 12.98 -16.03 34.01
C SER B 261 13.29 -15.18 35.24
N ALA B 262 12.57 -14.07 35.36
CA ALA B 262 12.87 -13.10 36.40
C ALA B 262 12.46 -13.60 37.78
N TYR B 263 13.25 -13.25 38.80
CA TYR B 263 12.82 -13.33 40.19
C TYR B 263 13.16 -12.01 40.86
N LEU B 264 12.22 -11.46 41.62
CA LEU B 264 12.45 -10.17 42.27
C LEU B 264 12.15 -10.28 43.76
N TYR B 265 13.18 -10.05 44.58
CA TYR B 265 12.97 -9.83 46.00
C TYR B 265 12.50 -8.40 46.22
N LYS B 266 12.04 -8.10 47.43
CA LYS B 266 11.64 -6.75 47.78
C LYS B 266 12.41 -6.31 49.02
N LEU B 267 13.08 -5.16 48.92
CA LEU B 267 13.62 -4.46 50.08
C LEU B 267 12.49 -3.66 50.70
N ASP B 268 11.97 -4.14 51.83
CA ASP B 268 10.77 -3.60 52.48
C ASP B 268 11.21 -2.85 53.74
N ILE B 269 11.00 -1.54 53.74
CA ILE B 269 11.65 -0.63 54.69
C ILE B 269 10.58 0.14 55.46
N TYR B 270 10.72 0.17 56.79
CA TYR B 270 9.87 0.96 57.66
C TYR B 270 10.73 1.95 58.44
N PHE B 271 10.37 3.23 58.38
CA PHE B 271 11.17 4.29 58.98
C PHE B 271 10.19 5.30 59.57
N GLY B 272 9.99 5.23 60.87
CA GLY B 272 9.07 6.13 61.55
C GLY B 272 7.65 5.94 61.08
N GLN B 273 7.07 6.98 60.50
CA GLN B 273 5.78 6.84 59.84
C GLN B 273 5.92 6.42 58.38
N ASP B 274 7.12 6.47 57.80
CA ASP B 274 7.34 6.20 56.39
C ASP B 274 7.41 4.70 56.09
N HIS B 275 7.27 4.36 54.81
CA HIS B 275 7.35 3.00 54.34
C HIS B 275 7.73 3.05 52.85
N TYR B 276 8.65 2.16 52.45
CA TYR B 276 9.04 2.06 51.04
C TYR B 276 9.44 0.63 50.74
N THR B 277 8.98 0.12 49.59
CA THR B 277 9.23 -1.25 49.14
C THR B 277 9.85 -1.23 47.75
N LEU B 278 11.13 -1.61 47.67
CA LEU B 278 11.89 -1.59 46.43
C LEU B 278 12.07 -3.00 45.89
N PRO B 279 11.55 -3.34 44.70
CA PRO B 279 11.91 -4.62 44.08
C PRO B 279 13.36 -4.59 43.64
N PHE B 280 14.00 -5.77 43.66
CA PHE B 280 15.36 -5.87 43.13
C PHE B 280 15.62 -7.33 42.76
N GLY B 281 16.70 -7.55 42.03
CA GLY B 281 17.04 -8.88 41.56
C GLY B 281 18.47 -9.23 41.90
N ILE B 282 18.68 -10.51 42.20
CA ILE B 282 20.01 -11.02 42.48
C ILE B 282 20.53 -11.70 41.22
N ARG B 283 21.62 -11.16 40.69
CA ARG B 283 22.25 -11.71 39.49
C ARG B 283 23.61 -11.10 39.32
N THR B 284 24.55 -11.88 38.78
CA THR B 284 25.92 -11.44 38.60
C THR B 284 26.23 -11.23 37.13
N ILE B 285 27.18 -10.34 36.88
CA ILE B 285 27.66 -10.02 35.54
C ILE B 285 29.17 -10.16 35.55
N GLN B 286 29.71 -10.86 34.56
CA GLN B 286 31.14 -10.98 34.38
C GLN B 286 31.47 -11.09 32.89
N LEU B 287 32.57 -10.47 32.49
CA LEU B 287 33.02 -10.49 31.10
C LEU B 287 34.31 -11.29 30.97
N THR B 288 34.43 -12.03 29.87
CA THR B 288 35.66 -12.68 29.47
C THR B 288 36.13 -12.05 28.17
N GLU B 289 37.19 -12.61 27.61
CA GLU B 289 37.69 -12.10 26.33
C GLU B 289 36.66 -12.30 25.23
N LYS B 290 35.79 -13.31 25.36
CA LYS B 290 34.87 -13.63 24.28
C LYS B 290 33.44 -13.90 24.76
N GLN B 291 33.12 -13.67 26.03
CA GLN B 291 31.78 -14.00 26.49
C GLN B 291 31.27 -12.91 27.43
N PHE B 292 29.95 -12.87 27.55
CA PHE B 292 29.22 -11.97 28.43
C PHE B 292 28.45 -12.91 29.35
N LEU B 293 28.90 -13.03 30.60
CA LEU B 293 28.37 -14.04 31.50
C LEU B 293 27.39 -13.40 32.47
N ILE B 294 26.22 -13.99 32.59
CA ILE B 294 25.19 -13.56 33.54
C ILE B 294 24.88 -14.77 34.41
N ASN B 295 25.06 -14.62 35.71
CA ASN B 295 24.95 -15.75 36.63
C ASN B 295 25.84 -16.90 36.16
N GLY B 296 27.06 -16.56 35.72
CA GLY B 296 28.05 -17.52 35.33
C GLY B 296 27.84 -18.21 34.00
N LYS B 297 26.79 -17.86 33.25
CA LYS B 297 26.54 -18.57 32.00
C LYS B 297 26.54 -17.61 30.82
N PRO B 298 27.05 -18.05 29.67
CA PRO B 298 27.17 -17.13 28.53
C PRO B 298 25.82 -16.64 28.06
N PHE B 299 25.79 -15.37 27.67
CA PHE B 299 24.59 -14.70 27.20
C PHE B 299 24.89 -14.13 25.84
N TYR B 300 24.04 -14.41 24.86
CA TYR B 300 24.15 -13.88 23.52
C TYR B 300 22.96 -12.94 23.32
N PHE B 301 23.25 -11.66 23.06
CA PHE B 301 22.19 -10.66 22.86
C PHE B 301 21.47 -10.91 21.55
N LYS B 302 20.14 -11.09 21.62
CA LYS B 302 19.27 -11.15 20.46
C LYS B 302 18.14 -10.15 20.65
N GLY B 303 18.06 -9.15 19.77
CA GLY B 303 17.04 -8.15 19.91
C GLY B 303 17.22 -6.94 19.01
N PHE B 304 16.92 -5.75 19.54
CA PHE B 304 16.83 -4.53 18.77
C PHE B 304 17.20 -3.34 19.62
N GLY B 305 17.73 -2.30 18.99
CA GLY B 305 17.53 -0.97 19.53
C GLY B 305 16.11 -0.54 19.20
N LYS B 306 15.48 0.16 20.14
CA LYS B 306 14.10 0.60 19.91
C LYS B 306 14.04 2.13 19.78
N HIS B 307 12.85 2.68 20.01
CA HIS B 307 12.65 4.11 20.13
C HIS B 307 11.37 4.27 20.91
N GLU B 308 11.21 5.43 21.54
CA GLU B 308 9.92 5.79 22.10
C GLU B 308 9.21 6.59 21.02
N ASP B 309 8.28 5.93 20.33
CA ASP B 309 7.67 6.44 19.10
C ASP B 309 6.45 5.60 18.77
N SER B 310 5.33 6.24 18.47
CA SER B 310 4.16 5.56 17.92
C SER B 310 3.28 6.61 17.26
N ASP B 311 2.24 6.13 16.55
CA ASP B 311 1.37 7.05 15.85
C ASP B 311 0.71 8.04 16.82
N ILE B 312 0.48 9.25 16.32
CA ILE B 312 -0.33 10.29 16.96
C ILE B 312 0.35 10.93 18.16
N ARG B 313 0.78 10.14 19.15
CA ARG B 313 1.31 10.66 20.42
C ARG B 313 2.81 10.91 20.42
N GLY B 314 3.50 10.67 19.31
CA GLY B 314 4.95 10.90 19.27
C GLY B 314 5.72 9.97 20.20
N LYS B 315 6.53 10.58 21.07
CA LYS B 315 7.31 9.87 22.08
C LYS B 315 6.55 9.70 23.40
N GLY B 316 5.24 9.91 23.41
CA GLY B 316 4.50 9.84 24.67
C GLY B 316 4.37 8.40 25.15
N LEU B 317 4.40 8.23 26.47
CA LEU B 317 4.30 6.90 27.07
C LEU B 317 2.95 6.27 26.77
N ASP B 318 2.99 4.98 26.45
CA ASP B 318 1.80 4.23 26.05
C ASP B 318 2.02 2.81 26.56
N GLU B 319 1.38 2.48 27.68
CA GLU B 319 1.69 1.20 28.29
C GLU B 319 1.05 0.05 27.55
N ALA B 320 -0.08 0.30 26.88
CA ALA B 320 -0.64 -0.74 26.03
C ALA B 320 0.31 -1.07 24.91
N LEU B 321 0.94 -0.03 24.34
CA LEU B 321 1.97 -0.23 23.32
C LEU B 321 3.15 -1.01 23.87
N ASN B 322 3.60 -0.68 25.09
CA ASN B 322 4.74 -1.39 25.68
C ASN B 322 4.44 -2.87 25.85
N VAL B 323 3.23 -3.21 26.30
CA VAL B 323 2.91 -4.61 26.51
C VAL B 323 2.90 -5.34 25.18
N ARG B 324 2.30 -4.72 24.16
CA ARG B 324 2.32 -5.32 22.83
C ARG B 324 3.75 -5.50 22.35
N ASP B 325 4.63 -4.53 22.61
CA ASP B 325 6.03 -4.65 22.19
C ASP B 325 6.73 -5.82 22.89
N CYS B 326 6.47 -6.00 24.20
CA CYS B 326 7.09 -7.12 24.90
C CYS B 326 6.53 -8.45 24.42
N GLU B 327 5.24 -8.48 24.05
CA GLU B 327 4.67 -9.66 23.42
C GLU B 327 5.37 -9.99 22.12
N LEU B 328 5.73 -8.95 21.35
CA LEU B 328 6.37 -9.19 20.06
C LEU B 328 7.82 -9.62 20.25
N LEU B 329 8.51 -9.00 21.20
CA LEU B 329 9.86 -9.43 21.56
C LEU B 329 9.87 -10.91 21.94
N LYS B 330 8.92 -11.32 22.76
CA LYS B 330 8.85 -12.72 23.15
C LYS B 330 8.52 -13.61 21.96
N TRP B 331 7.61 -13.16 21.08
CA TRP B 331 7.21 -13.97 19.94
C TRP B 331 8.38 -14.17 18.99
N ILE B 332 9.13 -13.11 18.71
CA ILE B 332 10.23 -13.21 17.75
C ILE B 332 11.45 -13.90 18.34
N GLY B 333 11.46 -14.19 19.63
CA GLY B 333 12.61 -14.83 20.26
C GLY B 333 13.68 -13.86 20.74
N ALA B 334 13.39 -12.57 20.79
CA ALA B 334 14.37 -11.63 21.31
C ALA B 334 14.53 -11.83 22.82
N ASN B 335 15.70 -11.45 23.33
CA ASN B 335 15.94 -11.51 24.77
C ASN B 335 16.44 -10.19 25.35
N SER B 336 16.56 -9.14 24.53
CA SER B 336 17.20 -7.91 24.97
C SER B 336 16.79 -6.76 24.06
N PHE B 337 16.94 -5.53 24.57
CA PHE B 337 16.92 -4.35 23.72
C PHE B 337 17.89 -3.32 24.28
N ARG B 338 18.20 -2.33 23.44
CA ARG B 338 18.99 -1.16 23.83
C ARG B 338 18.08 0.06 23.80
N THR B 339 18.15 0.90 24.84
CA THR B 339 17.30 2.09 24.91
C THR B 339 17.87 3.16 23.98
N SER B 340 17.82 2.88 22.66
CA SER B 340 18.53 3.61 21.65
C SER B 340 18.23 5.10 21.72
N HIS B 341 19.24 5.81 22.20
CA HIS B 341 19.64 7.19 22.07
C HIS B 341 19.07 8.06 23.16
N TYR B 342 18.46 7.46 24.19
CA TYR B 342 17.99 8.18 25.39
C TYR B 342 17.37 7.17 26.36
N PRO B 343 17.32 7.52 27.64
CA PRO B 343 16.61 6.67 28.59
C PRO B 343 15.12 6.59 28.28
N TYR B 344 14.53 5.43 28.54
CA TYR B 344 13.11 5.23 28.36
C TYR B 344 12.38 5.49 29.67
N ALA B 345 11.05 5.49 29.60
CA ALA B 345 10.22 5.64 30.78
C ALA B 345 10.54 4.52 31.77
N GLU B 346 10.44 4.83 33.06
CA GLU B 346 10.71 3.83 34.07
C GLU B 346 9.74 2.66 33.99
N GLU B 347 8.50 2.90 33.54
CA GLU B 347 7.55 1.81 33.35
C GLU B 347 8.13 0.71 32.45
N MET B 348 8.82 1.10 31.37
CA MET B 348 9.44 0.11 30.49
C MET B 348 10.56 -0.64 31.21
N MET B 349 11.36 0.07 32.02
CA MET B 349 12.42 -0.60 32.79
C MET B 349 11.86 -1.56 33.82
N GLN B 350 10.78 -1.18 34.50
CA GLN B 350 10.13 -2.11 35.41
C GLN B 350 9.59 -3.33 34.67
N MET B 351 8.98 -3.11 33.50
CA MET B 351 8.48 -4.23 32.71
C MET B 351 9.60 -5.21 32.38
N ALA B 352 10.74 -4.70 31.93
CA ALA B 352 11.89 -5.55 31.62
C ALA B 352 12.37 -6.30 32.86
N ASP B 353 12.32 -5.65 34.04
CA ASP B 353 12.64 -6.35 35.27
C ASP B 353 11.70 -7.53 35.49
N GLN B 354 10.40 -7.32 35.28
CA GLN B 354 9.45 -8.37 35.58
C GLN B 354 9.48 -9.48 34.53
N LYS B 355 9.73 -9.15 33.27
CA LYS B 355 9.72 -10.19 32.23
C LYS B 355 11.08 -10.80 31.99
N GLY B 356 12.11 -10.36 32.71
CA GLY B 356 13.43 -10.96 32.53
C GLY B 356 14.13 -10.58 31.25
N ILE B 357 13.91 -9.35 30.76
CA ILE B 357 14.54 -8.89 29.52
C ILE B 357 15.82 -8.14 29.87
N VAL B 358 16.87 -8.39 29.12
CA VAL B 358 18.16 -7.77 29.37
C VAL B 358 18.26 -6.47 28.58
N VAL B 359 18.77 -5.41 29.20
CA VAL B 359 18.68 -4.07 28.64
C VAL B 359 20.07 -3.44 28.65
N ILE B 360 20.42 -2.80 27.54
CA ILE B 360 21.54 -1.87 27.47
C ILE B 360 20.95 -0.47 27.61
N ASP B 361 21.30 0.22 28.68
CA ASP B 361 20.74 1.53 29.05
C ASP B 361 21.65 2.66 28.54
N GLU B 362 21.08 3.59 27.78
CA GLU B 362 21.87 4.54 27.00
C GLU B 362 21.47 5.99 27.28
N VAL B 363 22.47 6.88 27.38
CA VAL B 363 22.22 8.32 27.56
C VAL B 363 22.11 9.01 26.21
N PRO B 364 21.47 10.19 26.12
CA PRO B 364 21.25 10.79 24.80
C PRO B 364 22.45 11.54 24.24
N ALA B 365 23.64 10.96 24.39
CA ALA B 365 24.86 11.50 23.79
C ALA B 365 24.95 11.05 22.32
N VAL B 366 23.99 11.52 21.54
CA VAL B 366 23.81 11.15 20.14
C VAL B 366 23.85 12.44 19.34
N GLY B 367 24.38 12.36 18.12
CA GLY B 367 24.48 13.53 17.29
C GLY B 367 25.81 14.26 17.34
N MET B 368 26.82 13.70 18.00
CA MET B 368 28.16 14.29 18.03
C MET B 368 28.93 13.88 16.78
N ASN B 369 28.35 14.19 15.63
CA ASN B 369 28.87 13.74 14.34
C ASN B 369 28.33 14.70 13.28
N PHE B 370 28.71 14.45 12.02
CA PHE B 370 28.34 15.33 10.92
C PHE B 370 27.92 14.50 9.72
N GLY B 377 35.17 19.52 12.41
CA GLY B 377 35.45 18.98 13.73
C GLY B 377 34.33 19.20 14.74
N ILE B 378 33.90 18.14 15.41
CA ILE B 378 32.84 18.21 16.40
C ILE B 378 33.39 18.54 17.79
N PHE B 379 34.57 18.01 18.12
CA PHE B 379 35.16 18.18 19.45
C PHE B 379 36.13 19.36 19.41
N THR B 380 35.56 20.57 19.50
CA THR B 380 36.30 21.82 19.42
C THR B 380 35.74 22.81 20.44
N GLU B 381 36.49 23.89 20.68
CA GLU B 381 36.17 24.81 21.77
C GLU B 381 34.76 25.42 21.62
N ASP B 382 34.29 25.64 20.39
CA ASP B 382 33.00 26.27 20.19
C ASP B 382 31.88 25.27 19.92
N LYS B 383 32.11 23.96 20.10
CA LYS B 383 31.06 22.97 19.85
C LYS B 383 30.95 21.98 21.01
N VAL B 384 31.25 20.70 20.78
CA VAL B 384 31.25 19.74 21.87
C VAL B 384 32.53 19.98 22.67
N ASN B 385 32.39 20.54 23.88
CA ASN B 385 33.53 21.06 24.64
C ASN B 385 33.37 20.68 26.12
N GLU B 386 34.12 21.37 27.00
CA GLU B 386 34.18 21.05 28.43
C GLU B 386 32.79 21.06 29.05
N LYS B 387 31.87 21.77 28.40
CA LYS B 387 30.50 21.97 28.79
C LYS B 387 29.62 20.79 28.58
N THR B 388 29.52 20.49 27.31
CA THR B 388 28.99 19.24 26.89
C THR B 388 29.49 18.16 27.83
N LEU B 389 30.80 18.16 28.07
CA LEU B 389 31.40 17.10 28.88
C LEU B 389 30.84 17.11 30.30
N ALA B 390 30.76 18.28 30.94
CA ALA B 390 30.23 18.34 32.30
C ALA B 390 28.76 17.96 32.31
N TYR B 391 28.00 18.42 31.30
CA TYR B 391 26.59 18.06 31.25
C TYR B 391 26.41 16.56 30.97
N HIS B 392 27.29 16.00 30.13
CA HIS B 392 27.27 14.57 29.82
C HIS B 392 27.49 13.73 31.09
N LYS B 393 28.47 14.12 31.92
CA LYS B 393 28.65 13.45 33.22
C LYS B 393 27.41 13.60 34.09
N GLN B 394 26.81 14.79 34.12
CA GLN B 394 25.63 14.97 34.96
C GLN B 394 24.46 14.11 34.51
N VAL B 395 24.29 13.91 33.19
CA VAL B 395 23.18 13.07 32.75
C VAL B 395 23.46 11.61 33.10
N LEU B 396 24.72 11.19 33.05
CA LEU B 396 25.08 9.86 33.52
C LEU B 396 24.81 9.69 35.01
N LYS B 397 25.13 10.70 35.81
CA LYS B 397 24.81 10.69 37.23
C LYS B 397 23.31 10.47 37.44
N GLU B 398 22.48 11.24 36.72
CA GLU B 398 21.03 11.13 36.83
C GLU B 398 20.54 9.76 36.37
N LEU B 399 21.01 9.29 35.21
CA LEU B 399 20.59 7.97 34.74
C LEU B 399 20.95 6.88 35.75
N TYR B 400 22.18 6.92 36.29
CA TYR B 400 22.57 5.93 37.30
C TYR B 400 21.65 6.00 38.52
N GLN B 401 21.36 7.20 39.01
CA GLN B 401 20.53 7.30 40.20
C GLN B 401 19.14 6.70 39.94
N ARG B 402 18.60 6.91 38.74
CA ARG B 402 17.27 6.38 38.45
C ARG B 402 17.27 4.87 38.28
N ASP B 403 18.27 4.32 37.58
CA ASP B 403 18.18 2.92 37.14
C ASP B 403 19.14 1.96 37.85
N LYS B 404 19.91 2.43 38.85
CA LYS B 404 20.98 1.61 39.43
C LYS B 404 20.45 0.31 40.00
N ASN B 405 19.23 0.30 40.51
CA ASN B 405 18.69 -0.86 41.18
C ASN B 405 17.94 -1.80 40.24
N HIS B 406 17.91 -1.50 38.95
CA HIS B 406 17.27 -2.38 37.98
C HIS B 406 18.17 -3.56 37.61
N PRO B 407 17.81 -4.79 37.99
CA PRO B 407 18.55 -5.94 37.47
C PRO B 407 18.47 -6.08 35.96
N CYS B 408 17.46 -5.54 35.29
CA CYS B 408 17.43 -5.73 33.84
C CYS B 408 18.61 -4.99 33.16
N VAL B 409 19.13 -3.92 33.78
CA VAL B 409 20.22 -3.17 33.17
C VAL B 409 21.54 -3.91 33.38
N VAL B 410 22.16 -4.41 32.30
CA VAL B 410 23.43 -5.10 32.45
C VAL B 410 24.59 -4.31 31.86
N MET B 411 24.34 -3.15 31.27
CA MET B 411 25.43 -2.42 30.65
C MET B 411 24.97 -0.98 30.38
N TRP B 412 25.92 -0.04 30.49
CA TRP B 412 25.66 1.36 30.17
C TRP B 412 26.28 1.67 28.82
N SER B 413 25.50 2.27 27.93
CA SER B 413 26.05 2.84 26.71
C SER B 413 26.10 4.35 26.88
N ILE B 414 27.28 4.94 26.68
CA ILE B 414 27.50 6.34 27.03
C ILE B 414 27.38 7.26 25.84
N THR B 415 27.26 6.72 24.62
CA THR B 415 27.21 7.51 23.40
C THR B 415 26.81 6.61 22.24
N ASN B 416 26.14 7.21 21.27
CA ASN B 416 25.80 6.53 20.03
C ASN B 416 26.44 7.28 18.87
N GLU B 417 27.37 6.61 18.20
CA GLU B 417 27.96 7.08 16.95
C GLU B 417 28.60 8.50 17.05
N PRO B 418 29.51 8.70 18.01
CA PRO B 418 30.25 9.96 18.03
C PRO B 418 31.30 9.93 16.94
N HIS B 419 31.75 11.12 16.53
CA HIS B 419 32.81 11.22 15.52
C HIS B 419 34.15 10.97 16.23
N SER B 420 34.34 9.71 16.60
CA SER B 420 35.43 9.31 17.49
C SER B 420 36.75 9.10 16.75
N SER B 421 36.80 9.45 15.47
CA SER B 421 38.06 9.49 14.73
C SER B 421 38.89 10.73 15.07
N GLU B 422 38.29 11.76 15.67
CA GLU B 422 38.99 12.97 16.03
C GLU B 422 39.84 12.75 17.28
N GLU B 423 41.08 13.26 17.25
CA GLU B 423 41.97 13.07 18.41
C GLU B 423 41.40 13.72 19.66
N ALA B 424 40.78 14.89 19.51
CA ALA B 424 40.20 15.56 20.66
C ALA B 424 39.08 14.75 21.31
N SER B 425 38.58 13.71 20.64
CA SER B 425 37.54 12.89 21.25
C SER B 425 38.09 11.90 22.27
N ARG B 426 39.39 11.58 22.22
CA ARG B 426 39.95 10.62 23.17
C ARG B 426 39.86 11.12 24.60
N ASN B 427 40.31 12.36 24.86
CA ASN B 427 40.22 12.92 26.21
C ASN B 427 38.78 13.01 26.68
N TYR B 428 37.87 13.42 25.79
CA TYR B 428 36.46 13.57 26.15
C TYR B 428 35.91 12.27 26.71
N PHE B 429 36.04 11.19 25.93
CA PHE B 429 35.42 9.95 26.34
C PHE B 429 36.19 9.23 27.43
N GLU B 430 37.49 9.49 27.56
CA GLU B 430 38.21 8.97 28.72
C GLU B 430 37.67 9.57 30.00
N GLU B 431 37.44 10.88 29.99
CA GLU B 431 36.79 11.52 31.14
C GLU B 431 35.41 10.90 31.39
N VAL B 432 34.59 10.78 30.33
CA VAL B 432 33.23 10.26 30.53
C VAL B 432 33.28 8.84 31.07
N THR B 433 34.13 8.00 30.48
CA THR B 433 34.16 6.59 30.90
C THR B 433 34.64 6.45 32.34
N LYS B 434 35.69 7.19 32.70
CA LYS B 434 36.17 7.16 34.08
C LYS B 434 35.08 7.60 35.05
N TYR B 435 34.27 8.59 34.66
CA TYR B 435 33.23 9.07 35.58
C TYR B 435 32.15 8.02 35.82
N ILE B 436 31.71 7.31 34.77
CA ILE B 436 30.63 6.35 34.97
C ILE B 436 31.16 5.12 35.70
N ARG B 437 32.44 4.79 35.51
CA ARG B 437 33.03 3.69 36.27
C ARG B 437 33.10 4.01 37.76
N LYS B 438 33.28 5.29 38.13
CA LYS B 438 33.31 5.62 39.55
C LYS B 438 31.91 5.56 40.16
N LEU B 439 30.87 5.82 39.38
CA LEU B 439 29.50 5.72 39.89
C LEU B 439 29.08 4.27 40.06
N ASP B 440 29.49 3.40 39.15
CA ASP B 440 28.97 2.03 39.11
C ASP B 440 30.14 1.11 38.78
N SER B 441 30.61 0.35 39.76
CA SER B 441 31.64 -0.65 39.55
C SER B 441 31.06 -1.99 39.11
N GLU B 442 29.74 -2.10 39.01
CA GLU B 442 29.06 -3.37 38.85
C GLU B 442 28.59 -3.64 37.43
N ARG B 443 28.90 -2.77 36.47
CA ARG B 443 28.32 -2.97 35.14
C ARG B 443 29.31 -2.57 34.05
N PRO B 444 29.41 -3.38 33.00
CA PRO B 444 30.21 -3.01 31.84
C PRO B 444 29.74 -1.71 31.19
N ILE B 445 30.67 -1.09 30.47
CA ILE B 445 30.51 0.22 29.83
C ILE B 445 30.75 0.03 28.33
N THR B 446 29.95 0.72 27.50
CA THR B 446 30.17 0.69 26.05
C THR B 446 29.68 1.99 25.41
N GLY B 447 29.86 2.05 24.09
CA GLY B 447 29.32 3.09 23.23
C GLY B 447 29.42 2.53 21.82
N THR B 448 28.54 3.00 20.94
CA THR B 448 28.46 2.39 19.61
C THR B 448 29.27 3.19 18.61
N MET B 449 29.86 2.46 17.66
CA MET B 449 30.78 3.00 16.67
C MET B 449 30.10 3.11 15.32
N ASN B 450 30.42 4.18 14.61
CA ASN B 450 30.19 4.20 13.17
C ASN B 450 31.43 4.54 12.34
N VAL B 451 32.46 5.21 12.91
CA VAL B 451 33.67 5.56 12.17
C VAL B 451 34.44 4.29 11.83
N ASP B 452 35.40 4.38 10.92
CA ASP B 452 36.19 3.22 10.52
C ASP B 452 37.05 2.72 11.68
N VAL B 453 37.22 1.40 11.75
CA VAL B 453 37.96 0.81 12.88
C VAL B 453 39.38 1.33 12.94
N GLU B 454 40.00 1.58 11.77
CA GLU B 454 41.34 2.15 11.75
C GLU B 454 41.39 3.53 12.41
N GLU B 455 40.31 4.29 12.32
CA GLU B 455 40.32 5.67 12.80
C GLU B 455 39.77 5.85 14.20
N ASP B 456 39.06 4.87 14.74
CA ASP B 456 38.48 5.02 16.07
C ASP B 456 39.57 5.26 17.10
N LYS B 457 39.25 6.08 18.10
CA LYS B 457 40.22 6.41 19.12
C LYS B 457 39.68 6.28 20.54
N ILE B 458 38.51 5.67 20.75
CA ILE B 458 37.92 5.65 22.09
C ILE B 458 37.49 4.27 22.57
N SER B 459 37.38 3.29 21.67
CA SER B 459 36.79 2.02 22.10
C SER B 459 37.68 1.27 23.09
N GLN B 460 38.98 1.61 23.17
CA GLN B 460 39.83 0.99 24.18
C GLN B 460 39.31 1.22 25.61
N PHE B 461 38.48 2.25 25.82
CA PHE B 461 37.96 2.54 27.16
C PHE B 461 36.76 1.67 27.52
N PHE B 462 36.20 0.91 26.59
CA PHE B 462 34.97 0.18 26.82
C PHE B 462 35.26 -1.26 27.22
N ASP B 463 34.26 -1.89 27.83
CA ASP B 463 34.32 -3.32 28.15
C ASP B 463 33.78 -4.18 27.01
N VAL B 464 32.87 -3.63 26.21
CA VAL B 464 32.35 -4.31 25.02
C VAL B 464 32.46 -3.33 23.86
N VAL B 465 32.84 -3.84 22.69
CA VAL B 465 32.86 -3.02 21.47
C VAL B 465 31.55 -3.21 20.73
N CYS B 466 30.90 -2.10 20.39
CA CYS B 466 29.58 -2.09 19.77
C CYS B 466 29.70 -1.33 18.45
N ILE B 467 29.33 -1.97 17.34
CA ILE B 467 29.48 -1.34 16.03
C ILE B 467 28.13 -1.30 15.32
N ASN B 468 27.86 -0.17 14.65
CA ASN B 468 26.70 0.03 13.81
C ASN B 468 27.15 -0.12 12.36
N ARG B 469 26.64 -1.14 11.67
CA ARG B 469 27.19 -1.51 10.38
C ARG B 469 26.06 -1.83 9.43
N TYR B 470 26.06 -1.21 8.26
CA TYR B 470 24.98 -1.31 7.31
C TYR B 470 25.51 -1.72 5.95
N PHE B 471 26.31 -2.79 5.93
CA PHE B 471 26.70 -3.38 4.68
C PHE B 471 25.46 -3.90 3.94
N GLY B 472 25.41 -3.63 2.65
CA GLY B 472 24.21 -3.88 1.87
C GLY B 472 23.20 -2.75 1.88
N TRP B 473 23.45 -1.69 2.65
CA TRP B 473 22.55 -0.54 2.65
C TRP B 473 23.33 0.76 2.46
N TYR B 474 23.99 1.27 3.51
CA TYR B 474 24.79 2.48 3.36
C TYR B 474 26.12 2.21 2.65
N VAL B 475 26.62 0.98 2.72
CA VAL B 475 27.81 0.55 1.98
C VAL B 475 27.42 -0.58 1.05
N GLY B 476 27.71 -0.41 -0.25
CA GLY B 476 27.34 -1.40 -1.22
C GLY B 476 25.84 -1.65 -1.29
N ALA B 477 25.04 -0.58 -1.41
CA ALA B 477 23.59 -0.75 -1.47
C ALA B 477 23.21 -1.68 -2.61
N GLY B 478 22.46 -2.72 -2.29
CA GLY B 478 21.95 -3.63 -3.30
C GLY B 478 22.83 -4.81 -3.62
N LYS B 479 24.12 -4.78 -3.25
CA LYS B 479 25.08 -5.84 -3.62
C LYS B 479 25.08 -6.92 -2.53
N ILE B 480 24.12 -7.83 -2.66
CA ILE B 480 23.89 -8.84 -1.62
C ILE B 480 25.15 -9.67 -1.39
N GLU B 481 25.88 -9.98 -2.47
CA GLU B 481 27.02 -10.89 -2.42
C GLU B 481 28.22 -10.32 -1.66
N ARG B 482 28.28 -8.99 -1.50
CA ARG B 482 29.37 -8.33 -0.78
C ARG B 482 29.11 -8.18 0.71
N ILE B 483 27.89 -8.47 1.19
CA ILE B 483 27.55 -8.23 2.59
C ILE B 483 28.38 -9.13 3.51
N TYR B 484 28.23 -10.44 3.33
CA TYR B 484 28.92 -11.39 4.21
C TYR B 484 30.43 -11.16 4.24
N PRO B 485 31.15 -11.03 3.12
CA PRO B 485 32.58 -10.74 3.22
C PRO B 485 32.89 -9.44 3.93
N SER B 486 32.15 -8.36 3.63
CA SER B 486 32.46 -7.07 4.21
C SER B 486 32.31 -7.09 5.72
N LEU B 487 31.26 -7.73 6.23
CA LEU B 487 31.03 -7.69 7.66
C LEU B 487 32.02 -8.61 8.39
N LYS B 488 32.27 -9.81 7.86
CA LYS B 488 33.25 -10.70 8.47
C LYS B 488 34.60 -10.02 8.58
N THR B 489 35.05 -9.38 7.50
CA THR B 489 36.33 -8.69 7.52
C THR B 489 36.34 -7.57 8.55
N ASP B 490 35.27 -6.77 8.59
CA ASP B 490 35.23 -5.67 9.54
C ASP B 490 35.18 -6.20 10.97
N LEU B 491 34.35 -7.21 11.22
CA LEU B 491 34.26 -7.80 12.56
C LEU B 491 35.64 -8.22 13.05
N ILE B 492 36.43 -8.85 12.18
CA ILE B 492 37.71 -9.40 12.63
C ILE B 492 38.69 -8.27 12.92
N LYS B 493 38.65 -7.19 12.13
CA LYS B 493 39.49 -6.03 12.40
C LYS B 493 39.16 -5.38 13.75
N TRP B 494 37.87 -5.29 14.11
CA TRP B 494 37.49 -4.72 15.40
C TRP B 494 37.99 -5.59 16.56
N HIS B 495 37.92 -6.91 16.40
CA HIS B 495 38.38 -7.79 17.46
C HIS B 495 39.90 -7.74 17.60
N GLU B 496 40.61 -7.74 16.48
CA GLU B 496 42.07 -7.71 16.54
C GLU B 496 42.56 -6.40 17.16
N LYS B 497 41.88 -5.28 16.88
CA LYS B 497 42.38 -3.99 17.32
C LYS B 497 42.21 -3.79 18.82
N TYR B 498 41.12 -4.31 19.41
CA TYR B 498 40.79 -4.03 20.80
C TYR B 498 40.70 -5.25 21.70
N GLY B 499 40.56 -6.45 21.14
CA GLY B 499 40.63 -7.63 21.97
C GLY B 499 39.44 -7.86 22.87
N LYS B 500 38.29 -7.28 22.54
CA LYS B 500 37.08 -7.36 23.35
C LYS B 500 35.97 -8.07 22.60
N PRO B 501 34.96 -8.60 23.31
CA PRO B 501 33.77 -9.10 22.62
C PRO B 501 33.07 -7.98 21.86
N VAL B 502 32.37 -8.38 20.79
CA VAL B 502 31.74 -7.45 19.85
C VAL B 502 30.24 -7.73 19.79
N ILE B 503 29.44 -6.68 19.84
CA ILE B 503 28.02 -6.69 19.52
C ILE B 503 27.84 -5.85 18.26
N VAL B 504 27.08 -6.37 17.30
CA VAL B 504 26.62 -5.58 16.17
C VAL B 504 25.32 -4.92 16.63
N THR B 505 25.42 -3.67 17.06
CA THR B 505 24.29 -3.03 17.72
C THR B 505 23.25 -2.50 16.73
N GLU B 506 23.58 -2.44 15.44
CA GLU B 506 22.67 -1.97 14.40
C GLU B 506 23.07 -2.58 13.07
N TYR B 507 22.08 -3.05 12.31
CA TYR B 507 22.21 -3.44 10.91
C TYR B 507 20.82 -3.68 10.35
N GLY B 508 20.63 -3.45 9.05
CA GLY B 508 19.30 -3.63 8.49
C GLY B 508 19.12 -2.81 7.22
N ALA B 509 17.85 -2.63 6.84
CA ALA B 509 17.52 -2.07 5.54
C ALA B 509 16.11 -1.49 5.57
N ASP B 510 15.92 -0.32 4.96
CA ASP B 510 14.58 0.26 4.88
C ASP B 510 13.70 -0.64 4.02
N THR B 511 12.47 -0.86 4.49
CA THR B 511 11.56 -1.80 3.84
C THR B 511 10.16 -1.22 3.83
N ILE B 512 9.58 -1.06 2.64
CA ILE B 512 8.21 -0.60 2.52
C ILE B 512 7.31 -1.81 2.56
N ALA B 513 6.46 -1.89 3.58
CA ALA B 513 5.51 -2.99 3.65
C ALA B 513 4.72 -3.08 2.34
N GLY B 514 4.70 -4.27 1.77
CA GLY B 514 3.97 -4.51 0.55
C GLY B 514 4.77 -4.33 -0.71
N LEU B 515 5.99 -3.81 -0.62
CA LEU B 515 6.88 -3.74 -1.76
C LEU B 515 7.56 -5.10 -1.93
N HIS B 516 7.23 -5.81 -3.01
CA HIS B 516 7.77 -7.13 -3.33
C HIS B 516 8.45 -7.10 -4.69
N LYS B 517 9.54 -7.86 -4.84
CA LYS B 517 10.16 -7.91 -6.16
C LYS B 517 11.02 -9.15 -6.30
N LEU B 518 10.96 -9.75 -7.49
CA LEU B 518 11.71 -10.94 -7.85
C LEU B 518 12.40 -10.71 -9.19
N PRO B 519 13.75 -10.57 -9.21
CA PRO B 519 14.64 -10.60 -8.05
C PRO B 519 14.49 -9.38 -7.13
N GLU B 520 14.87 -9.53 -5.88
CA GLU B 520 14.65 -8.51 -4.85
C GLU B 520 15.46 -7.25 -5.15
N VAL B 521 14.95 -6.11 -4.65
CA VAL B 521 15.58 -4.81 -4.76
C VAL B 521 15.51 -4.14 -3.39
N ILE B 522 16.45 -3.21 -3.15
CA ILE B 522 16.39 -2.43 -1.92
C ILE B 522 15.00 -1.81 -1.79
N PHE B 523 14.49 -1.77 -0.55
CA PHE B 523 13.16 -1.32 -0.13
C PHE B 523 12.12 -2.43 -0.18
N SER B 524 12.40 -3.52 -0.88
CA SER B 524 11.46 -4.62 -0.92
C SER B 524 11.59 -5.48 0.34
N GLU B 525 10.51 -6.17 0.69
CA GLU B 525 10.51 -6.99 1.89
C GLU B 525 11.48 -8.17 1.75
N GLU B 526 11.65 -8.69 0.53
CA GLU B 526 12.58 -9.80 0.35
C GLU B 526 14.02 -9.34 0.57
N TYR B 527 14.34 -8.12 0.15
CA TYR B 527 15.70 -7.63 0.31
C TYR B 527 16.05 -7.48 1.79
N GLN B 528 15.12 -6.97 2.60
CA GLN B 528 15.38 -6.87 4.03
C GLN B 528 15.75 -8.23 4.61
N LYS B 529 15.04 -9.28 4.19
CA LYS B 529 15.32 -10.60 4.73
C LYS B 529 16.71 -11.08 4.33
N ARG B 530 17.08 -10.89 3.05
CA ARG B 530 18.37 -11.35 2.56
C ARG B 530 19.52 -10.52 3.14
N CYS B 531 19.34 -9.20 3.23
CA CYS B 531 20.37 -8.36 3.82
C CYS B 531 20.72 -8.81 5.23
N ILE B 532 19.70 -9.15 6.03
CA ILE B 532 19.92 -9.58 7.41
C ILE B 532 20.54 -10.98 7.45
N GLU B 533 20.06 -11.89 6.60
CA GLU B 533 20.67 -13.22 6.51
C GLU B 533 22.18 -13.16 6.27
N GLU B 534 22.60 -12.36 5.29
CA GLU B 534 24.00 -12.33 4.92
C GLU B 534 24.85 -11.73 6.04
N ASN B 535 24.34 -10.67 6.68
CA ASN B 535 25.06 -10.15 7.85
C ASN B 535 25.15 -11.22 8.93
N ASN B 536 24.06 -11.93 9.18
CA ASN B 536 24.05 -12.96 10.21
C ASN B 536 25.06 -14.05 9.91
N LYS B 537 25.23 -14.38 8.62
CA LYS B 537 26.23 -15.37 8.22
C LYS B 537 27.62 -14.94 8.67
N ALA B 538 27.94 -13.65 8.51
CA ALA B 538 29.25 -13.15 8.92
C ALA B 538 29.47 -13.35 10.41
N MET B 539 28.51 -12.94 11.23
CA MET B 539 28.67 -13.05 12.68
C MET B 539 28.75 -14.50 13.13
N ASP B 540 28.04 -15.39 12.45
CA ASP B 540 28.07 -16.79 12.83
C ASP B 540 29.45 -17.41 12.65
N GLU B 541 30.32 -16.80 11.84
CA GLU B 541 31.67 -17.30 11.64
C GLU B 541 32.70 -16.64 12.57
N CYS B 542 32.26 -15.81 13.52
CA CYS B 542 33.15 -15.10 14.43
C CYS B 542 32.81 -15.52 15.86
N ASP B 543 33.77 -16.14 16.54
CA ASP B 543 33.52 -16.65 17.89
C ASP B 543 33.54 -15.57 18.97
N PHE B 544 33.91 -14.34 18.62
CA PHE B 544 34.00 -13.25 19.59
C PHE B 544 32.77 -12.36 19.58
N VAL B 545 31.75 -12.68 18.78
CA VAL B 545 30.55 -11.85 18.68
C VAL B 545 29.57 -12.31 19.75
N ILE B 546 29.16 -11.40 20.64
CA ILE B 546 28.30 -11.79 21.75
C ILE B 546 26.88 -11.27 21.60
N GLY B 547 26.54 -10.67 20.47
CA GLY B 547 25.16 -10.26 20.27
C GLY B 547 24.92 -9.64 18.92
N GLU B 548 23.64 -9.62 18.55
CA GLU B 548 23.19 -9.01 17.31
C GLU B 548 21.91 -8.24 17.59
N HIS B 549 21.91 -6.95 17.26
CA HIS B 549 20.72 -6.13 17.44
C HIS B 549 20.37 -5.57 16.07
N ILE B 550 19.26 -6.03 15.52
CA ILE B 550 18.77 -5.51 14.25
C ILE B 550 18.29 -4.09 14.47
N TRP B 551 18.54 -3.20 13.52
CA TRP B 551 18.11 -1.83 13.72
C TRP B 551 16.70 -1.62 13.22
N ALA B 552 15.93 -0.99 14.10
CA ALA B 552 14.52 -0.68 14.03
C ALA B 552 13.75 -1.94 14.35
N PHE B 553 13.38 -2.03 15.61
CA PHE B 553 12.25 -2.83 16.04
C PHE B 553 11.02 -2.49 15.20
N ALA B 554 10.70 -1.20 15.08
CA ALA B 554 9.51 -0.73 14.39
C ALA B 554 9.82 0.54 13.61
N ASP B 555 9.16 0.70 12.46
CA ASP B 555 9.19 1.95 11.72
C ASP B 555 8.92 3.10 12.68
N PHE B 556 9.68 4.19 12.57
CA PHE B 556 9.55 5.33 13.47
C PHE B 556 9.76 6.63 12.70
N MET B 557 9.37 7.75 13.32
CA MET B 557 9.40 9.02 12.61
C MET B 557 10.78 9.64 12.69
N THR B 558 11.13 10.38 11.63
CA THR B 558 12.40 11.09 11.53
C THR B 558 12.14 12.51 11.06
N ALA B 559 13.13 13.38 11.27
CA ALA B 559 13.13 14.65 10.58
C ALA B 559 13.02 14.41 9.06
N PHE B 560 12.40 15.35 8.36
CA PHE B 560 12.14 15.17 6.94
C PHE B 560 13.44 15.15 6.15
N GLY B 561 13.50 14.25 5.16
CA GLY B 561 14.66 14.15 4.27
C GLY B 561 14.39 13.16 3.16
N LEU B 562 15.13 13.31 2.06
CA LEU B 562 14.83 12.58 0.83
C LEU B 562 15.12 11.09 0.90
N LYS B 563 15.75 10.62 1.98
CA LYS B 563 15.99 9.20 2.17
C LYS B 563 15.03 8.58 3.16
N ARG B 564 14.05 9.35 3.64
CA ARG B 564 13.19 8.94 4.76
C ARG B 564 11.73 8.97 4.29
N VAL B 565 11.20 7.82 3.85
CA VAL B 565 9.84 7.73 3.32
C VAL B 565 8.86 7.78 4.49
N ASP B 566 8.34 8.97 4.79
CA ASP B 566 7.54 9.18 6.01
C ASP B 566 8.23 8.55 7.23
N GLY B 567 9.53 8.78 7.34
CA GLY B 567 10.30 8.34 8.48
C GLY B 567 11.26 7.21 8.15
N ASN B 568 11.69 6.51 9.19
CA ASN B 568 12.64 5.42 9.03
C ASN B 568 11.85 4.12 8.87
N LYS B 569 12.12 3.42 7.77
CA LYS B 569 11.39 2.20 7.42
C LYS B 569 12.21 0.93 7.64
N LYS B 570 13.29 1.01 8.43
CA LYS B 570 14.09 -0.18 8.73
C LYS B 570 13.43 -1.08 9.77
N GLY B 571 12.25 -0.71 10.28
CA GLY B 571 11.54 -1.57 11.21
C GLY B 571 11.35 -2.99 10.71
N ILE B 572 11.55 -3.96 11.62
CA ILE B 572 11.13 -5.34 11.37
C ILE B 572 9.62 -5.42 11.50
N PHE B 573 9.04 -4.57 12.34
CA PHE B 573 7.60 -4.40 12.45
C PHE B 573 7.18 -3.03 11.92
N THR B 574 5.93 -2.90 11.52
CA THR B 574 5.44 -1.58 11.12
C THR B 574 5.30 -0.69 12.34
N ARG B 575 5.01 0.60 12.10
CA ARG B 575 4.79 1.50 13.22
C ARG B 575 3.60 1.04 14.04
N GLU B 576 2.67 0.31 13.41
CA GLU B 576 1.49 -0.20 14.08
C GLU B 576 1.69 -1.62 14.60
N ARG B 577 2.94 -2.07 14.69
CA ARG B 577 3.30 -3.31 15.41
C ARG B 577 2.79 -4.55 14.69
N GLN B 578 2.92 -4.58 13.37
CA GLN B 578 2.67 -5.80 12.61
C GLN B 578 3.92 -6.18 11.83
N PRO B 579 4.22 -7.47 11.71
CA PRO B 579 5.49 -7.90 11.11
C PRO B 579 5.53 -7.80 9.59
N LYS B 580 6.69 -7.44 9.04
CA LYS B 580 7.00 -7.66 7.64
C LYS B 580 7.56 -9.08 7.49
N THR B 581 7.86 -9.51 6.25
CA THR B 581 8.24 -10.91 6.03
C THR B 581 9.48 -11.31 6.82
N ALA B 582 10.50 -10.44 6.87
CA ALA B 582 11.74 -10.81 7.54
C ALA B 582 11.52 -11.20 9.00
N ALA B 583 10.50 -10.64 9.65
CA ALA B 583 10.25 -10.97 11.04
C ALA B 583 10.14 -12.48 11.25
N PHE B 584 9.52 -13.17 10.29
CA PHE B 584 9.27 -14.60 10.45
C PHE B 584 10.55 -15.40 10.30
N ALA B 585 11.44 -14.97 9.41
CA ALA B 585 12.74 -15.63 9.28
C ALA B 585 13.60 -15.36 10.51
N ILE B 586 13.61 -14.11 10.99
CA ILE B 586 14.36 -13.78 12.20
C ILE B 586 13.88 -14.65 13.36
N ARG B 587 12.56 -14.80 13.51
CA ARG B 587 12.02 -15.63 14.58
C ARG B 587 12.58 -17.05 14.53
N GLU B 588 12.59 -17.66 13.34
CA GLU B 588 13.07 -19.04 13.22
C GLU B 588 14.53 -19.15 13.66
N ARG B 589 15.35 -18.17 13.31
CA ARG B 589 16.73 -18.19 13.80
C ARG B 589 16.78 -18.01 15.33
N TRP B 590 16.21 -16.92 15.85
CA TRP B 590 16.41 -16.63 17.27
C TRP B 590 15.75 -17.67 18.17
N ARG B 591 14.62 -18.25 17.76
CA ARG B 591 13.99 -19.25 18.61
C ARG B 591 14.79 -20.56 18.64
N LYS B 592 15.66 -20.80 17.67
CA LYS B 592 16.50 -21.99 17.72
C LYS B 592 17.84 -21.75 18.40
N MET B 593 18.19 -20.49 18.69
CA MET B 593 19.35 -20.18 19.51
C MET B 593 18.95 -20.16 20.98
N ASP C 9 -10.34 -26.98 -40.81
CA ASP C 9 -8.92 -26.70 -41.04
C ASP C 9 -8.46 -25.48 -40.26
N MET C 10 -7.50 -25.67 -39.37
CA MET C 10 -7.03 -24.55 -38.56
C MET C 10 -5.56 -24.75 -38.23
N LEU C 11 -4.77 -25.05 -39.25
CA LEU C 11 -3.34 -25.12 -39.05
C LEU C 11 -2.80 -23.73 -38.73
N PHE C 12 -1.86 -23.67 -37.81
CA PHE C 12 -1.29 -22.38 -37.44
C PHE C 12 -0.51 -21.82 -38.62
N PRO C 13 -0.71 -20.56 -38.98
CA PRO C 13 -0.01 -20.00 -40.15
C PRO C 13 1.50 -19.99 -39.95
N VAL C 14 2.22 -20.17 -41.06
CA VAL C 14 3.67 -20.28 -41.04
C VAL C 14 4.27 -19.44 -42.17
N ASP C 15 5.52 -19.03 -41.96
CA ASP C 15 6.33 -18.36 -42.97
C ASP C 15 7.38 -19.35 -43.47
N ASN C 16 7.49 -19.49 -44.79
CA ASN C 16 8.59 -20.25 -45.36
C ASN C 16 8.79 -19.77 -46.79
N GLU C 17 9.39 -20.61 -47.64
CA GLU C 17 9.63 -20.20 -49.02
C GLU C 17 8.33 -20.09 -49.82
N ALA C 18 7.27 -20.77 -49.37
CA ALA C 18 6.01 -20.89 -50.11
C ALA C 18 4.83 -20.15 -49.48
N ARG C 19 4.88 -19.89 -48.18
CA ARG C 19 3.77 -19.26 -47.47
C ARG C 19 4.28 -18.02 -46.75
N GLN C 20 3.44 -17.00 -46.66
CA GLN C 20 3.86 -15.75 -46.05
C GLN C 20 2.73 -15.20 -45.21
N ILE C 21 3.11 -14.53 -44.11
CA ILE C 21 2.18 -13.95 -43.16
C ILE C 21 2.35 -12.43 -43.18
N LYS C 22 1.23 -11.72 -43.21
CA LYS C 22 1.21 -10.29 -43.01
C LYS C 22 0.41 -10.00 -41.74
N GLU C 23 1.06 -9.45 -40.73
CA GLU C 23 0.37 -9.07 -39.50
C GLU C 23 -0.42 -7.78 -39.69
N LEU C 24 -1.65 -7.75 -39.20
CA LEU C 24 -2.53 -6.60 -39.30
C LEU C 24 -2.84 -6.02 -37.91
N ASN C 25 -1.84 -5.94 -37.04
CA ASN C 25 -2.13 -5.50 -35.68
C ASN C 25 -2.03 -3.97 -35.59
N GLY C 26 -1.18 -3.43 -34.72
CA GLY C 26 -1.01 -1.99 -34.64
C GLY C 26 -2.22 -1.27 -34.06
N ILE C 27 -2.52 -0.10 -34.62
CA ILE C 27 -3.53 0.81 -34.10
C ILE C 27 -4.65 0.90 -35.12
N TRP C 28 -5.85 0.50 -34.73
CA TRP C 28 -7.04 0.58 -35.56
C TRP C 28 -7.86 1.80 -35.16
N LYS C 29 -8.85 2.10 -35.99
CA LYS C 29 -9.89 3.06 -35.62
C LYS C 29 -11.05 2.30 -34.97
N PHE C 30 -11.80 3.01 -34.13
CA PHE C 30 -12.70 2.35 -33.20
C PHE C 30 -13.84 3.28 -32.83
N LYS C 31 -15.02 2.70 -32.71
CA LYS C 31 -16.15 3.47 -32.23
C LYS C 31 -17.21 2.51 -31.71
N ARG C 32 -17.88 2.89 -30.64
CA ARG C 32 -18.93 2.07 -30.08
C ARG C 32 -20.31 2.51 -30.57
N ASP C 33 -21.25 1.58 -30.49
CA ASP C 33 -22.66 1.90 -30.63
C ASP C 33 -23.14 2.80 -29.49
N ASN C 34 -23.98 3.78 -29.84
CA ASN C 34 -24.65 4.61 -28.84
C ASN C 34 -26.03 4.08 -28.47
N TYR C 35 -26.60 3.19 -29.27
CA TYR C 35 -27.76 2.42 -28.87
C TYR C 35 -27.61 1.04 -29.48
N TYR C 36 -28.43 0.11 -29.03
CA TYR C 36 -28.26 -1.30 -29.40
C TYR C 36 -28.29 -1.48 -30.91
N LYS C 37 -27.23 -2.07 -31.45
CA LYS C 37 -27.10 -2.43 -32.87
C LYS C 37 -27.12 -1.21 -33.80
N GLN C 38 -26.71 -0.04 -33.29
CA GLN C 38 -26.77 1.17 -34.08
C GLN C 38 -25.98 1.05 -35.38
N GLY C 39 -24.76 0.53 -35.31
CA GLY C 39 -23.94 0.43 -36.52
C GLY C 39 -24.55 -0.48 -37.57
N PHE C 40 -25.20 -1.56 -37.14
CA PHE C 40 -25.89 -2.43 -38.09
C PHE C 40 -27.06 -1.70 -38.74
N GLU C 41 -27.86 -0.99 -37.94
CA GLU C 41 -29.06 -0.39 -38.51
C GLU C 41 -28.76 0.89 -39.28
N GLU C 42 -27.70 1.62 -38.94
CA GLU C 42 -27.25 2.73 -39.76
C GLU C 42 -26.26 2.32 -40.85
N LYS C 43 -25.93 1.03 -40.93
CA LYS C 43 -25.03 0.47 -41.96
C LYS C 43 -23.70 1.21 -42.02
N TRP C 44 -23.03 1.25 -40.87
CA TRP C 44 -21.74 1.95 -40.75
C TRP C 44 -20.66 1.30 -41.61
N PHE C 45 -20.75 -0.01 -41.83
CA PHE C 45 -19.73 -0.71 -42.61
C PHE C 45 -19.66 -0.24 -44.06
N GLU C 46 -20.71 0.43 -44.57
CA GLU C 46 -20.75 0.76 -46.00
C GLU C 46 -19.78 1.86 -46.38
N LYS C 47 -19.33 2.67 -45.43
CA LYS C 47 -18.36 3.72 -45.66
C LYS C 47 -17.38 3.70 -44.50
N PRO C 48 -16.20 4.29 -44.66
CA PRO C 48 -15.25 4.33 -43.54
C PRO C 48 -15.91 4.88 -42.28
N LEU C 49 -15.44 4.40 -41.14
CA LEU C 49 -15.99 4.83 -39.86
C LEU C 49 -15.75 6.32 -39.64
N GLU C 50 -16.73 7.00 -39.06
CA GLU C 50 -16.61 8.41 -38.73
C GLU C 50 -16.73 8.60 -37.23
N ASP C 51 -16.10 9.67 -36.74
CA ASP C 51 -16.01 10.01 -35.33
C ASP C 51 -15.48 8.82 -34.50
N VAL C 52 -14.16 8.66 -34.56
CA VAL C 52 -13.51 7.46 -34.11
C VAL C 52 -12.40 7.86 -33.11
N ILE C 53 -11.92 6.86 -32.36
CA ILE C 53 -10.74 6.99 -31.52
C ILE C 53 -9.75 5.91 -31.94
N ASP C 54 -8.55 5.95 -31.37
CA ASP C 54 -7.58 4.89 -31.64
C ASP C 54 -7.74 3.75 -30.65
N MET C 55 -7.55 2.52 -31.14
CA MET C 55 -7.64 1.37 -30.27
C MET C 55 -6.56 0.38 -30.70
N PRO C 56 -5.69 -0.05 -29.78
CA PRO C 56 -4.66 -1.03 -30.15
C PRO C 56 -5.28 -2.40 -30.39
N VAL C 57 -4.63 -3.14 -31.28
CA VAL C 57 -4.96 -4.55 -31.55
C VAL C 57 -3.64 -5.32 -31.56
N PRO C 58 -3.52 -6.43 -30.81
CA PRO C 58 -4.53 -7.04 -29.94
C PRO C 58 -4.61 -6.40 -28.54
N SER C 59 -5.82 -6.34 -27.95
CA SER C 59 -6.06 -5.77 -26.64
C SER C 59 -7.57 -5.83 -26.39
N SER C 60 -7.97 -5.84 -25.13
CA SER C 60 -9.35 -5.47 -24.87
C SER C 60 -9.49 -3.97 -25.03
N TYR C 61 -10.71 -3.51 -25.31
CA TYR C 61 -10.95 -2.07 -25.34
C TYR C 61 -11.33 -1.46 -23.99
N ASN C 62 -11.63 -2.28 -22.96
CA ASN C 62 -12.34 -1.76 -21.79
C ASN C 62 -11.46 -0.90 -20.87
N ASP C 63 -10.17 -1.21 -20.75
CA ASP C 63 -9.33 -0.48 -19.80
C ASP C 63 -8.40 0.51 -20.50
N ILE C 64 -8.61 0.78 -21.78
CA ILE C 64 -7.73 1.67 -22.52
C ILE C 64 -8.10 3.13 -22.27
N THR C 65 -9.40 3.46 -22.25
CA THR C 65 -9.81 4.86 -22.18
C THR C 65 -10.10 5.28 -20.73
N THR C 66 -10.37 6.57 -20.56
CA THR C 66 -10.75 7.13 -19.28
C THR C 66 -12.25 7.17 -19.09
N ASP C 67 -12.98 6.56 -20.01
CA ASP C 67 -14.41 6.70 -20.17
C ASP C 67 -15.13 5.50 -19.55
N GLN C 68 -15.91 5.73 -18.50
CA GLN C 68 -16.66 4.65 -17.87
C GLN C 68 -17.70 4.02 -18.81
N GLU C 69 -18.33 4.83 -19.67
CA GLU C 69 -19.37 4.29 -20.52
C GLU C 69 -18.82 3.23 -21.48
N LEU C 70 -17.56 3.38 -21.92
CA LEU C 70 -16.97 2.38 -22.78
C LEU C 70 -16.55 1.13 -21.99
N ARG C 71 -15.92 1.33 -20.83
CA ARG C 71 -15.52 0.21 -19.98
C ARG C 71 -16.69 -0.74 -19.74
N ASP C 72 -17.87 -0.18 -19.42
CA ASP C 72 -19.06 -0.94 -19.07
C ASP C 72 -20.00 -1.16 -20.25
N HIS C 73 -19.55 -0.93 -21.48
CA HIS C 73 -20.39 -1.04 -22.66
C HIS C 73 -21.05 -2.42 -22.76
N VAL C 74 -22.33 -2.40 -23.14
CA VAL C 74 -23.08 -3.62 -23.44
C VAL C 74 -23.52 -3.55 -24.90
N GLY C 75 -23.12 -4.55 -25.69
CA GLY C 75 -23.51 -4.58 -27.10
C GLY C 75 -22.34 -4.64 -28.04
N TRP C 76 -22.35 -3.82 -29.10
CA TRP C 76 -21.39 -3.93 -30.19
C TRP C 76 -20.50 -2.70 -30.27
N VAL C 77 -19.27 -2.90 -30.73
CA VAL C 77 -18.36 -1.82 -31.09
C VAL C 77 -17.79 -2.13 -32.48
N TRP C 78 -17.15 -1.13 -33.07
CA TRP C 78 -16.72 -1.19 -34.46
C TRP C 78 -15.25 -0.85 -34.58
N TYR C 79 -14.50 -1.73 -35.25
CA TYR C 79 -13.07 -1.58 -35.51
C TYR C 79 -12.85 -1.43 -37.02
N GLU C 80 -11.84 -0.65 -37.39
CA GLU C 80 -11.54 -0.53 -38.82
C GLU C 80 -10.07 -0.19 -39.04
N ARG C 81 -9.47 -0.82 -40.05
CA ARG C 81 -8.18 -0.40 -40.58
C ARG C 81 -8.14 -0.70 -42.07
N LYS C 82 -7.08 -0.23 -42.71
CA LYS C 82 -6.76 -0.54 -44.09
C LYS C 82 -5.65 -1.60 -44.15
N PHE C 83 -5.64 -2.39 -45.22
CA PHE C 83 -4.52 -3.27 -45.47
C PHE C 83 -4.26 -3.36 -46.96
N ALA C 84 -3.03 -3.74 -47.31
CA ALA C 84 -2.59 -3.82 -48.69
C ALA C 84 -2.34 -5.27 -49.10
N VAL C 85 -2.69 -5.58 -50.34
CA VAL C 85 -2.26 -6.82 -50.99
C VAL C 85 -1.16 -6.45 -51.98
N PRO C 86 0.05 -6.98 -51.84
CA PRO C 86 1.11 -6.60 -52.77
C PRO C 86 0.90 -7.23 -54.14
N ARG C 87 1.44 -6.56 -55.16
CA ARG C 87 1.47 -7.12 -56.52
C ARG C 87 2.04 -8.53 -56.53
N LEU C 88 3.06 -8.77 -55.71
CA LEU C 88 3.74 -10.06 -55.66
C LEU C 88 2.87 -11.21 -55.15
N TRP C 89 1.70 -10.94 -54.57
CA TRP C 89 0.80 -12.01 -54.14
C TRP C 89 -0.23 -12.38 -55.21
N LYS C 90 -0.05 -11.85 -56.43
CA LYS C 90 -1.02 -11.91 -57.53
C LYS C 90 -1.77 -13.23 -57.71
N ASP C 91 -1.07 -14.36 -57.64
CA ASP C 91 -1.73 -15.62 -57.95
C ASP C 91 -1.81 -16.57 -56.75
N GLN C 92 -1.75 -16.05 -55.53
CA GLN C 92 -1.79 -16.91 -54.35
C GLN C 92 -3.21 -17.02 -53.79
N ARG C 93 -3.43 -18.03 -52.97
CA ARG C 93 -4.63 -18.08 -52.15
C ARG C 93 -4.42 -17.14 -50.97
N LEU C 94 -5.42 -16.29 -50.70
CA LEU C 94 -5.34 -15.26 -49.66
C LEU C 94 -6.34 -15.57 -48.56
N VAL C 95 -5.86 -15.60 -47.31
CA VAL C 95 -6.67 -15.96 -46.15
C VAL C 95 -6.53 -14.89 -45.09
N LEU C 96 -7.67 -14.42 -44.57
CA LEU C 96 -7.72 -13.52 -43.42
C LEU C 96 -8.03 -14.34 -42.19
N ARG C 97 -7.11 -14.34 -41.22
CA ARG C 97 -7.27 -15.10 -39.99
C ARG C 97 -7.39 -14.20 -38.78
N PHE C 98 -8.38 -14.46 -37.91
CA PHE C 98 -8.48 -13.81 -36.61
C PHE C 98 -8.13 -14.85 -35.55
N GLY C 99 -7.13 -14.56 -34.72
CA GLY C 99 -6.81 -15.46 -33.62
C GLY C 99 -7.98 -15.62 -32.67
N SER C 100 -8.71 -14.54 -32.42
CA SER C 100 -9.97 -14.55 -31.70
C SER C 100 -10.60 -13.16 -31.78
N VAL C 101 -11.91 -13.12 -31.59
CA VAL C 101 -12.69 -11.89 -31.44
C VAL C 101 -13.70 -12.17 -30.34
N THR C 102 -13.68 -11.37 -29.28
CA THR C 102 -14.43 -11.68 -28.07
C THR C 102 -15.59 -10.69 -27.93
N HIS C 103 -16.83 -11.18 -28.01
CA HIS C 103 -17.22 -12.58 -28.15
C HIS C 103 -17.72 -12.95 -29.54
N HIS C 104 -18.35 -11.99 -30.22
CA HIS C 104 -19.02 -12.22 -31.49
C HIS C 104 -18.47 -11.26 -32.53
N ALA C 105 -18.37 -11.73 -33.77
CA ALA C 105 -17.74 -10.97 -34.84
C ALA C 105 -18.61 -10.98 -36.08
N VAL C 106 -18.58 -9.86 -36.81
CA VAL C 106 -19.02 -9.78 -38.20
C VAL C 106 -17.93 -9.06 -38.95
N ILE C 107 -17.40 -9.69 -39.99
CA ILE C 107 -16.24 -9.17 -40.72
C ILE C 107 -16.71 -8.62 -42.05
N TYR C 108 -16.27 -7.39 -42.36
CA TYR C 108 -16.60 -6.73 -43.62
C TYR C 108 -15.32 -6.41 -44.37
N LEU C 109 -15.33 -6.68 -45.68
CA LEU C 109 -14.21 -6.37 -46.56
C LEU C 109 -14.72 -5.40 -47.62
N ASN C 110 -14.12 -4.21 -47.65
CA ASN C 110 -14.53 -3.16 -48.59
C ASN C 110 -16.05 -2.96 -48.56
N GLY C 111 -16.63 -3.03 -47.36
CA GLY C 111 -18.02 -2.72 -47.16
C GLY C 111 -18.98 -3.86 -47.39
N LYS C 112 -18.50 -5.07 -47.65
CA LYS C 112 -19.35 -6.24 -47.83
C LYS C 112 -19.02 -7.29 -46.77
N GLU C 113 -20.08 -7.87 -46.20
CA GLU C 113 -19.90 -8.87 -45.16
C GLU C 113 -19.31 -10.14 -45.74
N ILE C 114 -18.24 -10.64 -45.13
CA ILE C 114 -17.59 -11.84 -45.63
C ILE C 114 -17.62 -13.00 -44.65
N THR C 115 -17.75 -12.77 -43.34
CA THR C 115 -17.94 -13.89 -42.43
C THR C 115 -18.48 -13.39 -41.10
N ARG C 116 -18.92 -14.34 -40.28
CA ARG C 116 -19.35 -14.09 -38.92
C ARG C 116 -18.76 -15.17 -38.04
N HIS C 117 -18.83 -14.93 -36.73
CA HIS C 117 -18.29 -15.91 -35.82
C HIS C 117 -18.89 -15.71 -34.44
N LYS C 118 -19.18 -16.82 -33.79
CA LYS C 118 -19.69 -16.87 -32.43
C LYS C 118 -18.65 -17.59 -31.59
N GLY C 119 -18.18 -16.96 -30.52
CA GLY C 119 -17.21 -17.57 -29.63
C GLY C 119 -15.96 -16.72 -29.47
N GLY C 120 -15.62 -16.34 -28.23
CA GLY C 120 -14.56 -15.37 -28.11
C GLY C 120 -13.15 -15.86 -27.89
N PHE C 121 -12.85 -17.16 -28.03
CA PHE C 121 -11.55 -17.66 -27.61
C PHE C 121 -10.93 -18.68 -28.54
N LEU C 122 -11.42 -18.76 -29.78
CA LEU C 122 -10.96 -19.71 -30.78
C LEU C 122 -10.87 -19.01 -32.13
N PRO C 123 -9.93 -19.42 -32.97
CA PRO C 123 -9.67 -18.68 -34.21
C PRO C 123 -10.71 -18.98 -35.28
N PHE C 124 -10.74 -18.09 -36.28
CA PHE C 124 -11.54 -18.32 -37.47
C PHE C 124 -10.90 -17.59 -38.63
N GLU C 125 -11.25 -17.99 -39.86
CA GLU C 125 -10.62 -17.40 -41.02
C GLU C 125 -11.62 -17.31 -42.17
N ALA C 126 -11.23 -16.55 -43.19
CA ALA C 126 -12.06 -16.30 -44.37
C ALA C 126 -11.14 -16.30 -45.58
N ASP C 127 -11.46 -17.12 -46.58
CA ASP C 127 -10.72 -17.08 -47.84
C ASP C 127 -11.13 -15.84 -48.60
N VAL C 128 -10.18 -14.92 -48.83
CA VAL C 128 -10.50 -13.67 -49.51
C VAL C 128 -9.82 -13.59 -50.89
N THR C 129 -9.40 -14.73 -51.44
CA THR C 129 -8.69 -14.76 -52.71
C THR C 129 -9.46 -14.01 -53.81
N GLU C 130 -10.77 -14.19 -53.87
CA GLU C 130 -11.55 -13.63 -54.97
C GLU C 130 -12.07 -12.22 -54.69
N MET C 131 -11.98 -11.71 -53.47
CA MET C 131 -12.63 -10.46 -53.11
C MET C 131 -11.66 -9.33 -52.80
N ALA C 132 -10.45 -9.63 -52.36
CA ALA C 132 -9.49 -8.58 -52.01
C ALA C 132 -8.90 -7.97 -53.27
N ASN C 133 -8.75 -6.65 -53.27
CA ASN C 133 -8.08 -5.96 -54.36
C ASN C 133 -6.59 -5.91 -54.12
N GLU C 134 -5.84 -5.89 -55.21
CA GLU C 134 -4.46 -5.46 -55.14
C GLU C 134 -4.41 -4.06 -54.54
N GLY C 135 -3.37 -3.77 -53.77
CA GLY C 135 -3.31 -2.49 -53.11
C GLY C 135 -4.23 -2.42 -51.91
N GLU C 136 -4.88 -1.27 -51.72
CA GLU C 136 -5.56 -0.94 -50.48
C GLU C 136 -6.91 -1.62 -50.35
N ASN C 137 -7.20 -2.12 -49.15
CA ASN C 137 -8.48 -2.72 -48.81
C ASN C 137 -8.93 -2.17 -47.46
N ARG C 138 -10.23 -2.21 -47.20
CA ARG C 138 -10.79 -1.67 -45.96
C ARG C 138 -11.39 -2.84 -45.18
N LEU C 139 -10.90 -3.06 -43.96
CA LEU C 139 -11.33 -4.14 -43.09
C LEU C 139 -12.14 -3.55 -41.94
N THR C 140 -13.38 -4.03 -41.77
CA THR C 140 -14.26 -3.53 -40.72
C THR C 140 -14.77 -4.70 -39.92
N VAL C 141 -14.68 -4.61 -38.61
CA VAL C 141 -15.02 -5.71 -37.72
C VAL C 141 -15.96 -5.19 -36.63
N ALA C 142 -17.19 -5.71 -36.62
CA ALA C 142 -18.11 -5.47 -35.52
C ALA C 142 -17.83 -6.50 -34.44
N VAL C 143 -17.72 -6.04 -33.19
CA VAL C 143 -17.35 -6.88 -32.05
C VAL C 143 -18.45 -6.77 -31.00
N GLY C 144 -19.10 -7.88 -30.70
CA GLY C 144 -20.20 -7.92 -29.75
C GLY C 144 -19.83 -8.70 -28.51
N ASN C 145 -20.31 -8.23 -27.35
CA ASN C 145 -19.94 -8.82 -26.07
C ASN C 145 -21.11 -9.41 -25.30
N ILE C 146 -22.28 -9.51 -25.91
CA ILE C 146 -23.45 -10.04 -25.22
C ILE C 146 -23.37 -11.55 -25.13
N LEU C 147 -23.57 -12.09 -23.92
CA LEU C 147 -23.62 -13.52 -23.69
C LEU C 147 -25.03 -13.94 -23.35
N GLU C 148 -25.51 -14.98 -24.01
CA GLU C 148 -26.82 -15.55 -23.76
C GLU C 148 -26.68 -17.00 -23.30
N TRP C 149 -27.83 -17.65 -23.09
CA TRP C 149 -27.89 -18.96 -22.48
C TRP C 149 -27.27 -20.04 -23.37
N ASP C 150 -27.11 -19.77 -24.66
CA ASP C 150 -26.48 -20.70 -25.58
C ASP C 150 -25.14 -20.18 -26.08
N CYS C 151 -24.49 -19.34 -25.28
CA CYS C 151 -23.14 -18.90 -25.49
C CYS C 151 -22.23 -19.60 -24.49
N LEU C 152 -20.92 -19.57 -24.76
CA LEU C 152 -19.93 -20.08 -23.82
C LEU C 152 -18.81 -19.04 -23.75
N PRO C 153 -18.60 -18.40 -22.59
CA PRO C 153 -19.32 -18.56 -21.32
C PRO C 153 -20.82 -18.25 -21.41
N VAL C 154 -21.55 -18.76 -20.45
CA VAL C 154 -22.99 -18.56 -20.37
C VAL C 154 -23.30 -17.22 -19.70
N GLY C 155 -24.28 -16.49 -20.22
CA GLY C 155 -24.83 -15.34 -19.53
C GLY C 155 -26.25 -15.07 -19.98
N HIS C 156 -26.83 -13.92 -19.60
CA HIS C 156 -28.12 -13.53 -20.15
C HIS C 156 -28.36 -12.05 -19.89
N ILE C 157 -29.28 -11.48 -20.68
CA ILE C 157 -29.61 -10.06 -20.65
C ILE C 157 -30.88 -9.85 -19.83
N GLU C 158 -30.88 -8.81 -18.99
CA GLU C 158 -32.06 -8.35 -18.28
C GLU C 158 -32.28 -6.86 -18.53
N TYR C 159 -33.52 -6.41 -18.33
CA TYR C 159 -33.88 -4.99 -18.50
C TYR C 159 -34.34 -4.35 -17.19
N MET C 170 -30.75 -2.32 -20.72
CA MET C 170 -30.05 -3.57 -21.06
C MET C 170 -28.83 -3.84 -20.14
N GLU C 171 -28.92 -4.88 -19.31
CA GLU C 171 -27.86 -5.23 -18.39
C GLU C 171 -27.39 -6.66 -18.64
N GLN C 172 -26.06 -6.85 -18.67
CA GLN C 172 -25.50 -8.19 -18.80
C GLN C 172 -25.40 -8.88 -17.44
N LYS C 173 -25.99 -10.07 -17.34
CA LYS C 173 -25.90 -10.91 -16.16
C LYS C 173 -25.07 -12.14 -16.51
N PHE C 174 -24.30 -12.63 -15.54
CA PHE C 174 -23.58 -13.90 -15.64
C PHE C 174 -23.08 -14.27 -14.26
N ASP C 175 -22.65 -15.52 -14.12
CA ASP C 175 -22.23 -16.01 -12.80
C ASP C 175 -20.76 -16.37 -12.70
N PHE C 176 -19.99 -16.32 -13.77
CA PHE C 176 -18.57 -16.54 -13.65
C PHE C 176 -17.88 -15.33 -13.01
N ASP C 177 -16.67 -15.58 -12.53
CA ASP C 177 -15.89 -14.64 -11.74
C ASP C 177 -14.64 -14.24 -12.50
N PHE C 178 -14.86 -13.50 -13.60
CA PHE C 178 -13.82 -12.75 -14.29
C PHE C 178 -14.51 -11.69 -15.17
N PHE C 179 -13.84 -10.54 -15.32
CA PHE C 179 -14.41 -9.41 -16.05
C PHE C 179 -14.69 -9.78 -17.52
N ASN C 180 -15.85 -9.33 -18.03
CA ASN C 180 -16.26 -9.70 -19.39
C ASN C 180 -15.62 -8.75 -20.41
N TYR C 181 -14.29 -8.83 -20.47
CA TYR C 181 -13.52 -8.04 -21.43
C TYR C 181 -13.96 -8.37 -22.84
N SER C 182 -13.90 -7.37 -23.71
CA SER C 182 -14.27 -7.55 -25.11
C SER C 182 -13.25 -6.86 -25.97
N GLY C 183 -13.13 -7.32 -27.21
CA GLY C 183 -12.22 -6.69 -28.16
C GLY C 183 -11.60 -7.72 -29.07
N ILE C 184 -10.48 -7.34 -29.69
CA ILE C 184 -9.73 -8.24 -30.58
C ILE C 184 -8.45 -8.58 -29.83
N HIS C 185 -8.48 -9.71 -29.12
CA HIS C 185 -7.47 -10.06 -28.13
C HIS C 185 -6.25 -10.74 -28.72
N ARG C 186 -6.33 -11.21 -29.96
CA ARG C 186 -5.24 -12.00 -30.54
C ARG C 186 -4.92 -11.51 -31.93
N PRO C 187 -3.72 -11.81 -32.42
CA PRO C 187 -3.28 -11.23 -33.70
C PRO C 187 -4.24 -11.48 -34.85
N VAL C 188 -4.38 -10.46 -35.70
CA VAL C 188 -5.07 -10.56 -36.97
C VAL C 188 -4.00 -10.73 -38.04
N ARG C 189 -4.17 -11.73 -38.90
CA ARG C 189 -3.15 -12.07 -39.90
C ARG C 189 -3.80 -12.24 -41.26
N LEU C 190 -3.25 -11.56 -42.26
CA LEU C 190 -3.50 -11.90 -43.66
C LEU C 190 -2.35 -12.79 -44.15
N TYR C 191 -2.66 -13.97 -44.65
CA TYR C 191 -1.60 -14.84 -45.12
C TYR C 191 -1.91 -15.45 -46.50
N CYS C 192 -0.84 -15.85 -47.20
CA CYS C 192 -0.95 -16.45 -48.50
C CYS C 192 -0.37 -17.86 -48.51
N THR C 193 -0.99 -18.74 -49.32
CA THR C 193 -0.51 -20.07 -49.66
C THR C 193 -0.67 -20.31 -51.15
N PRO C 194 -0.04 -21.34 -51.70
CA PRO C 194 -0.38 -21.76 -53.06
C PRO C 194 -1.84 -22.18 -53.16
N LYS C 195 -2.36 -22.21 -54.39
CA LYS C 195 -3.76 -22.57 -54.59
C LYS C 195 -4.01 -24.06 -54.37
N GLU C 196 -3.00 -24.90 -54.51
CA GLU C 196 -3.08 -26.30 -54.08
C GLU C 196 -2.18 -26.44 -52.86
N TYR C 197 -2.76 -26.88 -51.74
CA TYR C 197 -2.11 -26.61 -50.46
C TYR C 197 -2.51 -27.63 -49.41
N ILE C 198 -1.70 -27.67 -48.35
CA ILE C 198 -1.93 -28.57 -47.22
C ILE C 198 -2.97 -27.93 -46.30
N GLU C 199 -4.06 -28.67 -46.04
CA GLU C 199 -5.24 -28.20 -45.32
C GLU C 199 -5.24 -28.59 -43.85
N ASP C 200 -4.97 -29.86 -43.53
CA ASP C 200 -5.02 -30.33 -42.15
C ASP C 200 -3.97 -31.41 -41.94
N ILE C 201 -3.51 -31.53 -40.71
CA ILE C 201 -2.53 -32.53 -40.31
C ILE C 201 -2.93 -33.05 -38.93
N SER C 202 -2.87 -34.37 -38.75
CA SER C 202 -3.06 -35.01 -37.46
C SER C 202 -1.91 -35.96 -37.21
N VAL C 203 -1.39 -35.94 -35.98
CA VAL C 203 -0.27 -36.77 -35.55
C VAL C 203 -0.64 -37.44 -34.23
N ARG C 204 -0.47 -38.76 -34.17
CA ARG C 204 -0.57 -39.53 -32.94
C ARG C 204 0.72 -40.33 -32.82
N THR C 205 1.14 -40.59 -31.58
CA THR C 205 2.38 -41.29 -31.34
C THR C 205 2.17 -42.44 -30.35
N THR C 206 2.93 -43.51 -30.57
CA THR C 206 3.08 -44.61 -29.61
C THR C 206 4.56 -44.81 -29.34
N VAL C 207 4.88 -45.51 -28.25
CA VAL C 207 6.27 -45.78 -27.90
C VAL C 207 6.45 -47.26 -27.64
N ASP C 208 7.56 -47.82 -28.12
CA ASP C 208 7.91 -49.22 -27.93
C ASP C 208 9.36 -49.30 -27.45
N ASP C 209 9.53 -49.45 -26.14
CA ASP C 209 10.85 -49.38 -25.52
C ASP C 209 11.48 -48.04 -25.86
N LYS C 210 12.50 -48.04 -26.72
CA LYS C 210 13.20 -46.83 -27.11
C LYS C 210 12.73 -46.28 -28.45
N ASP C 211 11.66 -46.81 -29.02
CA ASP C 211 11.29 -46.53 -30.41
C ASP C 211 9.92 -45.87 -30.48
N GLY C 212 9.87 -44.74 -31.20
CA GLY C 212 8.60 -44.08 -31.45
C GLY C 212 8.03 -44.52 -32.79
N MET C 213 6.70 -44.65 -32.81
CA MET C 213 5.95 -44.79 -34.04
C MET C 213 5.10 -43.54 -34.21
N VAL C 214 5.28 -42.84 -35.33
CA VAL C 214 4.53 -41.62 -35.62
C VAL C 214 3.43 -41.97 -36.61
N HIS C 215 2.17 -41.93 -36.15
CA HIS C 215 1.01 -42.06 -37.02
C HIS C 215 0.61 -40.66 -37.49
N TYR C 216 0.56 -40.46 -38.81
CA TYR C 216 0.12 -39.17 -39.34
C TYR C 216 -0.88 -39.33 -40.46
N GLU C 217 -1.57 -38.24 -40.74
CA GLU C 217 -2.64 -38.19 -41.72
C GLU C 217 -2.68 -36.76 -42.23
N ILE C 218 -2.30 -36.55 -43.50
CA ILE C 218 -2.25 -35.23 -44.12
C ILE C 218 -3.38 -35.13 -45.12
N LYS C 219 -4.10 -34.02 -45.08
CA LYS C 219 -5.19 -33.76 -46.01
C LYS C 219 -4.85 -32.51 -46.83
N THR C 220 -5.08 -32.59 -48.14
CA THR C 220 -4.76 -31.50 -49.04
C THR C 220 -5.96 -31.15 -49.91
N ASN C 221 -5.70 -30.18 -50.78
CA ASN C 221 -6.60 -29.54 -51.72
C ASN C 221 -6.76 -30.32 -53.02
N ALA C 222 -5.90 -31.30 -53.28
CA ALA C 222 -5.84 -32.04 -54.53
C ALA C 222 -5.14 -33.38 -54.26
N GLU C 223 -5.91 -34.37 -53.81
CA GLU C 223 -5.31 -35.51 -53.12
C GLU C 223 -4.60 -36.52 -54.02
N GLU C 224 -4.81 -36.48 -55.33
CA GLU C 224 -4.14 -37.44 -56.19
C GLU C 224 -2.70 -37.05 -56.52
N LYS C 225 -2.27 -35.84 -56.17
CA LYS C 225 -0.91 -35.43 -56.47
C LYS C 225 0.07 -35.99 -55.44
N PHE C 226 1.36 -35.85 -55.74
CA PHE C 226 2.43 -36.52 -54.99
C PHE C 226 2.87 -35.67 -53.81
N ILE C 227 3.30 -36.33 -52.74
CA ILE C 227 3.69 -35.66 -51.52
C ILE C 227 4.99 -36.27 -50.99
N LYS C 228 5.76 -35.44 -50.27
CA LYS C 228 6.99 -35.85 -49.62
C LYS C 228 6.93 -35.43 -48.15
N VAL C 229 7.08 -36.41 -47.25
CA VAL C 229 7.00 -36.19 -45.81
C VAL C 229 8.33 -36.57 -45.16
N TYR C 230 8.96 -35.61 -44.50
CA TYR C 230 10.12 -35.88 -43.66
C TYR C 230 9.76 -35.72 -42.20
N ILE C 231 10.40 -36.51 -41.35
CA ILE C 231 10.46 -36.23 -39.93
C ILE C 231 11.87 -35.80 -39.62
N ARG C 232 12.01 -34.66 -38.96
CA ARG C 232 13.31 -34.07 -38.66
C ARG C 232 13.46 -33.96 -37.15
N ASP C 233 14.68 -34.16 -36.67
CA ASP C 233 14.96 -33.98 -35.26
C ASP C 233 15.23 -32.50 -35.02
N GLU C 234 15.67 -32.15 -33.81
CA GLU C 234 15.83 -30.74 -33.45
C GLU C 234 17.04 -30.10 -34.10
N LYS C 235 18.00 -30.90 -34.57
CA LYS C 235 19.10 -30.39 -35.37
C LYS C 235 18.78 -30.35 -36.85
N ASN C 236 17.51 -30.58 -37.21
CA ASN C 236 16.95 -30.47 -38.55
C ASN C 236 17.26 -31.68 -39.43
N GLN C 237 17.70 -32.79 -38.84
CA GLN C 237 18.14 -33.96 -39.60
C GLN C 237 16.99 -34.94 -39.82
N VAL C 238 16.86 -35.43 -41.05
CA VAL C 238 15.79 -36.37 -41.37
C VAL C 238 16.02 -37.66 -40.62
N VAL C 239 14.97 -38.16 -39.95
CA VAL C 239 15.02 -39.41 -39.21
C VAL C 239 13.96 -40.38 -39.68
N ALA C 240 13.12 -40.00 -40.63
CA ALA C 240 12.14 -40.87 -41.23
C ALA C 240 11.56 -40.13 -42.42
N GLU C 241 10.96 -40.88 -43.33
CA GLU C 241 10.61 -40.30 -44.63
C GLU C 241 9.54 -41.17 -45.27
N SER C 242 8.71 -40.54 -46.09
CA SER C 242 7.61 -41.25 -46.72
C SER C 242 7.01 -40.39 -47.82
N ASN C 243 6.34 -41.06 -48.76
CA ASN C 243 5.58 -40.42 -49.82
C ASN C 243 4.09 -40.63 -49.66
N GLU C 244 3.64 -41.08 -48.49
CA GLU C 244 2.23 -41.32 -48.26
C GLU C 244 1.56 -40.11 -47.61
N MET C 245 0.28 -39.92 -47.91
CA MET C 245 -0.52 -38.94 -47.19
C MET C 245 -0.84 -39.40 -45.77
N LYS C 246 -0.90 -40.72 -45.59
CA LYS C 246 -1.24 -41.36 -44.33
C LYS C 246 -0.26 -42.50 -44.12
N ASP C 247 0.42 -42.53 -42.98
CA ASP C 247 1.53 -43.46 -42.79
C ASP C 247 1.86 -43.57 -41.30
N MET C 248 2.58 -44.63 -40.96
CA MET C 248 3.32 -44.73 -39.71
C MET C 248 4.79 -44.90 -40.04
N VAL C 249 5.62 -44.07 -39.46
CA VAL C 249 7.06 -44.14 -39.66
C VAL C 249 7.72 -44.25 -38.30
N LEU C 250 8.77 -45.05 -38.23
CA LEU C 250 9.46 -45.35 -36.99
C LEU C 250 10.53 -44.31 -36.72
N VAL C 251 10.68 -43.97 -35.45
CA VAL C 251 11.74 -43.09 -34.98
C VAL C 251 12.51 -43.87 -33.93
N LYS C 252 13.64 -44.48 -34.32
CA LYS C 252 14.42 -45.24 -33.36
C LYS C 252 15.25 -44.31 -32.51
N ASP C 253 15.52 -44.74 -31.27
CA ASP C 253 16.12 -43.89 -30.24
C ASP C 253 15.46 -42.51 -30.22
N ALA C 254 14.13 -42.52 -30.07
CA ALA C 254 13.36 -41.29 -30.15
C ALA C 254 13.53 -40.47 -28.88
N GLN C 255 13.85 -39.19 -29.03
CA GLN C 255 13.91 -38.28 -27.90
C GLN C 255 12.49 -37.94 -27.46
N LEU C 256 12.09 -38.44 -26.29
CA LEU C 256 10.71 -38.26 -25.83
C LEU C 256 10.45 -36.83 -25.38
N TRP C 257 9.22 -36.37 -25.59
CA TRP C 257 8.77 -35.13 -24.98
C TRP C 257 8.49 -35.42 -23.49
N GLN C 258 9.24 -34.79 -22.60
CA GLN C 258 9.13 -35.03 -21.17
C GLN C 258 8.75 -33.76 -20.42
N PRO C 259 7.92 -33.87 -19.38
CA PRO C 259 7.62 -32.69 -18.56
C PRO C 259 8.90 -32.08 -18.00
N GLY C 260 9.10 -30.80 -18.28
CA GLY C 260 10.30 -30.11 -17.89
C GLY C 260 11.51 -30.34 -18.77
N SER C 261 11.41 -31.22 -19.76
CA SER C 261 12.53 -31.37 -20.70
C SER C 261 11.93 -31.72 -22.06
N ALA C 262 11.53 -30.69 -22.80
CA ALA C 262 10.79 -30.90 -24.02
C ALA C 262 11.72 -31.33 -25.16
N TYR C 263 11.19 -32.17 -26.06
CA TYR C 263 11.84 -32.41 -27.34
C TYR C 263 10.76 -32.39 -28.42
N LEU C 264 10.99 -31.65 -29.50
CA LEU C 264 9.99 -31.52 -30.55
C LEU C 264 10.59 -31.94 -31.88
N TYR C 265 10.03 -32.99 -32.47
CA TYR C 265 10.30 -33.28 -33.86
C TYR C 265 9.48 -32.36 -34.76
N LYS C 266 9.75 -32.43 -36.06
CA LYS C 266 9.04 -31.62 -37.06
C LYS C 266 8.57 -32.54 -38.18
N LEU C 267 7.27 -32.55 -38.44
CA LEU C 267 6.72 -33.13 -39.66
C LEU C 267 6.85 -32.08 -40.76
N ASP C 268 7.79 -32.31 -41.66
CA ASP C 268 8.15 -31.38 -42.73
C ASP C 268 7.57 -31.89 -44.04
N ILE C 269 6.58 -31.17 -44.58
CA ILE C 269 5.75 -31.65 -45.68
C ILE C 269 5.92 -30.74 -46.89
N TYR C 270 6.23 -31.35 -48.03
CA TYR C 270 6.28 -30.69 -49.32
C TYR C 270 5.18 -31.23 -50.21
N PHE C 271 4.42 -30.33 -50.85
CA PHE C 271 3.26 -30.74 -51.65
C PHE C 271 3.10 -29.75 -52.80
N GLY C 272 3.55 -30.15 -53.98
CA GLY C 272 3.54 -29.27 -55.13
C GLY C 272 4.39 -28.04 -54.91
N GLN C 273 3.77 -26.87 -54.91
CA GLN C 273 4.48 -25.65 -54.53
C GLN C 273 4.41 -25.38 -53.03
N ASP C 274 3.58 -26.11 -52.29
CA ASP C 274 3.31 -25.84 -50.89
C ASP C 274 4.36 -26.48 -49.98
N HIS C 275 4.44 -25.94 -48.75
CA HIS C 275 5.37 -26.42 -47.73
C HIS C 275 4.78 -26.06 -46.38
N TYR C 276 4.76 -27.02 -45.46
CA TYR C 276 4.30 -26.81 -44.10
C TYR C 276 5.14 -27.65 -43.16
N THR C 277 5.58 -27.06 -42.06
CA THR C 277 6.34 -27.76 -41.04
C THR C 277 5.55 -27.71 -39.73
N LEU C 278 5.25 -28.88 -39.18
CA LEU C 278 4.47 -29.00 -37.97
C LEU C 278 5.32 -29.54 -36.83
N PRO C 279 5.61 -28.75 -35.80
CA PRO C 279 6.27 -29.32 -34.61
C PRO C 279 5.35 -30.29 -33.88
N PHE C 280 5.95 -31.31 -33.26
CA PHE C 280 5.17 -32.26 -32.49
C PHE C 280 6.09 -33.01 -31.51
N GLY C 281 5.46 -33.71 -30.58
CA GLY C 281 6.20 -34.38 -29.53
C GLY C 281 5.74 -35.83 -29.41
N ILE C 282 6.69 -36.68 -29.05
CA ILE C 282 6.42 -38.10 -28.84
C ILE C 282 6.35 -38.34 -27.33
N ARG C 283 5.16 -38.69 -26.85
CA ARG C 283 4.96 -38.92 -25.43
C ARG C 283 3.65 -39.65 -25.28
N THR C 284 3.54 -40.44 -24.22
CA THR C 284 2.37 -41.26 -23.96
C THR C 284 1.71 -40.84 -22.66
N ILE C 285 0.42 -41.13 -22.57
CA ILE C 285 -0.39 -40.82 -21.38
C ILE C 285 -1.13 -42.08 -20.99
N GLN C 286 -1.17 -42.35 -19.69
CA GLN C 286 -1.94 -43.49 -19.19
C GLN C 286 -2.39 -43.21 -17.78
N LEU C 287 -3.58 -43.67 -17.43
CA LEU C 287 -4.17 -43.44 -16.13
C LEU C 287 -4.34 -44.77 -15.40
N THR C 288 -3.88 -44.82 -14.16
CA THR C 288 -4.23 -45.88 -13.24
C THR C 288 -5.12 -45.29 -12.16
N GLU C 289 -5.62 -46.13 -11.26
CA GLU C 289 -6.61 -45.59 -10.34
C GLU C 289 -5.99 -44.68 -9.30
N LYS C 290 -4.68 -44.53 -9.27
CA LYS C 290 -4.07 -43.59 -8.34
C LYS C 290 -2.98 -42.75 -8.96
N GLN C 291 -2.70 -42.90 -10.25
CA GLN C 291 -1.57 -42.21 -10.85
C GLN C 291 -1.92 -41.69 -12.24
N PHE C 292 -1.21 -40.65 -12.63
CA PHE C 292 -1.27 -40.09 -13.99
C PHE C 292 0.10 -40.32 -14.60
N LEU C 293 0.17 -41.20 -15.60
CA LEU C 293 1.45 -41.64 -16.14
C LEU C 293 1.75 -40.92 -17.45
N ILE C 294 2.92 -40.29 -17.51
CA ILE C 294 3.42 -39.66 -18.73
C ILE C 294 4.74 -40.33 -19.09
N ASN C 295 4.79 -40.96 -20.27
CA ASN C 295 5.92 -41.79 -20.68
C ASN C 295 6.24 -42.81 -19.60
N GLY C 296 5.19 -43.44 -19.07
CA GLY C 296 5.32 -44.46 -18.06
C GLY C 296 5.62 -43.98 -16.65
N LYS C 297 6.06 -42.70 -16.45
CA LYS C 297 6.45 -42.20 -15.12
C LYS C 297 5.30 -41.43 -14.47
N PRO C 298 5.03 -41.65 -13.19
CA PRO C 298 3.98 -40.86 -12.51
C PRO C 298 4.25 -39.36 -12.60
N PHE C 299 3.18 -38.61 -12.85
CA PHE C 299 3.22 -37.16 -12.88
C PHE C 299 2.27 -36.62 -11.83
N TYR C 300 2.76 -35.73 -10.98
CA TYR C 300 1.93 -35.05 -9.99
C TYR C 300 1.82 -33.60 -10.42
N PHE C 301 0.59 -33.14 -10.70
CA PHE C 301 0.37 -31.78 -11.15
C PHE C 301 0.73 -30.77 -10.05
N LYS C 302 1.63 -29.84 -10.36
CA LYS C 302 1.97 -28.73 -9.45
C LYS C 302 1.82 -27.45 -10.26
N GLY C 303 0.87 -26.61 -9.88
CA GLY C 303 0.72 -25.37 -10.63
C GLY C 303 -0.54 -24.59 -10.32
N PHE C 304 -1.16 -24.03 -11.35
CA PHE C 304 -2.19 -23.02 -11.17
C PHE C 304 -3.20 -23.11 -12.30
N GLY C 305 -4.45 -22.76 -12.00
CA GLY C 305 -5.30 -22.21 -13.05
C GLY C 305 -4.89 -20.76 -13.29
N LYS C 306 -4.84 -20.37 -14.57
CA LYS C 306 -4.42 -19.03 -14.91
C LYS C 306 -5.60 -18.21 -15.46
N HIS C 307 -5.27 -17.06 -16.05
CA HIS C 307 -6.22 -16.28 -16.84
C HIS C 307 -5.43 -15.56 -17.91
N GLU C 308 -6.13 -15.13 -18.96
CA GLU C 308 -5.55 -14.15 -19.88
C GLU C 308 -6.00 -12.78 -19.38
N ASP C 309 -5.11 -12.13 -18.64
CA ASP C 309 -5.43 -10.89 -17.92
C ASP C 309 -4.12 -10.19 -17.59
N SER C 310 -4.10 -8.88 -17.81
CA SER C 310 -3.01 -8.03 -17.33
C SER C 310 -3.48 -6.57 -17.34
N ASP C 311 -2.68 -5.70 -16.73
CA ASP C 311 -3.03 -4.28 -16.72
C ASP C 311 -3.13 -3.72 -18.13
N ILE C 312 -3.96 -2.67 -18.27
CA ILE C 312 -4.18 -1.85 -19.47
C ILE C 312 -4.89 -2.61 -20.58
N ARG C 313 -4.36 -3.78 -20.98
CA ARG C 313 -4.78 -4.43 -22.22
C ARG C 313 -5.81 -5.53 -22.02
N GLY C 314 -6.29 -5.70 -20.80
CA GLY C 314 -7.29 -6.72 -20.52
C GLY C 314 -6.79 -8.10 -20.88
N LYS C 315 -7.49 -8.79 -21.78
CA LYS C 315 -7.12 -10.14 -22.19
C LYS C 315 -6.27 -10.17 -23.46
N GLY C 316 -5.70 -9.04 -23.85
CA GLY C 316 -4.87 -9.01 -25.04
C GLY C 316 -3.62 -9.86 -24.88
N LEU C 317 -3.25 -10.52 -25.97
CA LEU C 317 -2.02 -11.30 -26.01
C LEU C 317 -0.82 -10.41 -25.72
N ASP C 318 0.05 -10.85 -24.83
CA ASP C 318 1.27 -10.11 -24.50
C ASP C 318 2.36 -11.17 -24.31
N GLU C 319 3.22 -11.31 -25.32
CA GLU C 319 4.21 -12.37 -25.30
C GLU C 319 5.31 -12.10 -24.29
N ALA C 320 5.64 -10.83 -24.05
CA ALA C 320 6.61 -10.54 -22.99
C ALA C 320 6.04 -10.99 -21.64
N LEU C 321 4.76 -10.73 -21.41
CA LEU C 321 4.10 -11.22 -20.20
C LEU C 321 4.11 -12.74 -20.12
N ASN C 322 3.94 -13.42 -21.26
CA ASN C 322 3.94 -14.88 -21.27
C ASN C 322 5.31 -15.43 -20.87
N VAL C 323 6.40 -14.85 -21.39
CA VAL C 323 7.72 -15.32 -21.00
C VAL C 323 7.93 -15.11 -19.51
N ARG C 324 7.57 -13.92 -19.00
CA ARG C 324 7.72 -13.67 -17.56
C ARG C 324 6.91 -14.68 -16.76
N ASP C 325 5.69 -15.01 -17.21
CA ASP C 325 4.90 -15.98 -16.47
C ASP C 325 5.59 -17.34 -16.44
N CYS C 326 6.13 -17.78 -17.59
CA CYS C 326 6.80 -19.08 -17.65
C CYS C 326 8.08 -19.09 -16.80
N GLU C 327 8.82 -17.98 -16.80
CA GLU C 327 9.94 -17.83 -15.87
C GLU C 327 9.49 -17.97 -14.42
N LEU C 328 8.31 -17.43 -14.08
CA LEU C 328 7.84 -17.52 -12.69
C LEU C 328 7.35 -18.92 -12.36
N LEU C 329 6.72 -19.59 -13.33
CA LEU C 329 6.32 -20.98 -13.15
C LEU C 329 7.54 -21.87 -12.91
N LYS C 330 8.62 -21.62 -13.63
CA LYS C 330 9.87 -22.35 -13.42
C LYS C 330 10.46 -22.03 -12.06
N TRP C 331 10.53 -20.73 -11.72
CA TRP C 331 11.09 -20.34 -10.44
C TRP C 331 10.36 -21.01 -9.29
N ILE C 332 9.02 -21.09 -9.36
CA ILE C 332 8.27 -21.60 -8.22
C ILE C 332 8.23 -23.11 -8.19
N GLY C 333 8.79 -23.79 -9.19
CA GLY C 333 8.72 -25.24 -9.25
C GLY C 333 7.40 -25.78 -9.75
N ALA C 334 6.59 -24.96 -10.41
CA ALA C 334 5.37 -25.46 -11.00
C ALA C 334 5.71 -26.26 -12.25
N ASN C 335 4.91 -27.27 -12.56
CA ASN C 335 5.11 -28.03 -13.78
C ASN C 335 3.92 -27.99 -14.73
N SER C 336 2.85 -27.25 -14.43
CA SER C 336 1.60 -27.37 -15.18
C SER C 336 0.72 -26.14 -14.96
N PHE C 337 -0.24 -25.96 -15.87
CA PHE C 337 -1.35 -25.04 -15.63
C PHE C 337 -2.59 -25.54 -16.37
N ARG C 338 -3.74 -25.00 -15.95
CA ARG C 338 -5.02 -25.22 -16.62
C ARG C 338 -5.43 -23.93 -17.30
N THR C 339 -6.04 -24.02 -18.50
CA THR C 339 -6.47 -22.81 -19.20
C THR C 339 -7.86 -22.36 -18.73
N SER C 340 -7.92 -22.00 -17.46
CA SER C 340 -9.15 -21.45 -16.90
C SER C 340 -9.43 -20.10 -17.54
N HIS C 341 -10.63 -19.90 -18.09
CA HIS C 341 -11.69 -20.90 -18.26
C HIS C 341 -12.12 -20.86 -19.71
N TYR C 342 -11.14 -21.06 -20.60
CA TYR C 342 -11.33 -20.82 -22.02
C TYR C 342 -9.98 -21.11 -22.66
N PRO C 343 -9.95 -21.49 -23.94
CA PRO C 343 -8.66 -21.70 -24.60
C PRO C 343 -7.83 -20.44 -24.62
N TYR C 344 -6.52 -20.61 -24.46
CA TYR C 344 -5.59 -19.49 -24.49
C TYR C 344 -5.06 -19.29 -25.91
N ALA C 345 -4.32 -18.20 -26.10
CA ALA C 345 -3.67 -17.99 -27.39
C ALA C 345 -2.76 -19.17 -27.74
N GLU C 346 -2.69 -19.47 -29.04
CA GLU C 346 -1.84 -20.57 -29.50
C GLU C 346 -0.39 -20.33 -29.17
N GLU C 347 0.04 -19.05 -29.19
CA GLU C 347 1.39 -18.68 -28.77
C GLU C 347 1.73 -19.27 -27.40
N MET C 348 0.80 -19.19 -26.45
CA MET C 348 1.03 -19.77 -25.13
C MET C 348 1.08 -21.30 -25.18
N MET C 349 0.31 -21.92 -26.07
CA MET C 349 0.36 -23.37 -26.21
C MET C 349 1.68 -23.82 -26.83
N GLN C 350 2.17 -23.08 -27.83
CA GLN C 350 3.49 -23.36 -28.40
C GLN C 350 4.59 -23.20 -27.37
N MET C 351 4.53 -22.13 -26.58
CA MET C 351 5.51 -21.93 -25.51
C MET C 351 5.50 -23.09 -24.52
N ALA C 352 4.32 -23.57 -24.13
CA ALA C 352 4.25 -24.74 -23.26
C ALA C 352 4.86 -25.96 -23.93
N ASP C 353 4.65 -26.11 -25.24
CA ASP C 353 5.26 -27.22 -25.99
C ASP C 353 6.79 -27.13 -25.90
N GLN C 354 7.34 -25.92 -26.07
CA GLN C 354 8.78 -25.75 -26.08
C GLN C 354 9.40 -25.81 -24.69
N LYS C 355 8.67 -25.40 -23.65
CA LYS C 355 9.25 -25.34 -22.32
C LYS C 355 8.99 -26.61 -21.51
N GLY C 356 8.23 -27.56 -22.05
CA GLY C 356 7.93 -28.77 -21.30
C GLY C 356 6.88 -28.61 -20.22
N ILE C 357 5.95 -27.67 -20.39
CA ILE C 357 4.89 -27.43 -19.42
C ILE C 357 3.65 -28.23 -19.82
N VAL C 358 3.11 -28.96 -18.86
CA VAL C 358 1.92 -29.81 -19.04
C VAL C 358 0.66 -28.96 -18.88
N VAL C 359 -0.32 -29.16 -19.75
CA VAL C 359 -1.48 -28.28 -19.80
C VAL C 359 -2.76 -29.10 -19.73
N ILE C 360 -3.71 -28.65 -18.91
CA ILE C 360 -5.11 -29.04 -18.96
C ILE C 360 -5.85 -28.00 -19.80
N ASP C 361 -6.39 -28.41 -20.94
CA ASP C 361 -6.97 -27.53 -21.94
C ASP C 361 -8.49 -27.48 -21.79
N GLU C 362 -9.03 -26.30 -21.55
CA GLU C 362 -10.40 -26.14 -21.08
C GLU C 362 -11.22 -25.29 -22.04
N VAL C 363 -12.47 -25.70 -22.21
CA VAL C 363 -13.47 -25.10 -23.07
C VAL C 363 -14.25 -24.09 -22.22
N PRO C 364 -14.78 -22.96 -22.79
CA PRO C 364 -15.38 -21.92 -21.93
C PRO C 364 -16.77 -22.24 -21.40
N ALA C 365 -17.03 -23.50 -21.07
CA ALA C 365 -18.32 -23.91 -20.50
C ALA C 365 -18.37 -23.61 -19.00
N VAL C 366 -18.32 -22.31 -18.69
CA VAL C 366 -18.29 -21.79 -17.32
C VAL C 366 -19.52 -20.90 -17.13
N GLY C 367 -20.01 -20.83 -15.90
CA GLY C 367 -21.15 -20.01 -15.61
C GLY C 367 -22.49 -20.70 -15.66
N MET C 368 -22.50 -22.02 -15.83
CA MET C 368 -23.74 -22.81 -15.80
C MET C 368 -24.15 -23.08 -14.35
N ASN C 369 -24.29 -21.99 -13.60
CA ASN C 369 -24.48 -22.06 -12.15
C ASN C 369 -25.13 -20.76 -11.71
N PHE C 370 -25.56 -20.72 -10.46
CA PHE C 370 -26.24 -19.53 -9.93
C PHE C 370 -25.63 -19.14 -8.58
N GLY C 377 -33.17 -23.45 -11.38
CA GLY C 377 -32.80 -24.51 -12.29
C GLY C 377 -32.03 -23.99 -13.51
N ILE C 378 -30.85 -24.55 -13.77
CA ILE C 378 -30.03 -24.07 -14.89
C ILE C 378 -30.30 -24.90 -16.15
N PHE C 379 -30.43 -26.22 -16.00
CA PHE C 379 -30.59 -27.11 -17.15
C PHE C 379 -32.08 -27.29 -17.39
N THR C 380 -32.64 -26.30 -18.10
CA THR C 380 -34.07 -26.23 -18.37
C THR C 380 -34.24 -25.80 -19.81
N GLU C 381 -35.45 -25.98 -20.34
CA GLU C 381 -35.72 -25.67 -21.74
C GLU C 381 -35.44 -24.20 -22.05
N ASP C 382 -35.57 -23.33 -21.06
CA ASP C 382 -35.41 -21.89 -21.25
C ASP C 382 -34.01 -21.39 -20.98
N LYS C 383 -33.11 -22.23 -20.49
CA LYS C 383 -31.76 -21.75 -20.18
C LYS C 383 -30.73 -22.62 -20.87
N VAL C 384 -29.94 -23.37 -20.11
CA VAL C 384 -28.98 -24.28 -20.72
C VAL C 384 -29.75 -25.47 -21.29
N ASN C 385 -29.85 -25.53 -22.62
CA ASN C 385 -30.74 -26.49 -23.27
C ASN C 385 -30.01 -27.13 -24.45
N GLU C 386 -30.78 -27.65 -25.41
CA GLU C 386 -30.21 -28.39 -26.54
C GLU C 386 -29.38 -27.49 -27.45
N LYS C 387 -29.70 -26.20 -27.50
CA LYS C 387 -28.88 -25.27 -28.27
C LYS C 387 -27.52 -25.09 -27.63
N THR C 388 -27.49 -24.89 -26.30
CA THR C 388 -26.22 -24.83 -25.57
C THR C 388 -25.42 -26.11 -25.76
N LEU C 389 -26.10 -27.26 -25.70
CA LEU C 389 -25.42 -28.53 -25.91
C LEU C 389 -24.76 -28.61 -27.27
N ALA C 390 -25.51 -28.29 -28.34
CA ALA C 390 -24.96 -28.41 -29.68
C ALA C 390 -23.80 -27.45 -29.87
N TYR C 391 -23.92 -26.25 -29.30
CA TYR C 391 -22.82 -25.29 -29.36
C TYR C 391 -21.63 -25.78 -28.54
N HIS C 392 -21.90 -26.41 -27.39
CA HIS C 392 -20.82 -26.96 -26.58
C HIS C 392 -20.00 -28.01 -27.34
N LYS C 393 -20.68 -28.90 -28.06
CA LYS C 393 -19.95 -29.88 -28.88
C LYS C 393 -19.16 -29.18 -29.98
N GLN C 394 -19.75 -28.15 -30.60
CA GLN C 394 -19.07 -27.43 -31.66
C GLN C 394 -17.79 -26.78 -31.15
N VAL C 395 -17.82 -26.16 -29.97
CA VAL C 395 -16.60 -25.55 -29.46
C VAL C 395 -15.55 -26.61 -29.12
N LEU C 396 -15.97 -27.79 -28.64
CA LEU C 396 -15.03 -28.88 -28.40
C LEU C 396 -14.36 -29.36 -29.68
N LYS C 397 -15.15 -29.50 -30.76
CA LYS C 397 -14.58 -29.83 -32.06
C LYS C 397 -13.53 -28.79 -32.46
N GLU C 398 -13.88 -27.50 -32.34
CA GLU C 398 -12.94 -26.45 -32.74
C GLU C 398 -11.69 -26.45 -31.87
N LEU C 399 -11.85 -26.67 -30.56
CA LEU C 399 -10.69 -26.72 -29.67
C LEU C 399 -9.81 -27.91 -30.02
N TYR C 400 -10.42 -29.09 -30.22
CA TYR C 400 -9.64 -30.26 -30.61
C TYR C 400 -8.89 -30.03 -31.91
N GLN C 401 -9.55 -29.40 -32.90
CA GLN C 401 -8.91 -29.21 -34.19
C GLN C 401 -7.68 -28.33 -34.08
N ARG C 402 -7.75 -27.31 -33.21
CA ARG C 402 -6.63 -26.38 -33.04
C ARG C 402 -5.48 -27.02 -32.26
N ASP C 403 -5.80 -27.76 -31.20
CA ASP C 403 -4.79 -28.15 -30.23
C ASP C 403 -4.47 -29.65 -30.25
N LYS C 404 -5.06 -30.42 -31.19
CA LYS C 404 -4.88 -31.87 -31.16
C LYS C 404 -3.42 -32.27 -31.18
N ASN C 405 -2.57 -31.52 -31.89
CA ASN C 405 -1.19 -31.93 -32.12
C ASN C 405 -0.19 -31.39 -31.10
N HIS C 406 -0.67 -30.72 -30.05
CA HIS C 406 0.22 -30.19 -29.02
C HIS C 406 0.57 -31.30 -28.03
N PRO C 407 1.84 -31.70 -27.89
CA PRO C 407 2.19 -32.62 -26.80
C PRO C 407 1.93 -32.03 -25.43
N CYS C 408 1.89 -30.72 -25.27
CA CYS C 408 1.72 -30.20 -23.93
C CYS C 408 0.31 -30.50 -23.38
N VAL C 409 -0.66 -30.77 -24.24
CA VAL C 409 -2.03 -30.98 -23.77
C VAL C 409 -2.19 -32.43 -23.33
N VAL C 410 -2.40 -32.68 -22.03
CA VAL C 410 -2.56 -34.04 -21.56
C VAL C 410 -3.98 -34.38 -21.15
N MET C 411 -4.91 -33.43 -21.16
CA MET C 411 -6.26 -33.70 -20.68
C MET C 411 -7.17 -32.58 -21.15
N TRP C 412 -8.41 -32.92 -21.52
CA TRP C 412 -9.43 -31.93 -21.88
C TRP C 412 -10.34 -31.72 -20.69
N SER C 413 -10.60 -30.45 -20.36
CA SER C 413 -11.56 -30.10 -19.33
C SER C 413 -12.77 -29.49 -20.04
N ILE C 414 -13.94 -30.10 -19.87
CA ILE C 414 -15.08 -29.74 -20.68
C ILE C 414 -16.00 -28.74 -20.00
N THR C 415 -15.73 -28.38 -18.75
CA THR C 415 -16.60 -27.50 -17.99
C THR C 415 -15.89 -27.07 -16.72
N ASN C 416 -16.33 -25.94 -16.17
CA ASN C 416 -15.86 -25.44 -14.89
C ASN C 416 -17.07 -25.12 -14.02
N GLU C 417 -17.22 -25.87 -12.92
CA GLU C 417 -18.24 -25.63 -11.91
C GLU C 417 -19.67 -25.50 -12.46
N PRO C 418 -20.15 -26.47 -13.23
CA PRO C 418 -21.57 -26.47 -13.60
C PRO C 418 -22.42 -26.84 -12.39
N HIS C 419 -23.70 -26.45 -12.44
CA HIS C 419 -24.62 -26.84 -11.36
C HIS C 419 -25.06 -28.29 -11.57
N SER C 420 -24.09 -29.20 -11.41
CA SER C 420 -24.24 -30.61 -11.75
C SER C 420 -24.98 -31.42 -10.68
N SER C 421 -25.68 -30.76 -9.77
CA SER C 421 -26.58 -31.43 -8.85
C SER C 421 -27.96 -31.64 -9.45
N GLU C 422 -28.30 -30.89 -10.50
CA GLU C 422 -29.56 -31.08 -11.18
C GLU C 422 -29.55 -32.39 -11.97
N GLU C 423 -30.65 -33.15 -11.85
CA GLU C 423 -30.76 -34.38 -12.61
C GLU C 423 -30.63 -34.13 -14.10
N ALA C 424 -31.16 -33.01 -14.59
CA ALA C 424 -31.13 -32.73 -16.02
C ALA C 424 -29.70 -32.60 -16.55
N SER C 425 -28.74 -32.25 -15.68
CA SER C 425 -27.38 -32.13 -16.18
C SER C 425 -26.75 -33.48 -16.52
N ARG C 426 -27.29 -34.59 -16.00
CA ARG C 426 -26.71 -35.91 -16.27
C ARG C 426 -26.64 -36.20 -17.76
N ASN C 427 -27.79 -36.13 -18.44
CA ASN C 427 -27.82 -36.42 -19.87
C ASN C 427 -27.02 -35.39 -20.66
N TYR C 428 -27.04 -34.12 -20.22
CA TYR C 428 -26.26 -33.08 -20.88
C TYR C 428 -24.79 -33.47 -20.97
N PHE C 429 -24.19 -33.79 -19.84
CA PHE C 429 -22.75 -34.04 -19.82
C PHE C 429 -22.40 -35.45 -20.27
N GLU C 430 -23.34 -36.40 -20.26
CA GLU C 430 -23.08 -37.66 -20.93
C GLU C 430 -22.92 -37.44 -22.43
N GLU C 431 -23.77 -36.61 -23.01
CA GLU C 431 -23.62 -36.24 -24.41
C GLU C 431 -22.26 -35.60 -24.67
N VAL C 432 -21.89 -34.61 -23.85
CA VAL C 432 -20.66 -33.85 -24.09
C VAL C 432 -19.45 -34.76 -23.98
N THR C 433 -19.42 -35.60 -22.95
CA THR C 433 -18.26 -36.48 -22.73
C THR C 433 -18.16 -37.55 -23.80
N LYS C 434 -19.29 -38.15 -24.19
CA LYS C 434 -19.28 -39.05 -25.33
C LYS C 434 -18.67 -38.38 -26.55
N TYR C 435 -19.06 -37.14 -26.83
CA TYR C 435 -18.63 -36.49 -28.05
C TYR C 435 -17.12 -36.27 -28.06
N ILE C 436 -16.56 -35.70 -26.97
CA ILE C 436 -15.13 -35.42 -26.96
C ILE C 436 -14.34 -36.72 -26.96
N ARG C 437 -14.90 -37.78 -26.36
CA ARG C 437 -14.20 -39.06 -26.45
C ARG C 437 -14.16 -39.57 -27.89
N LYS C 438 -15.13 -39.17 -28.73
CA LYS C 438 -15.11 -39.63 -30.11
C LYS C 438 -14.03 -38.89 -30.90
N LEU C 439 -13.80 -37.62 -30.56
CA LEU C 439 -12.76 -36.86 -31.23
C LEU C 439 -11.37 -37.33 -30.82
N ASP C 440 -11.19 -37.69 -29.56
CA ASP C 440 -9.86 -37.95 -29.01
C ASP C 440 -9.97 -39.14 -28.08
N SER C 441 -9.48 -40.30 -28.53
CA SER C 441 -9.55 -41.51 -27.73
C SER C 441 -8.39 -41.65 -26.74
N GLU C 442 -7.36 -40.82 -26.86
CA GLU C 442 -6.17 -40.98 -26.02
C GLU C 442 -6.14 -40.06 -24.80
N ARG C 443 -6.59 -38.81 -24.93
CA ARG C 443 -6.42 -37.93 -23.75
C ARG C 443 -7.55 -38.14 -22.75
N PRO C 444 -7.24 -38.18 -21.46
CA PRO C 444 -8.28 -38.17 -20.42
C PRO C 444 -9.20 -36.95 -20.51
N ILE C 445 -10.39 -37.09 -19.92
CA ILE C 445 -11.45 -36.08 -19.93
C ILE C 445 -11.81 -35.75 -18.49
N THR C 446 -12.09 -34.47 -18.22
CA THR C 446 -12.46 -34.06 -16.86
C THR C 446 -13.32 -32.81 -16.91
N GLY C 447 -13.65 -32.30 -15.73
CA GLY C 447 -14.42 -31.09 -15.55
C GLY C 447 -14.42 -30.81 -14.06
N THR C 448 -14.46 -29.54 -13.67
CA THR C 448 -14.25 -29.16 -12.29
C THR C 448 -15.57 -29.03 -11.53
N MET C 449 -15.55 -29.47 -10.28
CA MET C 449 -16.73 -29.53 -9.42
C MET C 449 -16.74 -28.40 -8.41
N ASN C 450 -17.93 -27.83 -8.18
CA ASN C 450 -18.14 -27.11 -6.93
C ASN C 450 -19.33 -27.62 -6.13
N VAL C 451 -20.29 -28.34 -6.74
CA VAL C 451 -21.42 -28.85 -5.95
C VAL C 451 -20.91 -29.86 -4.93
N ASP C 452 -21.72 -30.08 -3.89
CA ASP C 452 -21.44 -31.11 -2.90
C ASP C 452 -21.27 -32.48 -3.55
N VAL C 453 -20.37 -33.29 -2.99
CA VAL C 453 -20.10 -34.61 -3.56
C VAL C 453 -21.34 -35.48 -3.52
N GLU C 454 -22.15 -35.33 -2.46
CA GLU C 454 -23.34 -36.15 -2.34
C GLU C 454 -24.38 -35.81 -3.39
N GLU C 455 -24.31 -34.60 -3.98
CA GLU C 455 -25.30 -34.15 -4.96
C GLU C 455 -24.86 -34.31 -6.41
N ASP C 456 -23.56 -34.49 -6.67
CA ASP C 456 -23.08 -34.46 -8.04
C ASP C 456 -23.65 -35.63 -8.83
N LYS C 457 -23.88 -35.39 -10.12
CA LYS C 457 -24.51 -36.40 -10.96
C LYS C 457 -23.77 -36.66 -12.28
N ILE C 458 -22.55 -36.14 -12.45
CA ILE C 458 -21.86 -36.26 -13.73
C ILE C 458 -20.44 -36.80 -13.62
N SER C 459 -19.74 -36.68 -12.48
CA SER C 459 -18.31 -36.96 -12.49
C SER C 459 -17.96 -38.42 -12.79
N GLN C 460 -18.94 -39.33 -12.68
CA GLN C 460 -18.74 -40.71 -13.14
C GLN C 460 -18.37 -40.78 -14.62
N PHE C 461 -18.69 -39.75 -15.40
CA PHE C 461 -18.33 -39.72 -16.82
C PHE C 461 -16.89 -39.32 -17.07
N PHE C 462 -16.15 -38.88 -16.04
CA PHE C 462 -14.80 -38.36 -16.24
C PHE C 462 -13.76 -39.44 -15.96
N ASP C 463 -12.55 -39.23 -16.47
CA ASP C 463 -11.42 -40.08 -16.13
C ASP C 463 -10.68 -39.63 -14.88
N VAL C 464 -10.71 -38.33 -14.60
CA VAL C 464 -10.14 -37.74 -13.40
C VAL C 464 -11.19 -36.82 -12.78
N VAL C 465 -11.33 -36.89 -11.46
CA VAL C 465 -12.24 -36.00 -10.74
C VAL C 465 -11.45 -34.78 -10.30
N CYS C 466 -11.95 -33.60 -10.66
CA CYS C 466 -11.33 -32.32 -10.26
C CYS C 466 -12.32 -31.53 -9.43
N ILE C 467 -11.87 -31.06 -8.26
CA ILE C 467 -12.72 -30.32 -7.34
C ILE C 467 -12.10 -28.96 -7.02
N ASN C 468 -12.96 -27.94 -6.92
CA ASN C 468 -12.61 -26.60 -6.48
C ASN C 468 -13.09 -26.45 -5.04
N ARG C 469 -12.16 -26.26 -4.11
CA ARG C 469 -12.54 -26.26 -2.70
C ARG C 469 -11.81 -25.15 -1.98
N TYR C 470 -12.57 -24.38 -1.22
CA TYR C 470 -12.00 -23.21 -0.56
C TYR C 470 -12.27 -23.28 0.94
N PHE C 471 -11.92 -24.41 1.56
CA PHE C 471 -11.95 -24.49 3.00
C PHE C 471 -10.95 -23.50 3.57
N GLY C 472 -11.37 -22.77 4.61
CA GLY C 472 -10.65 -21.63 5.09
C GLY C 472 -10.99 -20.31 4.41
N TRP C 473 -11.77 -20.33 3.32
CA TRP C 473 -12.19 -19.08 2.69
C TRP C 473 -13.71 -19.02 2.53
N TYR C 474 -14.28 -19.72 1.55
CA TYR C 474 -15.73 -19.69 1.40
C TYR C 474 -16.45 -20.57 2.40
N VAL C 475 -15.76 -21.55 3.00
CA VAL C 475 -16.31 -22.36 4.06
C VAL C 475 -15.40 -22.20 5.27
N GLY C 476 -15.97 -21.73 6.38
CA GLY C 476 -15.20 -21.54 7.59
C GLY C 476 -14.10 -20.51 7.42
N ALA C 477 -14.44 -19.31 6.94
CA ALA C 477 -13.44 -18.26 6.78
C ALA C 477 -12.72 -18.03 8.10
N GLY C 478 -11.40 -17.90 8.02
CA GLY C 478 -10.61 -17.56 9.18
C GLY C 478 -10.30 -18.69 10.15
N LYS C 479 -10.92 -19.87 9.99
CA LYS C 479 -10.76 -20.95 10.98
C LYS C 479 -9.71 -21.94 10.47
N ILE C 480 -8.44 -21.57 10.71
CA ILE C 480 -7.32 -22.29 10.12
C ILE C 480 -7.33 -23.75 10.55
N GLU C 481 -7.65 -24.01 11.81
CA GLU C 481 -7.57 -25.36 12.36
C GLU C 481 -8.63 -26.29 11.78
N ARG C 482 -9.63 -25.77 11.05
CA ARG C 482 -10.64 -26.61 10.45
C ARG C 482 -10.38 -26.92 8.98
N ILE C 483 -9.34 -26.33 8.38
CA ILE C 483 -9.07 -26.54 6.95
C ILE C 483 -8.65 -27.99 6.69
N TYR C 484 -7.61 -28.46 7.38
CA TYR C 484 -7.11 -29.81 7.15
C TYR C 484 -8.17 -30.88 7.36
N PRO C 485 -8.89 -30.94 8.48
CA PRO C 485 -9.94 -31.95 8.62
C PRO C 485 -11.04 -31.82 7.58
N SER C 486 -11.37 -30.59 7.16
CA SER C 486 -12.47 -30.41 6.22
C SER C 486 -12.13 -30.93 4.83
N LEU C 487 -10.92 -30.64 4.34
CA LEU C 487 -10.59 -31.06 2.98
C LEU C 487 -10.28 -32.55 2.92
N LYS C 488 -9.61 -33.09 3.94
CA LYS C 488 -9.34 -34.52 3.93
C LYS C 488 -10.63 -35.31 3.87
N THR C 489 -11.58 -34.97 4.74
CA THR C 489 -12.89 -35.62 4.70
C THR C 489 -13.53 -35.50 3.32
N ASP C 490 -13.57 -34.30 2.76
CA ASP C 490 -14.20 -34.13 1.46
C ASP C 490 -13.46 -34.92 0.38
N LEU C 491 -12.13 -34.89 0.40
CA LEU C 491 -11.35 -35.63 -0.58
C LEU C 491 -11.71 -37.12 -0.54
N ILE C 492 -11.76 -37.69 0.66
CA ILE C 492 -12.04 -39.12 0.79
C ILE C 492 -13.43 -39.44 0.26
N LYS C 493 -14.40 -38.57 0.53
CA LYS C 493 -15.74 -38.76 -0.04
C LYS C 493 -15.71 -38.80 -1.57
N TRP C 494 -15.01 -37.85 -2.20
CA TRP C 494 -14.96 -37.83 -3.66
C TRP C 494 -14.35 -39.12 -4.19
N HIS C 495 -13.27 -39.59 -3.55
CA HIS C 495 -12.64 -40.84 -3.98
C HIS C 495 -13.56 -42.03 -3.74
N GLU C 496 -14.17 -42.11 -2.55
CA GLU C 496 -15.13 -43.18 -2.27
C GLU C 496 -16.29 -43.17 -3.27
N LYS C 497 -16.77 -42.00 -3.68
CA LYS C 497 -17.95 -42.00 -4.55
C LYS C 497 -17.61 -42.46 -5.96
N TYR C 498 -16.43 -42.10 -6.48
CA TYR C 498 -16.13 -42.36 -7.89
C TYR C 498 -14.93 -43.26 -8.14
N GLY C 499 -14.07 -43.48 -7.15
CA GLY C 499 -12.97 -44.41 -7.35
C GLY C 499 -11.96 -43.98 -8.39
N LYS C 500 -11.83 -42.67 -8.62
CA LYS C 500 -10.91 -42.12 -9.59
C LYS C 500 -9.88 -41.22 -8.89
N PRO C 501 -8.71 -41.03 -9.48
CA PRO C 501 -7.75 -40.07 -8.92
C PRO C 501 -8.32 -38.65 -8.95
N VAL C 502 -7.85 -37.83 -8.01
CA VAL C 502 -8.46 -36.52 -7.75
C VAL C 502 -7.38 -35.45 -7.89
N ILE C 503 -7.70 -34.39 -8.63
CA ILE C 503 -6.93 -33.15 -8.62
C ILE C 503 -7.73 -32.08 -7.91
N VAL C 504 -7.09 -31.37 -6.99
CA VAL C 504 -7.69 -30.15 -6.42
C VAL C 504 -7.32 -29.02 -7.35
N THR C 505 -8.28 -28.59 -8.19
CA THR C 505 -7.99 -27.67 -9.29
C THR C 505 -8.07 -26.19 -8.87
N GLU C 506 -8.65 -25.87 -7.72
CA GLU C 506 -8.60 -24.52 -7.16
C GLU C 506 -8.66 -24.63 -5.65
N TYR C 507 -7.83 -23.82 -4.98
CA TYR C 507 -7.91 -23.56 -3.54
C TYR C 507 -7.04 -22.35 -3.23
N GLY C 508 -7.40 -21.58 -2.19
CA GLY C 508 -6.61 -20.42 -1.83
C GLY C 508 -7.44 -19.35 -1.12
N ALA C 509 -6.92 -18.11 -1.12
CA ALA C 509 -7.49 -17.06 -0.29
C ALA C 509 -7.11 -15.69 -0.86
N ASP C 510 -8.04 -14.74 -0.78
CA ASP C 510 -7.75 -13.40 -1.28
C ASP C 510 -6.71 -12.75 -0.39
N THR C 511 -5.80 -11.99 -1.00
CA THR C 511 -4.65 -11.51 -0.24
C THR C 511 -4.23 -10.15 -0.77
N ILE C 512 -4.34 -9.13 0.08
CA ILE C 512 -3.89 -7.79 -0.27
C ILE C 512 -2.40 -7.69 0.02
N ALA C 513 -1.61 -7.44 -1.03
CA ALA C 513 -0.17 -7.27 -0.84
C ALA C 513 0.10 -6.15 0.18
N GLY C 514 0.98 -6.42 1.14
CA GLY C 514 1.30 -5.44 2.15
C GLY C 514 0.42 -5.49 3.37
N LEU C 515 -0.65 -6.26 3.35
CA LEU C 515 -1.46 -6.46 4.53
C LEU C 515 -0.83 -7.56 5.37
N HIS C 516 -0.34 -7.21 6.56
CA HIS C 516 0.29 -8.13 7.49
C HIS C 516 -0.46 -8.06 8.82
N LYS C 517 -0.56 -9.19 9.51
CA LYS C 517 -1.10 -9.13 10.86
C LYS C 517 -0.66 -10.33 11.68
N LEU C 518 -0.52 -10.09 12.98
CA LEU C 518 -0.09 -11.10 13.93
C LEU C 518 -0.94 -10.99 15.19
N PRO C 519 -1.83 -11.97 15.47
CA PRO C 519 -2.10 -13.18 14.68
C PRO C 519 -2.69 -12.86 13.30
N GLU C 520 -2.63 -13.80 12.37
CA GLU C 520 -3.06 -13.53 11.00
C GLU C 520 -4.57 -13.45 10.89
N VAL C 521 -5.03 -12.71 9.88
CA VAL C 521 -6.45 -12.54 9.58
C VAL C 521 -6.62 -12.80 8.09
N ILE C 522 -7.84 -13.15 7.70
CA ILE C 522 -8.14 -13.26 6.27
C ILE C 522 -7.81 -11.91 5.60
N PHE C 523 -7.35 -12.00 4.35
CA PHE C 523 -6.81 -10.96 3.48
C PHE C 523 -5.34 -10.67 3.76
N SER C 524 -4.76 -11.14 4.86
CA SER C 524 -3.36 -10.87 5.11
C SER C 524 -2.48 -11.87 4.35
N GLU C 525 -1.24 -11.44 4.12
CA GLU C 525 -0.26 -12.29 3.43
C GLU C 525 -0.01 -13.57 4.23
N GLU C 526 0.01 -13.46 5.56
CA GLU C 526 0.30 -14.60 6.41
C GLU C 526 -0.83 -15.63 6.36
N TYR C 527 -2.08 -15.17 6.27
CA TYR C 527 -3.20 -16.10 6.21
C TYR C 527 -3.18 -16.91 4.92
N GLN C 528 -2.92 -16.27 3.79
CA GLN C 528 -2.86 -16.98 2.52
C GLN C 528 -1.89 -18.15 2.61
N LYS C 529 -0.72 -17.90 3.21
CA LYS C 529 0.29 -18.92 3.36
C LYS C 529 -0.21 -20.06 4.24
N ARG C 530 -0.82 -19.73 5.39
CA ARG C 530 -1.27 -20.80 6.28
C ARG C 530 -2.46 -21.57 5.68
N CYS C 531 -3.36 -20.88 5.00
CA CYS C 531 -4.52 -21.52 4.41
C CYS C 531 -4.10 -22.56 3.37
N ILE C 532 -3.10 -22.24 2.54
CA ILE C 532 -2.64 -23.18 1.55
C ILE C 532 -1.91 -24.36 2.22
N GLU C 533 -1.14 -24.08 3.28
CA GLU C 533 -0.44 -25.11 4.03
C GLU C 533 -1.39 -26.17 4.57
N GLU C 534 -2.45 -25.75 5.27
CA GLU C 534 -3.39 -26.70 5.86
C GLU C 534 -4.10 -27.52 4.79
N ASN C 535 -4.47 -26.89 3.67
CA ASN C 535 -5.06 -27.64 2.57
C ASN C 535 -4.05 -28.66 2.02
N ASN C 536 -2.78 -28.28 1.97
CA ASN C 536 -1.75 -29.18 1.46
C ASN C 536 -1.52 -30.35 2.40
N LYS C 537 -1.65 -30.11 3.71
CA LYS C 537 -1.55 -31.20 4.67
C LYS C 537 -2.60 -32.26 4.41
N ALA C 538 -3.84 -31.84 4.10
CA ALA C 538 -4.88 -32.83 3.79
C ALA C 538 -4.55 -33.60 2.53
N MET C 539 -4.06 -32.93 1.49
CA MET C 539 -3.73 -33.64 0.26
C MET C 539 -2.59 -34.63 0.48
N ASP C 540 -1.60 -34.28 1.30
CA ASP C 540 -0.49 -35.17 1.55
C ASP C 540 -0.91 -36.45 2.27
N GLU C 541 -2.11 -36.51 2.83
CA GLU C 541 -2.58 -37.71 3.52
C GLU C 541 -3.51 -38.57 2.66
N CYS C 542 -3.69 -38.20 1.39
CA CYS C 542 -4.62 -38.87 0.48
C CYS C 542 -3.81 -39.37 -0.70
N ASP C 543 -3.64 -40.70 -0.80
CA ASP C 543 -2.77 -41.27 -1.83
C ASP C 543 -3.34 -41.16 -3.23
N PHE C 544 -4.64 -40.86 -3.36
CA PHE C 544 -5.31 -40.81 -4.65
C PHE C 544 -5.32 -39.40 -5.26
N VAL C 545 -4.64 -38.44 -4.63
CA VAL C 545 -4.52 -37.09 -5.16
C VAL C 545 -3.35 -37.04 -6.14
N ILE C 546 -3.62 -36.63 -7.38
CA ILE C 546 -2.57 -36.58 -8.39
C ILE C 546 -2.18 -35.15 -8.77
N GLY C 547 -2.74 -34.14 -8.12
CA GLY C 547 -2.38 -32.78 -8.47
C GLY C 547 -2.95 -31.77 -7.51
N GLU C 548 -2.25 -30.64 -7.42
CA GLU C 548 -2.68 -29.50 -6.63
C GLU C 548 -2.46 -28.26 -7.48
N HIS C 549 -3.55 -27.58 -7.82
CA HIS C 549 -3.49 -26.32 -8.55
C HIS C 549 -4.04 -25.23 -7.63
N ILE C 550 -3.17 -24.30 -7.23
CA ILE C 550 -3.60 -23.15 -6.45
C ILE C 550 -4.38 -22.18 -7.33
N TRP C 551 -5.44 -21.59 -6.79
CA TRP C 551 -6.09 -20.42 -7.37
C TRP C 551 -5.72 -19.24 -6.48
N ALA C 552 -5.08 -18.21 -7.06
CA ALA C 552 -4.85 -18.05 -8.48
C ALA C 552 -3.38 -17.82 -8.76
N PHE C 553 -2.98 -17.86 -10.03
CA PHE C 553 -1.61 -17.53 -10.37
C PHE C 553 -1.30 -16.06 -10.08
N ALA C 554 -2.11 -15.15 -10.61
CA ALA C 554 -1.90 -13.72 -10.43
C ALA C 554 -3.25 -13.03 -10.25
N ASP C 555 -3.27 -12.00 -9.40
CA ASP C 555 -4.45 -11.14 -9.26
C ASP C 555 -4.97 -10.75 -10.65
N PHE C 556 -6.29 -10.79 -10.81
CA PHE C 556 -6.92 -10.52 -12.11
C PHE C 556 -8.24 -9.79 -11.89
N MET C 557 -8.76 -9.22 -12.96
CA MET C 557 -9.94 -8.36 -12.88
C MET C 557 -11.23 -9.17 -12.92
N THR C 558 -12.20 -8.74 -12.12
CA THR C 558 -13.53 -9.32 -12.08
C THR C 558 -14.58 -8.24 -12.35
N ALA C 559 -15.77 -8.68 -12.74
CA ALA C 559 -16.94 -7.82 -12.64
C ALA C 559 -17.04 -7.28 -11.21
N PHE C 560 -17.65 -6.10 -11.07
CA PHE C 560 -17.60 -5.41 -9.77
C PHE C 560 -18.47 -6.12 -8.75
N GLY C 561 -17.99 -6.19 -7.51
CA GLY C 561 -18.70 -6.86 -6.44
C GLY C 561 -18.03 -6.55 -5.12
N LEU C 562 -18.83 -6.68 -4.04
CA LEU C 562 -18.35 -6.25 -2.74
C LEU C 562 -17.36 -7.23 -2.12
N LYS C 563 -17.17 -8.40 -2.71
CA LYS C 563 -16.13 -9.34 -2.27
C LYS C 563 -14.84 -9.21 -3.08
N ARG C 564 -14.79 -8.29 -4.03
CA ARG C 564 -13.71 -8.22 -5.01
C ARG C 564 -13.02 -6.86 -4.92
N VAL C 565 -11.88 -6.84 -4.23
CA VAL C 565 -11.15 -5.58 -4.00
C VAL C 565 -10.34 -5.28 -5.26
N ASP C 566 -10.90 -4.45 -6.13
CA ASP C 566 -10.34 -4.23 -7.47
C ASP C 566 -9.99 -5.56 -8.15
N GLY C 567 -10.92 -6.50 -8.08
CA GLY C 567 -10.77 -7.76 -8.77
C GLY C 567 -10.55 -8.89 -7.79
N ASN C 568 -10.09 -10.02 -8.32
CA ASN C 568 -9.82 -11.21 -7.52
C ASN C 568 -8.38 -11.11 -7.03
N LYS C 569 -8.18 -11.23 -5.71
CA LYS C 569 -6.88 -11.03 -5.09
C LYS C 569 -6.28 -12.34 -4.58
N LYS C 570 -6.76 -13.49 -5.09
CA LYS C 570 -6.19 -14.78 -4.71
C LYS C 570 -4.86 -15.05 -5.41
N GLY C 571 -4.35 -14.09 -6.18
CA GLY C 571 -3.07 -14.30 -6.84
C GLY C 571 -1.98 -14.65 -5.84
N ILE C 572 -1.18 -15.66 -6.21
CA ILE C 572 0.11 -15.91 -5.55
C ILE C 572 1.10 -14.83 -5.95
N PHE C 573 0.97 -14.32 -7.18
CA PHE C 573 1.68 -13.13 -7.62
C PHE C 573 0.68 -12.00 -7.79
N THR C 574 1.18 -10.76 -7.73
CA THR C 574 0.36 -9.60 -8.05
C THR C 574 0.06 -9.57 -9.55
N ARG C 575 -0.87 -8.68 -9.95
CA ARG C 575 -1.19 -8.54 -11.37
C ARG C 575 0.03 -8.10 -12.17
N GLU C 576 0.97 -7.42 -11.50
CA GLU C 576 2.24 -7.01 -12.11
C GLU C 576 3.33 -8.08 -11.94
N ARG C 577 2.96 -9.30 -11.55
CA ARG C 577 3.83 -10.48 -11.64
C ARG C 577 5.00 -10.41 -10.65
N GLN C 578 4.71 -9.99 -9.43
CA GLN C 578 5.67 -10.09 -8.33
C GLN C 578 5.08 -10.95 -7.22
N PRO C 579 5.91 -11.65 -6.46
CA PRO C 579 5.38 -12.63 -5.51
C PRO C 579 4.92 -12.00 -4.20
N LYS C 580 3.83 -12.53 -3.65
CA LYS C 580 3.47 -12.31 -2.26
C LYS C 580 4.22 -13.33 -1.41
N THR C 581 4.15 -13.15 -0.08
CA THR C 581 4.90 -14.01 0.84
C THR C 581 4.66 -15.49 0.58
N ALA C 582 3.41 -15.89 0.34
CA ALA C 582 3.13 -17.31 0.19
C ALA C 582 3.88 -17.94 -0.99
N ALA C 583 4.28 -17.14 -1.98
CA ALA C 583 5.00 -17.71 -3.12
C ALA C 583 6.29 -18.43 -2.69
N PHE C 584 6.97 -17.94 -1.65
CA PHE C 584 8.25 -18.52 -1.26
C PHE C 584 8.10 -19.82 -0.49
N ALA C 585 7.03 -19.96 0.30
CA ALA C 585 6.74 -21.24 0.95
C ALA C 585 6.25 -22.27 -0.06
N ILE C 586 5.47 -21.84 -1.06
CA ILE C 586 5.02 -22.77 -2.10
C ILE C 586 6.22 -23.29 -2.89
N ARG C 587 7.13 -22.38 -3.25
CA ARG C 587 8.34 -22.75 -3.96
C ARG C 587 9.15 -23.81 -3.21
N GLU C 588 9.32 -23.62 -1.90
CA GLU C 588 10.07 -24.60 -1.11
C GLU C 588 9.44 -25.97 -1.20
N ARG C 589 8.11 -26.02 -1.03
CA ARG C 589 7.39 -27.29 -1.16
C ARG C 589 7.53 -27.88 -2.56
N TRP C 590 7.22 -27.11 -3.60
CA TRP C 590 7.18 -27.68 -4.95
C TRP C 590 8.58 -28.01 -5.48
N ARG C 591 9.60 -27.27 -5.08
CA ARG C 591 10.94 -27.53 -5.61
C ARG C 591 11.60 -28.75 -4.97
N LYS C 592 11.16 -29.14 -3.78
CA LYS C 592 11.67 -30.36 -3.16
C LYS C 592 10.73 -31.53 -3.35
N MET C 593 9.71 -31.37 -4.18
CA MET C 593 8.75 -32.43 -4.41
C MET C 593 9.16 -33.24 -5.62
N ASP D 9 -27.39 6.71 40.42
CA ASP D 9 -26.48 7.63 41.14
C ASP D 9 -25.06 7.55 40.58
N MET D 10 -24.64 8.57 39.82
CA MET D 10 -23.41 8.41 39.07
C MET D 10 -22.77 9.73 38.68
N LEU D 11 -22.44 10.57 39.67
CA LEU D 11 -21.69 11.79 39.40
C LEU D 11 -20.26 11.44 39.02
N PHE D 12 -19.73 12.13 38.01
CA PHE D 12 -18.36 11.88 37.60
C PHE D 12 -17.42 12.19 38.76
N PRO D 13 -16.43 11.34 39.05
CA PRO D 13 -15.52 11.61 40.17
C PRO D 13 -14.70 12.86 39.93
N VAL D 14 -14.47 13.63 41.00
CA VAL D 14 -13.71 14.88 40.94
C VAL D 14 -12.62 14.88 42.02
N ASP D 15 -11.63 15.76 41.80
CA ASP D 15 -10.58 16.05 42.76
C ASP D 15 -10.74 17.48 43.28
N ASN D 16 -10.82 17.64 44.59
CA ASN D 16 -10.79 18.99 45.16
C ASN D 16 -10.22 18.88 46.59
N GLU D 17 -10.49 19.89 47.42
CA GLU D 17 -9.97 19.84 48.79
C GLU D 17 -10.65 18.75 49.62
N ALA D 18 -11.86 18.33 49.25
CA ALA D 18 -12.65 17.36 50.01
C ALA D 18 -12.65 15.95 49.40
N ARG D 19 -12.62 15.84 48.08
CA ARG D 19 -12.67 14.56 47.37
C ARG D 19 -11.36 14.32 46.67
N GLN D 20 -10.98 13.04 46.55
CA GLN D 20 -9.69 12.67 45.95
C GLN D 20 -9.84 11.38 45.15
N ILE D 21 -9.12 11.31 44.03
CA ILE D 21 -9.20 10.19 43.09
C ILE D 21 -7.89 9.41 43.13
N LYS D 22 -8.00 8.09 43.20
CA LYS D 22 -6.85 7.20 43.04
C LYS D 22 -7.07 6.38 41.77
N GLU D 23 -6.24 6.61 40.76
CA GLU D 23 -6.36 5.89 39.49
C GLU D 23 -5.77 4.50 39.64
N LEU D 24 -6.50 3.48 39.21
CA LEU D 24 -6.00 2.11 39.27
C LEU D 24 -5.81 1.51 37.87
N ASN D 25 -5.12 2.22 36.99
CA ASN D 25 -4.93 1.79 35.62
C ASN D 25 -3.60 1.05 35.51
N GLY D 26 -2.71 1.39 34.57
CA GLY D 26 -1.44 0.70 34.47
C GLY D 26 -1.57 -0.74 34.01
N ILE D 27 -0.69 -1.59 34.53
CA ILE D 27 -0.51 -2.98 34.09
C ILE D 27 -1.11 -3.90 35.16
N TRP D 28 -2.04 -4.74 34.75
CA TRP D 28 -2.61 -5.73 35.65
C TRP D 28 -2.11 -7.11 35.28
N LYS D 29 -2.35 -8.06 36.17
CA LYS D 29 -2.16 -9.47 35.87
C LYS D 29 -3.45 -10.01 35.27
N PHE D 30 -3.33 -11.05 34.45
CA PHE D 30 -4.39 -11.45 33.53
C PHE D 30 -4.27 -12.92 33.17
N LYS D 31 -5.40 -13.61 33.11
CA LYS D 31 -5.43 -14.95 32.53
C LYS D 31 -6.84 -15.26 32.06
N ARG D 32 -6.95 -16.11 31.04
CA ARG D 32 -8.27 -16.48 30.54
C ARG D 32 -8.68 -17.86 31.06
N ASP D 33 -9.99 -18.06 31.16
CA ASP D 33 -10.53 -19.39 31.40
C ASP D 33 -10.05 -20.34 30.29
N ASN D 34 -9.74 -21.58 30.67
CA ASN D 34 -9.45 -22.61 29.68
C ASN D 34 -10.64 -23.51 29.40
N TYR D 35 -11.69 -23.41 30.20
CA TYR D 35 -12.99 -23.96 29.83
C TYR D 35 -14.04 -23.02 30.40
N TYR D 36 -15.27 -23.18 29.94
CA TYR D 36 -16.34 -22.25 30.29
C TYR D 36 -16.47 -22.12 31.81
N LYS D 37 -16.30 -20.90 32.31
CA LYS D 37 -16.45 -20.54 33.72
C LYS D 37 -15.44 -21.23 34.64
N GLN D 38 -14.28 -21.64 34.10
CA GLN D 38 -13.28 -22.29 34.92
C GLN D 38 -12.91 -21.47 36.14
N GLY D 39 -12.83 -20.15 35.99
CA GLY D 39 -12.46 -19.30 37.11
C GLY D 39 -13.47 -19.35 38.23
N PHE D 40 -14.77 -19.35 37.90
CA PHE D 40 -15.79 -19.44 38.93
C PHE D 40 -15.83 -20.83 39.56
N GLU D 41 -15.65 -21.88 38.77
CA GLU D 41 -15.67 -23.24 39.30
C GLU D 41 -14.53 -23.46 40.27
N GLU D 42 -13.32 -23.02 39.91
CA GLU D 42 -12.14 -23.23 40.72
C GLU D 42 -11.86 -22.07 41.67
N LYS D 43 -12.80 -21.13 41.79
CA LYS D 43 -12.71 -20.05 42.79
C LYS D 43 -11.36 -19.36 42.74
N TRP D 44 -10.94 -19.01 41.52
CA TRP D 44 -9.64 -18.37 41.31
C TRP D 44 -9.48 -17.09 42.10
N PHE D 45 -10.60 -16.40 42.38
CA PHE D 45 -10.54 -15.14 43.13
C PHE D 45 -10.11 -15.31 44.59
N GLU D 46 -10.19 -16.52 45.17
CA GLU D 46 -9.94 -16.63 46.61
C GLU D 46 -8.47 -16.53 46.98
N LYS D 47 -7.57 -16.61 46.01
CA LYS D 47 -6.15 -16.42 46.21
C LYS D 47 -5.63 -15.67 45.00
N PRO D 48 -4.42 -15.09 45.09
CA PRO D 48 -3.87 -14.38 43.92
C PRO D 48 -3.85 -15.25 42.67
N LEU D 49 -3.94 -14.60 41.51
CA LEU D 49 -3.94 -15.36 40.26
C LEU D 49 -2.55 -15.90 39.97
N GLU D 50 -2.50 -17.11 39.42
CA GLU D 50 -1.26 -17.76 39.05
C GLU D 50 -1.29 -18.13 37.57
N ASP D 51 -0.11 -18.17 36.96
CA ASP D 51 0.04 -18.42 35.52
C ASP D 51 -0.66 -17.32 34.72
N VAL D 52 -0.18 -16.09 34.92
CA VAL D 52 -0.78 -14.89 34.38
C VAL D 52 0.21 -14.24 33.41
N ILE D 53 -0.31 -13.28 32.66
CA ILE D 53 0.50 -12.41 31.81
C ILE D 53 0.12 -10.97 32.16
N ASP D 54 0.88 -10.03 31.62
CA ASP D 54 0.57 -8.61 31.78
C ASP D 54 -0.51 -8.16 30.81
N MET D 55 -1.41 -7.29 31.30
CA MET D 55 -2.45 -6.74 30.45
C MET D 55 -2.63 -5.28 30.83
N PRO D 56 -2.59 -4.36 29.88
CA PRO D 56 -2.77 -2.94 30.22
C PRO D 56 -4.23 -2.65 30.53
N VAL D 57 -4.44 -1.68 31.40
CA VAL D 57 -5.78 -1.17 31.70
C VAL D 57 -5.66 0.34 31.65
N PRO D 58 -6.54 1.05 30.92
CA PRO D 58 -7.64 0.55 30.11
C PRO D 58 -7.23 0.08 28.70
N SER D 59 -7.83 -1.01 28.23
CA SER D 59 -7.56 -1.57 26.90
C SER D 59 -8.44 -2.79 26.67
N SER D 60 -8.76 -3.10 25.40
CA SER D 60 -9.25 -4.43 25.10
C SER D 60 -8.09 -5.40 25.26
N TYR D 61 -8.38 -6.67 25.53
CA TYR D 61 -7.28 -7.63 25.58
C TYR D 61 -7.02 -8.31 24.24
N ASN D 62 -7.91 -8.15 23.26
CA ASN D 62 -7.92 -9.04 22.10
C ASN D 62 -6.75 -8.82 21.15
N ASP D 63 -6.21 -7.59 21.06
CA ASP D 63 -5.18 -7.27 20.08
C ASP D 63 -3.81 -7.05 20.71
N ILE D 64 -3.66 -7.36 22.00
CA ILE D 64 -2.39 -7.13 22.69
C ILE D 64 -1.41 -8.27 22.45
N THR D 65 -1.88 -9.52 22.42
CA THR D 65 -0.93 -10.63 22.33
C THR D 65 -0.83 -11.14 20.90
N THR D 66 0.10 -12.08 20.71
CA THR D 66 0.29 -12.75 19.43
C THR D 66 -0.53 -14.02 19.30
N ASP D 67 -1.52 -14.19 20.16
CA ASP D 67 -2.18 -15.47 20.41
C ASP D 67 -3.60 -15.44 19.84
N GLN D 68 -3.84 -16.18 18.76
CA GLN D 68 -5.18 -16.23 18.18
C GLN D 68 -6.22 -16.76 19.17
N GLU D 69 -5.84 -17.66 20.06
CA GLU D 69 -6.80 -18.20 21.04
C GLU D 69 -7.31 -17.11 21.97
N LEU D 70 -6.44 -16.21 22.42
CA LEU D 70 -6.92 -15.13 23.27
C LEU D 70 -7.73 -14.14 22.45
N ARG D 71 -7.28 -13.80 21.25
CA ARG D 71 -8.00 -12.84 20.41
C ARG D 71 -9.46 -13.26 20.24
N ASP D 72 -9.68 -14.54 19.91
CA ASP D 72 -10.99 -15.09 19.62
C ASP D 72 -11.68 -15.72 20.83
N HIS D 73 -11.21 -15.45 22.05
CA HIS D 73 -11.78 -16.08 23.25
C HIS D 73 -13.29 -15.86 23.36
N VAL D 74 -13.99 -16.88 23.85
CA VAL D 74 -15.42 -16.82 24.13
C VAL D 74 -15.62 -17.20 25.59
N GLY D 75 -16.17 -16.27 26.37
CA GLY D 75 -16.36 -16.54 27.79
C GLY D 75 -15.74 -15.53 28.72
N TRP D 76 -15.06 -15.98 29.77
CA TRP D 76 -14.57 -15.12 30.83
C TRP D 76 -13.04 -15.10 30.88
N VAL D 77 -12.51 -13.94 31.27
CA VAL D 77 -11.11 -13.74 31.58
C VAL D 77 -11.04 -13.08 32.95
N TRP D 78 -9.84 -13.06 33.52
CA TRP D 78 -9.62 -12.67 34.92
C TRP D 78 -8.49 -11.66 34.96
N TYR D 79 -8.77 -10.50 35.56
CA TYR D 79 -7.77 -9.46 35.80
C TYR D 79 -7.49 -9.35 37.31
N GLU D 80 -6.29 -8.91 37.66
CA GLU D 80 -5.97 -8.70 39.07
C GLU D 80 -4.88 -7.65 39.26
N ARG D 81 -5.06 -6.79 40.25
CA ARG D 81 -3.97 -5.94 40.68
C ARG D 81 -4.14 -5.69 42.16
N LYS D 82 -3.17 -4.98 42.75
CA LYS D 82 -3.26 -4.53 44.13
C LYS D 82 -3.40 -3.00 44.18
N PHE D 83 -4.04 -2.52 45.26
CA PHE D 83 -4.10 -1.09 45.55
C PHE D 83 -4.00 -0.87 47.05
N ALA D 84 -3.65 0.36 47.43
CA ALA D 84 -3.44 0.71 48.84
C ALA D 84 -4.46 1.75 49.30
N VAL D 85 -4.89 1.63 50.55
CA VAL D 85 -5.65 2.67 51.22
C VAL D 85 -4.73 3.36 52.21
N PRO D 86 -4.42 4.64 52.03
CA PRO D 86 -3.51 5.32 52.96
C PRO D 86 -4.15 5.57 54.32
N ARG D 87 -3.29 5.64 55.34
CA ARG D 87 -3.72 6.05 56.68
C ARG D 87 -4.54 7.34 56.62
N LEU D 88 -4.16 8.28 55.75
CA LEU D 88 -4.81 9.57 55.68
C LEU D 88 -6.28 9.51 55.25
N TRP D 89 -6.73 8.37 54.74
CA TRP D 89 -8.12 8.22 54.30
C TRP D 89 -9.01 7.57 55.38
N LYS D 90 -8.55 7.58 56.64
CA LYS D 90 -9.10 6.67 57.64
C LYS D 90 -10.62 6.80 57.79
N ASP D 91 -11.15 8.01 57.91
CA ASP D 91 -12.57 8.12 58.23
C ASP D 91 -13.41 8.59 57.03
N GLN D 92 -12.95 8.30 55.82
CA GLN D 92 -13.67 8.75 54.64
C GLN D 92 -14.55 7.64 54.10
N ARG D 93 -15.50 8.03 53.28
CA ARG D 93 -16.24 7.09 52.45
C ARG D 93 -15.37 6.70 51.24
N LEU D 94 -15.29 5.41 50.95
CA LEU D 94 -14.42 4.89 49.89
C LEU D 94 -15.27 4.23 48.80
N VAL D 95 -15.02 4.59 47.54
CA VAL D 95 -15.80 4.10 46.41
C VAL D 95 -14.85 3.57 45.34
N LEU D 96 -15.14 2.38 44.83
CA LEU D 96 -14.40 1.81 43.71
C LEU D 96 -15.24 1.97 42.45
N ARG D 97 -14.71 2.70 41.47
CA ARG D 97 -15.48 3.01 40.27
C ARG D 97 -14.86 2.38 39.03
N PHE D 98 -15.70 1.77 38.21
CA PHE D 98 -15.37 1.27 36.90
C PHE D 98 -16.11 2.11 35.85
N GLY D 99 -15.36 2.81 35.00
CA GLY D 99 -15.99 3.51 33.87
C GLY D 99 -16.72 2.56 32.92
N SER D 100 -16.18 1.34 32.74
CA SER D 100 -16.90 0.26 32.07
C SER D 100 -16.10 -1.03 32.17
N VAL D 101 -16.81 -2.15 32.01
CA VAL D 101 -16.21 -3.46 31.84
C VAL D 101 -17.05 -4.20 30.79
N THR D 102 -16.42 -4.64 29.70
CA THR D 102 -17.13 -5.15 28.53
C THR D 102 -16.96 -6.67 28.41
N HIS D 103 -18.07 -7.42 28.50
CA HIS D 103 -19.44 -6.91 28.67
C HIS D 103 -20.01 -7.09 30.08
N HIS D 104 -19.53 -8.10 30.81
CA HIS D 104 -20.10 -8.46 32.10
C HIS D 104 -18.98 -8.51 33.14
N ALA D 105 -19.29 -8.07 34.35
CA ALA D 105 -18.27 -7.96 35.38
C ALA D 105 -18.71 -8.65 36.66
N VAL D 106 -17.74 -9.26 37.35
CA VAL D 106 -17.87 -9.63 38.75
C VAL D 106 -16.64 -9.08 39.47
N ILE D 107 -16.86 -8.34 40.55
CA ILE D 107 -15.79 -7.63 41.25
C ILE D 107 -15.54 -8.32 42.59
N TYR D 108 -14.26 -8.53 42.92
CA TYR D 108 -13.85 -9.17 44.16
C TYR D 108 -12.83 -8.29 44.87
N LEU D 109 -13.03 -8.06 46.16
CA LEU D 109 -12.08 -7.33 46.99
C LEU D 109 -11.57 -8.28 48.06
N ASN D 110 -10.25 -8.54 48.04
CA ASN D 110 -9.60 -9.45 48.99
C ASN D 110 -10.32 -10.80 49.05
N GLY D 111 -10.67 -11.34 47.88
CA GLY D 111 -11.25 -12.66 47.78
C GLY D 111 -12.76 -12.75 47.96
N LYS D 112 -13.44 -11.65 48.30
CA LYS D 112 -14.89 -11.65 48.48
C LYS D 112 -15.57 -10.82 47.41
N GLU D 113 -16.69 -11.34 46.89
CA GLU D 113 -17.43 -10.64 45.85
C GLU D 113 -18.14 -9.43 46.41
N ILE D 114 -17.99 -8.27 45.76
CA ILE D 114 -18.62 -7.05 46.24
C ILE D 114 -19.64 -6.47 45.27
N THR D 115 -19.59 -6.76 43.97
CA THR D 115 -20.64 -6.31 43.06
C THR D 115 -20.49 -7.02 41.72
N ARG D 116 -21.53 -6.90 40.89
CA ARG D 116 -21.53 -7.38 39.51
C ARG D 116 -22.17 -6.32 38.62
N HIS D 117 -22.00 -6.49 37.31
CA HIS D 117 -22.57 -5.54 36.37
C HIS D 117 -22.78 -6.21 35.02
N LYS D 118 -23.88 -5.84 34.37
CA LYS D 118 -24.23 -6.34 33.05
C LYS D 118 -24.31 -5.14 32.11
N GLY D 119 -23.50 -5.16 31.04
CA GLY D 119 -23.47 -4.03 30.12
C GLY D 119 -22.08 -3.46 29.97
N GLY D 120 -21.56 -3.45 28.74
CA GLY D 120 -20.15 -3.17 28.56
C GLY D 120 -19.77 -1.72 28.36
N PHE D 121 -20.71 -0.78 28.45
CA PHE D 121 -20.39 0.59 28.03
C PHE D 121 -20.87 1.65 29.00
N LEU D 122 -21.25 1.30 30.23
CA LEU D 122 -21.72 2.27 31.21
C LEU D 122 -21.06 2.00 32.56
N PRO D 123 -20.82 3.03 33.35
CA PRO D 123 -20.03 2.87 34.58
C PRO D 123 -20.82 2.18 35.67
N PHE D 124 -20.10 1.78 36.72
CA PHE D 124 -20.71 1.21 37.92
C PHE D 124 -19.71 1.30 39.07
N GLU D 125 -20.22 1.28 40.29
CA GLU D 125 -19.32 1.48 41.42
C GLU D 125 -19.80 0.64 42.61
N ALA D 126 -18.95 0.59 43.62
CA ALA D 126 -19.19 -0.18 44.84
C ALA D 126 -18.61 0.57 46.03
N ASP D 127 -19.42 0.75 47.08
CA ASP D 127 -18.97 1.38 48.32
C ASP D 127 -18.17 0.35 49.12
N VAL D 128 -16.88 0.62 49.33
CA VAL D 128 -15.98 -0.32 50.02
C VAL D 128 -15.47 0.27 51.34
N THR D 129 -16.18 1.26 51.89
CA THR D 129 -15.76 1.92 53.13
C THR D 129 -15.49 0.92 54.25
N GLU D 130 -16.39 -0.04 54.43
CA GLU D 130 -16.30 -1.00 55.52
C GLU D 130 -15.65 -2.32 55.11
N MET D 131 -14.97 -2.35 53.96
CA MET D 131 -14.40 -3.60 53.47
C MET D 131 -12.92 -3.47 53.14
N ALA D 132 -12.50 -2.31 52.68
CA ALA D 132 -11.09 -2.13 52.34
C ALA D 132 -10.26 -2.02 53.61
N ASN D 133 -9.09 -2.64 53.60
CA ASN D 133 -8.14 -2.48 54.69
C ASN D 133 -7.23 -1.31 54.40
N GLU D 134 -6.81 -0.63 55.46
CA GLU D 134 -5.68 0.26 55.37
C GLU D 134 -4.47 -0.50 54.84
N GLY D 135 -3.69 0.13 53.97
CA GLY D 135 -2.61 -0.60 53.32
C GLY D 135 -3.12 -1.44 52.17
N GLU D 136 -2.46 -2.57 51.95
CA GLU D 136 -2.60 -3.29 50.69
C GLU D 136 -3.93 -4.03 50.59
N ASN D 137 -4.52 -3.98 49.40
CA ASN D 137 -5.73 -4.73 49.07
C ASN D 137 -5.52 -5.41 47.72
N ARG D 138 -6.37 -6.38 47.43
CA ARG D 138 -6.30 -7.16 46.20
C ARG D 138 -7.62 -7.04 45.47
N LEU D 139 -7.56 -6.54 44.25
CA LEU D 139 -8.74 -6.31 43.41
C LEU D 139 -8.75 -7.33 42.27
N THR D 140 -9.83 -8.10 42.17
CA THR D 140 -9.95 -9.17 41.20
C THR D 140 -11.22 -8.93 40.39
N VAL D 141 -11.10 -8.98 39.05
CA VAL D 141 -12.20 -8.60 38.15
C VAL D 141 -12.40 -9.71 37.11
N ALA D 142 -13.55 -10.37 37.14
CA ALA D 142 -13.90 -11.33 36.10
C ALA D 142 -14.65 -10.58 34.98
N VAL D 143 -14.23 -10.81 33.73
CA VAL D 143 -14.70 -10.07 32.56
C VAL D 143 -15.22 -11.06 31.53
N GLY D 144 -16.51 -10.97 31.21
CA GLY D 144 -17.15 -11.91 30.30
C GLY D 144 -17.68 -11.22 29.06
N ASN D 145 -17.56 -11.88 27.91
CA ASN D 145 -17.87 -11.23 26.65
C ASN D 145 -19.08 -11.83 25.94
N ILE D 146 -19.84 -12.70 26.62
CA ILE D 146 -20.90 -13.43 25.96
C ILE D 146 -22.13 -12.54 25.83
N LEU D 147 -22.67 -12.46 24.62
CA LEU D 147 -23.91 -11.74 24.38
C LEU D 147 -25.01 -12.74 24.09
N GLU D 148 -26.12 -12.63 24.82
CA GLU D 148 -27.32 -13.41 24.58
C GLU D 148 -28.45 -12.48 24.17
N TRP D 149 -29.64 -13.06 23.96
CA TRP D 149 -30.78 -12.30 23.45
C TRP D 149 -31.27 -11.24 24.42
N ASP D 150 -30.86 -11.30 25.69
CA ASP D 150 -31.27 -10.31 26.69
C ASP D 150 -30.14 -9.35 27.03
N CYS D 151 -29.08 -9.30 26.22
CA CYS D 151 -28.03 -8.30 26.37
C CYS D 151 -28.15 -7.21 25.31
N LEU D 152 -27.38 -6.15 25.51
CA LEU D 152 -27.27 -5.06 24.55
C LEU D 152 -25.80 -4.75 24.41
N PRO D 153 -25.18 -4.98 23.25
CA PRO D 153 -25.74 -5.52 22.01
C PRO D 153 -26.31 -6.94 22.13
N VAL D 154 -27.21 -7.23 21.22
CA VAL D 154 -27.86 -8.52 21.12
C VAL D 154 -26.91 -9.51 20.46
N GLY D 155 -26.93 -10.76 20.92
CA GLY D 155 -26.23 -11.86 20.28
C GLY D 155 -26.81 -13.16 20.80
N HIS D 156 -26.15 -14.28 20.45
CA HIS D 156 -26.54 -15.57 21.00
C HIS D 156 -25.43 -16.59 20.76
N ILE D 157 -25.46 -17.67 21.54
CA ILE D 157 -24.41 -18.69 21.52
C ILE D 157 -24.95 -19.92 20.80
N GLU D 158 -24.10 -20.52 19.96
CA GLU D 158 -24.39 -21.80 19.31
C GLU D 158 -23.27 -22.79 19.61
N TYR D 159 -23.63 -24.08 19.56
CA TYR D 159 -22.71 -25.17 19.92
C TYR D 159 -22.46 -26.13 18.75
N MET D 170 -18.49 -23.61 22.17
CA MET D 170 -19.30 -22.39 22.08
C MET D 170 -18.81 -21.47 20.97
N GLU D 171 -19.71 -21.08 20.09
CA GLU D 171 -19.43 -20.03 19.13
C GLU D 171 -20.36 -18.86 19.41
N GLN D 172 -19.80 -17.65 19.39
CA GLN D 172 -20.59 -16.45 19.61
C GLN D 172 -21.14 -15.99 18.27
N LYS D 173 -22.47 -15.85 18.18
CA LYS D 173 -23.09 -15.29 17.00
C LYS D 173 -23.64 -13.91 17.33
N PHE D 174 -23.65 -13.04 16.31
CA PHE D 174 -24.29 -11.73 16.39
C PHE D 174 -24.34 -11.14 14.98
N ASP D 175 -25.17 -10.11 14.83
CA ASP D 175 -25.40 -9.50 13.53
C ASP D 175 -25.05 -8.02 13.52
N PHE D 176 -24.18 -7.59 14.41
CA PHE D 176 -23.65 -6.24 14.28
C PHE D 176 -22.25 -6.28 13.69
N ASP D 177 -21.85 -5.14 13.15
CA ASP D 177 -20.64 -5.02 12.34
C ASP D 177 -19.62 -4.13 13.06
N PHE D 178 -19.11 -4.66 14.18
CA PHE D 178 -17.89 -4.18 14.84
C PHE D 178 -17.38 -5.34 15.68
N PHE D 179 -16.07 -5.42 15.83
CA PHE D 179 -15.47 -6.54 16.53
C PHE D 179 -15.90 -6.53 17.99
N ASN D 180 -16.19 -7.71 18.54
CA ASN D 180 -16.70 -7.80 19.91
C ASN D 180 -15.51 -7.83 20.87
N TYR D 181 -14.81 -6.70 20.91
CA TYR D 181 -13.71 -6.51 21.85
C TYR D 181 -14.19 -6.60 23.29
N SER D 182 -13.33 -7.13 24.16
CA SER D 182 -13.64 -7.31 25.56
C SER D 182 -12.45 -6.86 26.39
N GLY D 183 -12.71 -6.47 27.65
CA GLY D 183 -11.67 -6.00 28.52
C GLY D 183 -12.18 -4.89 29.43
N ILE D 184 -11.25 -4.23 30.11
CA ILE D 184 -11.56 -3.06 30.94
C ILE D 184 -11.19 -1.84 30.09
N HIS D 185 -12.18 -1.28 29.40
CA HIS D 185 -11.94 -0.28 28.38
C HIS D 185 -11.81 1.13 28.91
N ARG D 186 -12.17 1.38 30.16
CA ARG D 186 -12.22 2.74 30.69
C ARG D 186 -11.59 2.76 32.08
N PRO D 187 -11.20 3.94 32.56
CA PRO D 187 -10.37 3.99 33.78
C PRO D 187 -11.06 3.39 34.99
N VAL D 188 -10.25 2.76 35.84
CA VAL D 188 -10.69 2.22 37.12
C VAL D 188 -10.21 3.20 38.19
N ARG D 189 -11.13 3.62 39.06
CA ARG D 189 -10.85 4.67 40.05
C ARG D 189 -11.33 4.25 41.42
N LEU D 190 -10.45 4.35 42.41
CA LEU D 190 -10.82 4.37 43.81
C LEU D 190 -10.84 5.81 44.30
N TYR D 191 -11.95 6.25 44.87
CA TYR D 191 -12.01 7.64 45.27
C TYR D 191 -12.68 7.78 46.64
N CYS D 192 -12.38 8.88 47.33
CA CYS D 192 -12.96 9.13 48.62
C CYS D 192 -13.83 10.39 48.59
N THR D 193 -14.82 10.40 49.48
CA THR D 193 -15.67 11.55 49.80
C THR D 193 -15.90 11.57 51.30
N PRO D 194 -16.36 12.69 51.85
CA PRO D 194 -16.85 12.68 53.23
C PRO D 194 -18.05 11.75 53.36
N LYS D 195 -18.36 11.40 54.61
CA LYS D 195 -19.44 10.43 54.81
C LYS D 195 -20.82 11.06 54.67
N GLU D 196 -20.93 12.38 54.77
CA GLU D 196 -22.14 13.10 54.38
C GLU D 196 -21.81 13.85 53.09
N TYR D 197 -22.49 13.52 52.00
CA TYR D 197 -21.94 13.91 50.71
C TYR D 197 -23.06 14.15 49.68
N ILE D 198 -22.67 14.80 48.59
CA ILE D 198 -23.54 15.02 47.45
C ILE D 198 -23.61 13.74 46.60
N GLU D 199 -24.82 13.18 46.45
CA GLU D 199 -25.10 11.96 45.71
C GLU D 199 -25.45 12.19 44.24
N ASP D 200 -26.29 13.17 43.94
CA ASP D 200 -26.81 13.33 42.59
C ASP D 200 -27.12 14.80 42.35
N ILE D 201 -27.05 15.21 41.08
CA ILE D 201 -27.35 16.56 40.65
C ILE D 201 -28.08 16.47 39.32
N SER D 202 -29.10 17.31 39.15
CA SER D 202 -29.78 17.46 37.88
C SER D 202 -29.85 18.95 37.58
N VAL D 203 -29.58 19.32 36.32
CA VAL D 203 -29.67 20.71 35.88
C VAL D 203 -30.48 20.74 34.60
N ARG D 204 -31.40 21.70 34.52
CA ARG D 204 -32.14 22.02 33.31
C ARG D 204 -32.10 23.54 33.17
N THR D 205 -32.08 24.03 31.93
CA THR D 205 -31.95 25.46 31.69
C THR D 205 -33.03 25.93 30.71
N THR D 206 -33.52 27.15 30.92
CA THR D 206 -34.40 27.84 29.99
C THR D 206 -33.82 29.22 29.70
N VAL D 207 -34.35 29.87 28.68
CA VAL D 207 -33.90 31.20 28.26
C VAL D 207 -35.10 32.09 28.00
N ASP D 208 -35.11 33.29 28.60
CA ASP D 208 -36.06 34.34 28.26
C ASP D 208 -35.27 35.53 27.72
N ASP D 209 -35.33 35.70 26.40
CA ASP D 209 -34.49 36.62 25.65
C ASP D 209 -33.04 36.56 26.09
N LYS D 210 -32.58 37.56 26.84
CA LYS D 210 -31.18 37.63 27.23
C LYS D 210 -30.86 36.90 28.53
N ASP D 211 -31.87 36.51 29.30
CA ASP D 211 -31.64 35.98 30.63
C ASP D 211 -31.81 34.46 30.63
N GLY D 212 -30.84 33.77 31.20
CA GLY D 212 -30.98 32.34 31.42
C GLY D 212 -31.54 32.05 32.80
N MET D 213 -32.30 30.96 32.88
CA MET D 213 -32.81 30.43 34.12
C MET D 213 -32.22 29.04 34.34
N VAL D 214 -31.59 28.81 35.49
CA VAL D 214 -30.98 27.52 35.84
C VAL D 214 -31.85 26.85 36.90
N HIS D 215 -32.48 25.72 36.54
CA HIS D 215 -33.18 24.85 37.48
C HIS D 215 -32.22 23.75 37.93
N TYR D 216 -31.97 23.65 39.23
CA TYR D 216 -31.13 22.55 39.69
C TYR D 216 -31.81 21.81 40.82
N GLU D 217 -31.41 20.56 40.97
CA GLU D 217 -31.86 19.71 42.07
C GLU D 217 -30.67 18.90 42.57
N ILE D 218 -30.37 19.01 43.87
CA ILE D 218 -29.21 18.36 44.47
C ILE D 218 -29.70 17.38 45.51
N LYS D 219 -29.24 16.14 45.40
CA LYS D 219 -29.56 15.09 46.36
C LYS D 219 -28.33 14.83 47.23
N THR D 220 -28.54 14.80 48.55
CA THR D 220 -27.50 14.46 49.52
C THR D 220 -28.03 13.34 50.41
N ASN D 221 -27.15 12.79 51.25
CA ASN D 221 -27.59 11.83 52.25
C ASN D 221 -27.80 12.48 53.62
N ALA D 222 -28.06 13.80 53.65
CA ALA D 222 -28.46 14.49 54.88
C ALA D 222 -29.19 15.78 54.54
N GLU D 223 -30.43 15.68 54.06
CA GLU D 223 -31.09 16.82 53.43
C GLU D 223 -31.39 17.98 54.38
N GLU D 224 -31.38 17.74 55.70
CA GLU D 224 -31.62 18.81 56.65
C GLU D 224 -30.40 19.72 56.85
N LYS D 225 -29.20 19.28 56.50
CA LYS D 225 -27.99 20.03 56.77
C LYS D 225 -27.86 21.15 55.71
N PHE D 226 -26.93 22.06 55.97
CA PHE D 226 -26.65 23.26 55.15
C PHE D 226 -25.89 23.02 53.86
N ILE D 227 -26.41 23.65 52.78
CA ILE D 227 -25.71 23.64 51.53
C ILE D 227 -25.48 25.08 51.11
N LYS D 228 -24.35 25.34 50.45
CA LYS D 228 -24.08 26.59 49.72
C LYS D 228 -23.84 26.24 48.24
N VAL D 229 -24.61 26.87 47.36
CA VAL D 229 -24.57 26.64 45.92
C VAL D 229 -24.21 27.95 45.23
N TYR D 230 -23.13 27.94 44.45
CA TYR D 230 -22.76 29.04 43.58
C TYR D 230 -22.90 28.63 42.11
N ILE D 231 -23.23 29.61 41.27
CA ILE D 231 -23.07 29.48 39.83
C ILE D 231 -21.97 30.44 39.42
N ARG D 232 -20.91 29.89 38.84
CA ARG D 232 -19.72 30.63 38.47
C ARG D 232 -19.59 30.65 36.95
N ASP D 233 -19.13 31.76 36.41
CA ASP D 233 -18.91 31.86 34.97
C ASP D 233 -17.53 31.28 34.65
N GLU D 234 -17.11 31.37 33.37
CA GLU D 234 -15.84 30.80 32.97
C GLU D 234 -14.68 31.54 33.59
N LYS D 235 -14.89 32.76 34.05
CA LYS D 235 -13.94 33.53 34.83
C LYS D 235 -13.92 33.10 36.28
N ASN D 236 -14.67 32.06 36.64
CA ASN D 236 -14.85 31.58 38.01
C ASN D 236 -15.52 32.60 38.92
N GLN D 237 -16.16 33.62 38.36
CA GLN D 237 -16.79 34.65 39.16
C GLN D 237 -18.24 34.28 39.45
N VAL D 238 -18.67 34.54 40.69
CA VAL D 238 -20.01 34.18 41.11
C VAL D 238 -21.02 35.08 40.41
N VAL D 239 -22.01 34.46 39.77
CA VAL D 239 -23.10 35.19 39.15
C VAL D 239 -24.44 34.87 39.79
N ALA D 240 -24.48 33.93 40.73
CA ALA D 240 -25.68 33.55 41.42
C ALA D 240 -25.30 32.68 42.60
N GLU D 241 -26.24 32.54 43.53
CA GLU D 241 -25.93 32.07 44.87
C GLU D 241 -27.22 31.59 45.52
N SER D 242 -27.15 30.45 46.24
CA SER D 242 -28.34 30.01 46.95
C SER D 242 -27.96 29.00 48.03
N ASN D 243 -28.88 28.83 48.98
CA ASN D 243 -28.74 27.89 50.08
C ASN D 243 -29.78 26.78 50.01
N GLU D 244 -30.46 26.63 48.88
CA GLU D 244 -31.48 25.62 48.71
C GLU D 244 -30.93 24.43 47.94
N MET D 245 -31.40 23.24 48.30
CA MET D 245 -31.02 22.02 47.61
C MET D 245 -31.71 21.88 46.26
N LYS D 246 -32.87 22.52 46.11
CA LYS D 246 -33.58 22.63 44.84
C LYS D 246 -33.92 24.10 44.66
N ASP D 247 -33.55 24.68 43.52
CA ASP D 247 -33.81 26.08 43.31
C ASP D 247 -33.92 26.37 41.81
N MET D 248 -34.38 27.59 41.52
CA MET D 248 -34.45 28.13 40.18
C MET D 248 -33.79 29.49 40.26
N VAL D 249 -32.69 29.66 39.54
CA VAL D 249 -31.85 30.84 39.69
C VAL D 249 -31.62 31.49 38.34
N LEU D 250 -31.63 32.82 38.31
CA LEU D 250 -31.57 33.59 37.06
C LEU D 250 -30.14 34.02 36.78
N VAL D 251 -29.71 33.85 35.54
CA VAL D 251 -28.38 34.28 35.08
C VAL D 251 -28.61 35.41 34.08
N LYS D 252 -28.36 36.64 34.51
CA LYS D 252 -28.63 37.80 33.67
C LYS D 252 -27.65 37.81 32.50
N ASP D 253 -28.17 38.13 31.31
CA ASP D 253 -27.35 38.22 30.10
C ASP D 253 -26.49 36.97 29.92
N ALA D 254 -27.15 35.81 29.97
CA ALA D 254 -26.44 34.54 29.99
C ALA D 254 -25.64 34.32 28.70
N GLN D 255 -24.41 33.82 28.86
CA GLN D 255 -23.60 33.37 27.73
C GLN D 255 -24.06 31.98 27.32
N LEU D 256 -24.74 31.87 26.19
CA LEU D 256 -25.31 30.59 25.81
C LEU D 256 -24.23 29.63 25.31
N TRP D 257 -24.49 28.35 25.49
CA TRP D 257 -23.65 27.32 24.92
C TRP D 257 -24.02 27.16 23.45
N GLN D 258 -23.07 27.47 22.53
CA GLN D 258 -23.42 27.39 21.10
C GLN D 258 -22.63 26.30 20.37
N PRO D 259 -23.20 25.67 19.35
CA PRO D 259 -22.42 24.78 18.49
C PRO D 259 -21.19 25.49 17.94
N GLY D 260 -20.02 24.88 18.11
CA GLY D 260 -18.80 25.55 17.70
C GLY D 260 -18.34 26.69 18.59
N SER D 261 -19.12 27.08 19.60
CA SER D 261 -18.68 28.12 20.53
C SER D 261 -19.26 27.80 21.91
N ALA D 262 -18.57 26.93 22.63
CA ALA D 262 -19.06 26.44 23.92
C ALA D 262 -18.92 27.51 25.00
N TYR D 263 -19.87 27.52 25.92
CA TYR D 263 -19.68 28.25 27.17
C TYR D 263 -20.21 27.38 28.29
N LEU D 264 -19.40 27.15 29.31
CA LEU D 264 -19.76 26.29 30.43
C LEU D 264 -19.77 27.11 31.70
N TYR D 265 -20.92 27.14 32.38
CA TYR D 265 -20.96 27.63 33.75
C TYR D 265 -20.61 26.47 34.70
N LYS D 266 -20.49 26.80 35.98
CA LYS D 266 -20.14 25.84 37.02
C LYS D 266 -21.17 25.92 38.14
N LEU D 267 -21.80 24.80 38.44
CA LEU D 267 -22.60 24.65 39.65
C LEU D 267 -21.64 24.20 40.75
N ASP D 268 -21.29 25.12 41.63
CA ASP D 268 -20.23 24.92 42.61
C ASP D 268 -20.89 24.78 43.99
N ILE D 269 -20.78 23.58 44.58
CA ILE D 269 -21.63 23.15 45.69
C ILE D 269 -20.77 22.82 46.90
N TYR D 270 -21.00 23.54 48.00
CA TYR D 270 -20.39 23.23 49.29
C TYR D 270 -21.45 22.66 50.22
N PHE D 271 -21.15 21.49 50.82
CA PHE D 271 -22.13 20.77 51.61
C PHE D 271 -21.38 20.10 52.76
N GLY D 272 -21.48 20.68 53.95
CA GLY D 272 -20.78 20.11 55.09
C GLY D 272 -19.29 20.19 54.86
N GLN D 273 -18.62 19.06 54.91
CA GLN D 273 -17.22 19.00 54.52
C GLN D 273 -17.04 18.70 53.03
N ASP D 274 -18.13 18.48 52.30
CA ASP D 274 -18.06 18.01 50.91
C ASP D 274 -18.05 19.18 49.93
N HIS D 275 -17.60 18.88 48.71
CA HIS D 275 -17.50 19.86 47.65
C HIS D 275 -17.62 19.14 46.30
N TYR D 276 -18.52 19.61 45.45
CA TYR D 276 -18.63 19.10 44.09
C TYR D 276 -18.87 20.26 43.13
N THR D 277 -18.21 20.22 41.97
CA THR D 277 -18.36 21.25 40.95
C THR D 277 -18.77 20.60 39.64
N LEU D 278 -19.94 20.99 39.15
CA LEU D 278 -20.51 20.40 37.95
C LEU D 278 -20.58 21.42 36.82
N PRO D 279 -19.79 21.27 35.74
CA PRO D 279 -19.95 22.15 34.58
C PRO D 279 -21.27 21.90 33.88
N PHE D 280 -21.81 22.95 33.26
CA PHE D 280 -23.07 22.84 32.53
C PHE D 280 -23.19 23.99 31.54
N GLY D 281 -24.01 23.78 30.52
CA GLY D 281 -24.21 24.77 29.49
C GLY D 281 -25.66 25.23 29.46
N ILE D 282 -25.86 26.50 29.13
CA ILE D 282 -27.20 27.07 29.01
C ILE D 282 -27.55 27.06 27.53
N ARG D 283 -28.50 26.21 27.14
CA ARG D 283 -28.87 26.14 25.74
C ARG D 283 -30.22 25.47 25.63
N THR D 284 -30.99 25.88 24.63
CA THR D 284 -32.32 25.34 24.38
C THR D 284 -32.34 24.53 23.09
N ILE D 285 -33.32 23.62 23.01
CA ILE D 285 -33.54 22.76 21.84
C ILE D 285 -35.01 22.81 21.48
N GLN D 286 -35.29 22.98 20.19
CA GLN D 286 -36.68 22.98 19.74
C GLN D 286 -36.74 22.41 18.32
N LEU D 287 -37.64 21.47 18.11
CA LEU D 287 -37.89 20.89 16.82
C LEU D 287 -39.04 21.62 16.15
N THR D 288 -38.81 22.14 14.95
CA THR D 288 -39.94 22.59 14.19
C THR D 288 -40.31 21.48 13.20
N GLU D 289 -41.11 21.83 12.20
CA GLU D 289 -41.58 20.84 11.25
C GLU D 289 -40.44 20.29 10.40
N LYS D 290 -39.48 21.16 10.09
CA LYS D 290 -38.42 20.87 9.14
C LYS D 290 -37.08 21.42 9.58
N GLN D 291 -36.98 21.96 10.79
CA GLN D 291 -35.73 22.50 11.29
C GLN D 291 -35.45 21.97 12.69
N PHE D 292 -34.17 21.96 13.03
CA PHE D 292 -33.68 21.60 14.34
C PHE D 292 -33.05 22.87 14.91
N LEU D 293 -33.62 23.38 16.00
CA LEU D 293 -33.22 24.68 16.54
C LEU D 293 -32.44 24.46 17.83
N ILE D 294 -31.24 25.04 17.87
CA ILE D 294 -30.47 25.18 19.09
C ILE D 294 -30.36 26.67 19.39
N ASN D 295 -30.90 27.08 20.54
CA ASN D 295 -30.93 28.50 20.92
C ASN D 295 -31.67 29.31 19.87
N GLY D 296 -32.74 28.75 19.34
CA GLY D 296 -33.53 29.40 18.33
C GLY D 296 -32.97 29.41 16.92
N LYS D 297 -31.77 28.89 16.70
CA LYS D 297 -31.23 29.03 15.36
C LYS D 297 -31.06 27.67 14.68
N PRO D 298 -31.45 27.54 13.41
CA PRO D 298 -31.41 26.24 12.73
C PRO D 298 -30.04 25.60 12.83
N PHE D 299 -30.03 24.30 13.10
CA PHE D 299 -28.81 23.52 13.17
C PHE D 299 -28.88 22.41 12.15
N TYR D 300 -27.86 22.28 11.32
CA TYR D 300 -27.80 21.20 10.35
C TYR D 300 -26.64 20.30 10.74
N PHE D 301 -26.94 19.05 11.06
CA PHE D 301 -25.91 18.12 11.49
C PHE D 301 -24.95 17.83 10.34
N LYS D 302 -23.67 18.14 10.56
CA LYS D 302 -22.60 17.68 9.67
C LYS D 302 -21.62 16.87 10.49
N GLY D 303 -21.47 15.58 10.15
CA GLY D 303 -20.49 14.77 10.86
C GLY D 303 -20.47 13.29 10.53
N PHE D 304 -20.36 12.46 11.57
CA PHE D 304 -20.12 11.03 11.47
C PHE D 304 -20.71 10.33 12.69
N GLY D 305 -21.14 9.09 12.48
CA GLY D 305 -21.07 8.12 13.55
C GLY D 305 -19.63 7.68 13.71
N LYS D 306 -19.22 7.48 14.97
CA LYS D 306 -17.84 7.12 15.26
C LYS D 306 -17.77 5.68 15.78
N HIS D 307 -16.66 5.36 16.42
CA HIS D 307 -16.49 4.12 17.16
C HIS D 307 -15.38 4.35 18.16
N GLU D 308 -15.44 3.62 19.27
CA GLU D 308 -14.28 3.54 20.16
C GLU D 308 -13.44 2.39 19.62
N ASP D 309 -12.41 2.76 18.87
CA ASP D 309 -11.61 1.79 18.14
C ASP D 309 -10.32 2.46 17.72
N SER D 310 -9.20 1.77 17.91
CA SER D 310 -7.92 2.17 17.35
C SER D 310 -6.98 0.99 17.40
N ASP D 311 -5.79 1.18 16.84
CA ASP D 311 -4.83 0.08 16.78
C ASP D 311 -4.40 -0.34 18.17
N ILE D 312 -4.13 -1.64 18.31
CA ILE D 312 -3.51 -2.27 19.49
C ILE D 312 -4.47 -2.36 20.67
N ARG D 313 -5.06 -1.23 21.07
CA ARG D 313 -5.84 -1.16 22.31
C ARG D 313 -7.34 -1.43 22.12
N GLY D 314 -7.77 -1.80 20.93
CA GLY D 314 -9.19 -2.06 20.69
C GLY D 314 -10.07 -0.85 21.03
N LYS D 315 -10.99 -1.06 21.95
CA LYS D 315 -11.95 -0.05 22.40
C LYS D 315 -11.47 0.72 23.62
N GLY D 316 -10.20 0.59 23.98
CA GLY D 316 -9.71 1.25 25.18
C GLY D 316 -9.65 2.76 25.02
N LEU D 317 -9.99 3.47 26.09
CA LEU D 317 -9.93 4.92 26.10
C LEU D 317 -8.52 5.39 25.80
N ASP D 318 -8.40 6.38 24.93
CA ASP D 318 -7.12 6.97 24.60
C ASP D 318 -7.38 8.45 24.38
N GLU D 319 -6.96 9.28 25.34
CA GLU D 319 -7.32 10.68 25.28
C GLU D 319 -6.51 11.45 24.24
N ALA D 320 -5.31 11.00 23.91
CA ALA D 320 -4.58 11.65 22.82
C ALA D 320 -5.26 11.37 21.49
N LEU D 321 -5.71 10.13 21.28
CA LEU D 321 -6.56 9.80 20.15
C LEU D 321 -7.81 10.68 20.11
N ASN D 322 -8.42 10.92 21.27
CA ASN D 322 -9.62 11.75 21.31
C ASN D 322 -9.32 13.17 20.87
N VAL D 323 -8.19 13.74 21.34
CA VAL D 323 -7.85 15.11 20.93
C VAL D 323 -7.56 15.19 19.42
N ARG D 324 -6.87 14.18 18.88
CA ARG D 324 -6.61 14.15 17.45
C ARG D 324 -7.92 14.13 16.68
N ASP D 325 -8.86 13.27 17.10
CA ASP D 325 -10.15 13.15 16.41
C ASP D 325 -10.91 14.47 16.40
N CYS D 326 -10.90 15.20 17.53
CA CYS D 326 -11.57 16.50 17.58
C CYS D 326 -10.89 17.53 16.69
N GLU D 327 -9.56 17.51 16.63
CA GLU D 327 -8.85 18.33 15.64
C GLU D 327 -9.26 17.98 14.22
N LEU D 328 -9.43 16.69 13.92
CA LEU D 328 -9.86 16.33 12.57
C LEU D 328 -11.28 16.79 12.31
N LEU D 329 -12.16 16.67 13.32
CA LEU D 329 -13.54 17.08 13.16
C LEU D 329 -13.63 18.57 12.88
N LYS D 330 -12.83 19.37 13.58
CA LYS D 330 -12.77 20.80 13.33
C LYS D 330 -12.19 21.09 11.95
N TRP D 331 -11.09 20.41 11.60
CA TRP D 331 -10.43 20.61 10.31
C TRP D 331 -11.40 20.35 9.15
N ILE D 332 -12.20 19.28 9.23
CA ILE D 332 -13.07 18.90 8.12
C ILE D 332 -14.39 19.65 8.13
N GLY D 333 -14.66 20.50 9.12
CA GLY D 333 -15.92 21.23 9.16
C GLY D 333 -17.10 20.51 9.80
N ALA D 334 -16.88 19.36 10.43
CA ALA D 334 -17.94 18.67 11.13
C ALA D 334 -18.38 19.48 12.35
N ASN D 335 -19.66 19.36 12.70
CA ASN D 335 -20.17 20.00 13.90
C ASN D 335 -20.76 19.03 14.90
N SER D 336 -20.70 17.72 14.64
CA SER D 336 -21.49 16.79 15.42
C SER D 336 -20.97 15.36 15.21
N PHE D 337 -21.36 14.47 16.11
CA PHE D 337 -21.17 13.04 15.87
C PHE D 337 -22.24 12.28 16.64
N ARG D 338 -22.45 11.03 16.23
CA ARG D 338 -23.29 10.09 16.95
C ARG D 338 -22.42 9.05 17.65
N THR D 339 -22.76 8.67 18.89
CA THR D 339 -22.01 7.63 19.60
C THR D 339 -22.48 6.23 19.16
N SER D 340 -22.27 5.93 17.88
CA SER D 340 -22.55 4.58 17.40
C SER D 340 -21.53 3.59 17.97
N HIS D 341 -22.00 2.44 18.47
CA HIS D 341 -23.40 2.14 18.70
C HIS D 341 -23.60 1.81 20.18
N TYR D 342 -23.10 2.68 21.05
CA TYR D 342 -23.02 2.47 22.48
C TYR D 342 -22.54 3.77 23.09
N PRO D 343 -22.81 4.00 24.38
CA PRO D 343 -22.24 5.19 25.02
C PRO D 343 -20.72 5.16 24.96
N TYR D 344 -20.13 6.32 24.71
CA TYR D 344 -18.69 6.50 24.75
C TYR D 344 -18.25 6.89 26.15
N ALA D 345 -16.93 6.96 26.32
CA ALA D 345 -16.36 7.38 27.59
C ALA D 345 -16.81 8.79 27.92
N GLU D 346 -17.09 9.04 29.20
CA GLU D 346 -17.47 10.37 29.64
C GLU D 346 -16.41 11.40 29.26
N GLU D 347 -15.14 11.01 29.23
CA GLU D 347 -14.09 11.93 28.81
C GLU D 347 -14.38 12.52 27.44
N MET D 348 -14.87 11.70 26.50
CA MET D 348 -15.25 12.21 25.19
C MET D 348 -16.43 13.15 25.28
N MET D 349 -17.38 12.86 26.17
CA MET D 349 -18.54 13.73 26.34
C MET D 349 -18.14 15.06 26.97
N GLN D 350 -17.23 15.02 27.93
CA GLN D 350 -16.70 16.26 28.51
C GLN D 350 -16.02 17.10 27.45
N MET D 351 -15.22 16.45 26.59
CA MET D 351 -14.54 17.14 25.50
C MET D 351 -15.52 17.78 24.51
N ALA D 352 -16.59 17.07 24.14
CA ALA D 352 -17.61 17.65 23.28
C ALA D 352 -18.27 18.85 23.93
N ASP D 353 -18.57 18.76 25.23
CA ASP D 353 -19.08 19.91 25.98
C ASP D 353 -18.18 21.12 25.82
N GLN D 354 -16.87 20.91 25.93
CA GLN D 354 -15.90 22.01 25.95
C GLN D 354 -15.61 22.57 24.56
N LYS D 355 -15.69 21.75 23.51
CA LYS D 355 -15.42 22.21 22.16
C LYS D 355 -16.68 22.63 21.42
N GLY D 356 -17.84 22.53 22.07
CA GLY D 356 -19.09 22.85 21.40
C GLY D 356 -19.49 21.89 20.29
N ILE D 357 -19.24 20.59 20.46
CA ILE D 357 -19.63 19.58 19.47
C ILE D 357 -20.98 19.00 19.88
N VAL D 358 -21.89 18.90 18.94
CA VAL D 358 -23.24 18.43 19.21
C VAL D 358 -23.27 16.91 19.07
N VAL D 359 -23.94 16.23 20.00
CA VAL D 359 -23.84 14.78 20.11
C VAL D 359 -25.23 14.13 20.08
N ILE D 360 -25.33 13.02 19.34
CA ILE D 360 -26.46 12.10 19.39
C ILE D 360 -26.01 10.90 20.21
N ASP D 361 -26.59 10.76 21.40
CA ASP D 361 -26.20 9.76 22.40
C ASP D 361 -27.02 8.49 22.21
N GLU D 362 -26.35 7.35 22.01
CA GLU D 362 -27.01 6.12 21.60
C GLU D 362 -26.76 4.99 22.61
N VAL D 363 -27.80 4.19 22.90
CA VAL D 363 -27.64 2.99 23.72
C VAL D 363 -27.28 1.80 22.82
N PRO D 364 -26.67 0.73 23.35
CA PRO D 364 -26.22 -0.37 22.46
C PRO D 364 -27.31 -1.31 21.98
N ALA D 365 -28.50 -0.81 21.69
CA ALA D 365 -29.58 -1.64 21.17
C ALA D 365 -29.37 -1.85 19.67
N VAL D 366 -28.33 -2.61 19.37
CA VAL D 366 -27.87 -2.87 18.01
C VAL D 366 -27.78 -4.38 17.87
N GLY D 367 -27.91 -4.87 16.64
CA GLY D 367 -27.92 -6.31 16.41
C GLY D 367 -29.27 -6.98 16.50
N MET D 368 -30.37 -6.22 16.64
CA MET D 368 -31.74 -6.75 16.65
C MET D 368 -32.24 -6.97 15.23
N ASN D 369 -31.49 -7.77 14.48
CA ASN D 369 -31.73 -7.94 13.06
C ASN D 369 -30.97 -9.17 12.60
N PHE D 370 -31.18 -9.57 11.35
CA PHE D 370 -30.57 -10.81 10.85
C PHE D 370 -29.79 -10.60 9.55
N GLY D 377 -37.69 -14.22 12.37
CA GLY D 377 -38.26 -13.31 13.34
C GLY D 377 -37.35 -13.04 14.53
N ILE D 378 -37.23 -11.77 14.91
CA ILE D 378 -36.33 -11.34 15.99
C ILE D 378 -37.11 -11.00 17.25
N PHE D 379 -38.26 -10.35 17.12
CA PHE D 379 -39.04 -9.94 18.29
C PHE D 379 -40.05 -11.04 18.60
N THR D 380 -39.58 -12.05 19.34
CA THR D 380 -40.35 -13.23 19.68
C THR D 380 -40.01 -13.63 21.11
N GLU D 381 -40.81 -14.57 21.65
CA GLU D 381 -40.73 -14.91 23.06
C GLU D 381 -39.37 -15.53 23.43
N ASP D 382 -38.75 -16.26 22.51
CA ASP D 382 -37.49 -16.94 22.79
C ASP D 382 -36.27 -16.15 22.34
N LYS D 383 -36.45 -14.91 21.86
CA LYS D 383 -35.31 -14.08 21.47
C LYS D 383 -35.41 -12.70 22.12
N VAL D 384 -35.61 -11.64 21.32
CA VAL D 384 -35.75 -10.29 21.86
C VAL D 384 -37.17 -10.19 22.44
N ASN D 385 -37.28 -10.31 23.76
CA ASN D 385 -38.58 -10.43 24.41
C ASN D 385 -38.71 -9.41 25.54
N GLU D 386 -39.63 -9.68 26.45
CA GLU D 386 -39.91 -8.74 27.55
C GLU D 386 -38.70 -8.62 28.48
N LYS D 387 -37.88 -9.67 28.57
CA LYS D 387 -36.65 -9.56 29.35
C LYS D 387 -35.66 -8.60 28.69
N THR D 388 -35.51 -8.69 27.37
CA THR D 388 -34.72 -7.70 26.65
C THR D 388 -35.26 -6.31 26.88
N LEU D 389 -36.58 -6.16 26.77
CA LEU D 389 -37.23 -4.87 26.98
C LEU D 389 -36.89 -4.29 28.35
N ALA D 390 -37.04 -5.08 29.41
CA ALA D 390 -36.78 -4.54 30.75
C ALA D 390 -35.33 -4.13 30.91
N TYR D 391 -34.40 -4.88 30.30
CA TYR D 391 -33.00 -4.48 30.34
C TYR D 391 -32.76 -3.25 29.48
N HIS D 392 -33.43 -3.18 28.32
CA HIS D 392 -33.33 -2.00 27.47
C HIS D 392 -33.74 -0.74 28.25
N LYS D 393 -34.82 -0.82 29.03
CA LYS D 393 -35.19 0.34 29.83
C LYS D 393 -34.12 0.67 30.87
N GLN D 394 -33.54 -0.36 31.49
CA GLN D 394 -32.54 -0.12 32.53
C GLN D 394 -31.30 0.56 31.95
N VAL D 395 -30.84 0.11 30.77
CA VAL D 395 -29.71 0.77 30.11
C VAL D 395 -30.02 2.24 29.87
N LEU D 396 -31.24 2.55 29.41
CA LEU D 396 -31.60 3.95 29.17
C LEU D 396 -31.59 4.76 30.46
N LYS D 397 -32.07 4.18 31.56
CA LYS D 397 -32.03 4.88 32.84
C LYS D 397 -30.60 5.21 33.20
N GLU D 398 -29.70 4.25 33.03
CA GLU D 398 -28.29 4.47 33.35
C GLU D 398 -27.66 5.51 32.42
N LEU D 399 -27.94 5.43 31.11
CA LEU D 399 -27.39 6.43 30.20
C LEU D 399 -27.85 7.82 30.59
N TYR D 400 -29.14 7.96 30.90
CA TYR D 400 -29.68 9.28 31.25
C TYR D 400 -29.02 9.80 32.52
N GLN D 401 -28.94 8.96 33.56
CA GLN D 401 -28.31 9.37 34.82
C GLN D 401 -26.90 9.89 34.58
N ARG D 402 -26.15 9.26 33.67
CA ARG D 402 -24.74 9.63 33.48
C ARG D 402 -24.60 10.90 32.65
N ASP D 403 -25.44 11.09 31.63
CA ASP D 403 -25.23 12.15 30.64
C ASP D 403 -26.26 13.27 30.68
N LYS D 404 -27.28 13.18 31.54
CA LYS D 404 -28.38 14.15 31.54
C LYS D 404 -27.91 15.59 31.62
N ASN D 405 -26.74 15.85 32.23
CA ASN D 405 -26.29 17.23 32.40
C ASN D 405 -25.35 17.74 31.31
N HIS D 406 -25.05 16.94 30.28
CA HIS D 406 -24.20 17.41 29.17
C HIS D 406 -24.99 18.29 28.22
N PRO D 407 -24.60 19.55 28.03
CA PRO D 407 -25.25 20.36 26.99
C PRO D 407 -24.95 19.86 25.58
N CYS D 408 -23.85 19.13 25.39
CA CYS D 408 -23.57 18.63 24.04
C CYS D 408 -24.61 17.62 23.58
N VAL D 409 -25.21 16.85 24.49
CA VAL D 409 -26.23 15.89 24.09
C VAL D 409 -27.52 16.62 23.73
N VAL D 410 -27.99 16.44 22.51
CA VAL D 410 -29.22 17.08 22.06
C VAL D 410 -30.28 16.07 21.65
N MET D 411 -29.94 14.79 21.56
CA MET D 411 -30.90 13.80 21.12
C MET D 411 -30.48 12.46 21.67
N TRP D 412 -31.45 11.62 22.01
CA TRP D 412 -31.20 10.25 22.44
C TRP D 412 -31.56 9.32 21.29
N SER D 413 -30.68 8.37 20.99
CA SER D 413 -30.97 7.36 19.99
C SER D 413 -31.13 6.04 20.72
N ILE D 414 -32.31 5.41 20.57
CA ILE D 414 -32.65 4.25 21.39
C ILE D 414 -32.38 2.93 20.70
N THR D 415 -31.96 2.93 19.44
CA THR D 415 -31.69 1.70 18.70
C THR D 415 -30.98 2.03 17.39
N ASN D 416 -30.20 1.06 16.89
CA ASN D 416 -29.60 1.15 15.57
C ASN D 416 -30.04 -0.03 14.73
N GLU D 417 -30.78 0.24 13.66
CA GLU D 417 -31.15 -0.76 12.66
C GLU D 417 -31.83 -2.00 13.25
N PRO D 418 -32.89 -1.83 14.03
CA PRO D 418 -33.67 -3.00 14.45
C PRO D 418 -34.46 -3.51 13.26
N HIS D 419 -34.94 -4.75 13.39
CA HIS D 419 -35.80 -5.31 12.35
C HIS D 419 -37.24 -4.83 12.59
N SER D 420 -37.47 -3.55 12.31
CA SER D 420 -38.71 -2.88 12.66
C SER D 420 -39.83 -3.12 11.66
N SER D 421 -39.63 -4.01 10.70
CA SER D 421 -40.73 -4.44 9.84
C SER D 421 -41.61 -5.47 10.53
N GLU D 422 -41.08 -6.16 11.53
CA GLU D 422 -41.86 -7.13 12.29
C GLU D 422 -42.94 -6.39 13.08
N GLU D 423 -44.17 -6.92 13.02
CA GLU D 423 -45.27 -6.27 13.71
C GLU D 423 -45.04 -6.23 15.21
N ALA D 424 -44.38 -7.25 15.77
CA ALA D 424 -44.14 -7.31 17.21
C ALA D 424 -43.19 -6.22 17.70
N SER D 425 -42.37 -5.63 16.82
CA SER D 425 -41.49 -4.56 17.26
C SER D 425 -42.26 -3.29 17.64
N ARG D 426 -43.47 -3.10 17.10
CA ARG D 426 -44.21 -1.86 17.38
C ARG D 426 -44.43 -1.67 18.87
N ASN D 427 -45.01 -2.69 19.54
CA ASN D 427 -45.23 -2.59 20.98
C ASN D 427 -43.89 -2.48 21.73
N TYR D 428 -42.86 -3.17 21.25
CA TYR D 428 -41.56 -3.10 21.92
C TYR D 428 -41.06 -1.65 21.98
N PHE D 429 -41.03 -0.97 20.84
CA PHE D 429 -40.41 0.34 20.82
C PHE D 429 -41.35 1.43 21.30
N GLU D 430 -42.66 1.19 21.28
CA GLU D 430 -43.55 2.12 21.96
C GLU D 430 -43.23 2.17 23.44
N GLU D 431 -42.99 0.99 24.04
CA GLU D 431 -42.61 0.92 25.44
C GLU D 431 -41.30 1.63 25.70
N VAL D 432 -40.28 1.37 24.87
CA VAL D 432 -38.99 2.01 25.06
C VAL D 432 -39.10 3.52 24.89
N THR D 433 -39.80 3.98 23.85
CA THR D 433 -39.91 5.42 23.62
C THR D 433 -40.63 6.12 24.77
N LYS D 434 -41.69 5.49 25.30
CA LYS D 434 -42.41 6.09 26.42
C LYS D 434 -41.51 6.20 27.64
N TYR D 435 -40.61 5.23 27.84
CA TYR D 435 -39.75 5.26 29.01
C TYR D 435 -38.75 6.42 28.96
N ILE D 436 -37.99 6.55 27.87
CA ILE D 436 -37.00 7.62 27.81
C ILE D 436 -37.67 8.99 27.90
N ARG D 437 -38.85 9.14 27.28
CA ARG D 437 -39.58 10.40 27.35
C ARG D 437 -40.04 10.73 28.76
N LYS D 438 -40.34 9.70 29.57
CA LYS D 438 -40.64 9.94 30.98
C LYS D 438 -39.41 10.40 31.74
N LEU D 439 -38.24 9.82 31.44
CA LEU D 439 -36.99 10.26 32.04
C LEU D 439 -36.63 11.69 31.64
N ASP D 440 -36.84 12.04 30.36
CA ASP D 440 -36.32 13.28 29.79
C ASP D 440 -37.39 13.86 28.87
N SER D 441 -38.08 14.88 29.34
CA SER D 441 -39.10 15.56 28.55
C SER D 441 -38.53 16.62 27.62
N GLU D 442 -37.20 16.79 27.56
CA GLU D 442 -36.64 17.91 26.81
C GLU D 442 -35.84 17.53 25.57
N ARG D 443 -35.18 16.36 25.53
CA ARG D 443 -34.48 16.16 24.26
C ARG D 443 -35.31 15.31 23.31
N PRO D 444 -35.24 15.56 22.01
CA PRO D 444 -35.88 14.67 21.05
C PRO D 444 -35.36 13.24 21.15
N ILE D 445 -36.21 12.28 20.75
CA ILE D 445 -35.90 10.86 20.72
C ILE D 445 -35.84 10.41 19.27
N THR D 446 -34.95 9.45 18.96
CA THR D 446 -34.88 8.89 17.61
C THR D 446 -34.25 7.50 17.68
N GLY D 447 -34.05 6.91 16.50
CA GLY D 447 -33.42 5.61 16.30
C GLY D 447 -33.23 5.40 14.81
N THR D 448 -32.25 4.61 14.37
CA THR D 448 -31.88 4.58 12.96
C THR D 448 -32.51 3.41 12.22
N MET D 449 -32.90 3.66 10.97
CA MET D 449 -33.65 2.73 10.15
C MET D 449 -32.74 2.02 9.15
N ASN D 450 -32.99 0.72 8.96
CA ASN D 450 -32.48 0.06 7.78
C ASN D 450 -33.54 -0.63 6.94
N VAL D 451 -34.69 -1.02 7.51
CA VAL D 451 -35.73 -1.66 6.70
C VAL D 451 -36.34 -0.69 5.70
N ASP D 452 -37.10 -1.22 4.76
CA ASP D 452 -37.75 -0.39 3.75
C ASP D 452 -38.77 0.55 4.40
N VAL D 453 -38.92 1.74 3.81
CA VAL D 453 -39.85 2.74 4.35
C VAL D 453 -41.25 2.15 4.43
N GLU D 454 -41.64 1.36 3.42
CA GLU D 454 -42.98 0.82 3.37
C GLU D 454 -43.26 -0.16 4.50
N GLU D 455 -42.23 -0.84 5.01
CA GLU D 455 -42.41 -1.87 6.03
C GLU D 455 -42.23 -1.38 7.45
N ASP D 456 -41.54 -0.25 7.66
CA ASP D 456 -41.21 0.17 9.02
C ASP D 456 -42.46 0.42 9.85
N LYS D 457 -42.40 0.05 11.13
CA LYS D 457 -43.57 0.13 12.00
C LYS D 457 -43.31 0.89 13.29
N ILE D 458 -42.16 1.56 13.42
CA ILE D 458 -41.83 2.20 14.69
C ILE D 458 -41.46 3.67 14.58
N SER D 459 -41.07 4.20 13.41
CA SER D 459 -40.51 5.55 13.37
C SER D 459 -41.54 6.62 13.73
N GLN D 460 -42.83 6.29 13.70
CA GLN D 460 -43.85 7.24 14.14
C GLN D 460 -43.72 7.59 15.61
N PHE D 461 -43.05 6.76 16.42
CA PHE D 461 -42.82 7.12 17.82
C PHE D 461 -41.68 8.11 18.00
N PHE D 462 -40.91 8.40 16.97
CA PHE D 462 -39.72 9.25 17.10
C PHE D 462 -40.04 10.71 16.77
N ASP D 463 -39.16 11.60 17.22
CA ASP D 463 -39.23 13.02 16.87
C ASP D 463 -38.44 13.34 15.60
N VAL D 464 -37.44 12.53 15.28
CA VAL D 464 -36.61 12.71 14.09
C VAL D 464 -36.49 11.36 13.42
N VAL D 465 -36.55 11.32 12.10
CA VAL D 465 -36.37 10.06 11.38
C VAL D 465 -34.92 10.02 10.91
N CYS D 466 -34.22 8.94 11.31
CA CYS D 466 -32.85 8.71 10.93
C CYS D 466 -32.77 7.43 10.09
N ILE D 467 -32.15 7.52 8.93
CA ILE D 467 -32.05 6.40 8.01
C ILE D 467 -30.59 6.14 7.66
N ASN D 468 -30.22 4.85 7.62
CA ASN D 468 -28.95 4.39 7.11
C ASN D 468 -29.17 3.90 5.69
N ARG D 469 -28.48 4.50 4.73
CA ARG D 469 -28.74 4.22 3.33
C ARG D 469 -27.41 4.16 2.60
N TYR D 470 -27.21 3.09 1.82
CA TYR D 470 -25.94 2.87 1.15
C TYR D 470 -26.16 2.69 -0.35
N PHE D 471 -26.87 3.64 -0.95
CA PHE D 471 -27.00 3.59 -2.40
C PHE D 471 -25.64 3.82 -3.03
N GLY D 472 -25.35 3.04 -4.06
CA GLY D 472 -24.03 3.01 -4.62
C GLY D 472 -23.07 2.09 -3.90
N TRP D 473 -23.49 1.48 -2.78
CA TRP D 473 -22.66 0.46 -2.12
C TRP D 473 -23.42 -0.85 -1.91
N TYR D 474 -24.30 -0.94 -0.89
CA TYR D 474 -25.09 -2.15 -0.74
C TYR D 474 -26.22 -2.26 -1.76
N VAL D 475 -26.69 -1.16 -2.32
CA VAL D 475 -27.68 -1.15 -3.38
C VAL D 475 -27.05 -0.51 -4.61
N GLY D 476 -27.01 -1.24 -5.71
CA GLY D 476 -26.51 -0.68 -6.95
C GLY D 476 -25.02 -0.36 -6.89
N ALA D 477 -24.22 -1.26 -6.31
CA ALA D 477 -22.79 -1.05 -6.16
C ALA D 477 -22.15 -0.69 -7.48
N GLY D 478 -21.38 0.38 -7.48
CA GLY D 478 -20.69 0.83 -8.67
C GLY D 478 -21.51 1.68 -9.61
N LYS D 479 -22.84 1.72 -9.45
CA LYS D 479 -23.70 2.41 -10.42
C LYS D 479 -23.88 3.87 -9.98
N ILE D 480 -22.88 4.69 -10.34
CA ILE D 480 -22.82 6.05 -9.83
C ILE D 480 -24.03 6.86 -10.25
N GLU D 481 -24.48 6.65 -11.49
CA GLU D 481 -25.62 7.38 -12.05
C GLU D 481 -26.93 7.11 -11.31
N ARG D 482 -27.02 6.01 -10.55
CA ARG D 482 -28.26 5.65 -9.86
C ARG D 482 -28.33 6.15 -8.42
N ILE D 483 -27.25 6.66 -7.86
CA ILE D 483 -27.25 7.04 -6.44
C ILE D 483 -28.21 8.21 -6.19
N TYR D 484 -28.02 9.31 -6.93
CA TYR D 484 -28.85 10.50 -6.70
C TYR D 484 -30.35 10.21 -6.81
N PRO D 485 -30.86 9.63 -7.90
CA PRO D 485 -32.32 9.35 -7.95
C PRO D 485 -32.78 8.37 -6.89
N SER D 486 -31.93 7.41 -6.54
CA SER D 486 -32.30 6.41 -5.53
C SER D 486 -32.52 7.05 -4.17
N LEU D 487 -31.54 7.81 -3.66
CA LEU D 487 -31.68 8.37 -2.32
C LEU D 487 -32.77 9.45 -2.28
N LYS D 488 -32.85 10.28 -3.31
CA LYS D 488 -33.88 11.32 -3.33
C LYS D 488 -35.27 10.69 -3.21
N THR D 489 -35.54 9.68 -4.05
CA THR D 489 -36.82 8.98 -4.00
C THR D 489 -37.11 8.42 -2.61
N ASP D 490 -36.11 7.78 -2.00
CA ASP D 490 -36.30 7.17 -0.68
C ASP D 490 -36.55 8.23 0.39
N LEU D 491 -35.75 9.31 0.37
CA LEU D 491 -35.92 10.40 1.33
C LEU D 491 -37.33 10.98 1.28
N ILE D 492 -37.86 11.20 0.09
CA ILE D 492 -39.21 11.77 -0.03
C ILE D 492 -40.24 10.81 0.55
N LYS D 493 -40.09 9.51 0.30
CA LYS D 493 -40.99 8.53 0.90
C LYS D 493 -40.93 8.55 2.44
N TRP D 494 -39.73 8.66 3.00
CA TRP D 494 -39.65 8.73 4.46
C TRP D 494 -40.35 9.97 4.98
N HIS D 495 -40.19 11.09 4.28
CA HIS D 495 -40.83 12.32 4.73
C HIS D 495 -42.35 12.25 4.53
N GLU D 496 -42.80 11.66 3.43
CA GLU D 496 -44.25 11.57 3.19
C GLU D 496 -44.92 10.65 4.21
N LYS D 497 -44.25 9.58 4.61
CA LYS D 497 -44.88 8.63 5.52
C LYS D 497 -44.94 9.16 6.95
N TYR D 498 -43.89 9.82 7.44
CA TYR D 498 -43.87 10.23 8.83
C TYR D 498 -44.01 11.73 9.07
N GLY D 499 -43.77 12.56 8.05
CA GLY D 499 -43.90 14.00 8.22
C GLY D 499 -42.96 14.61 9.25
N LYS D 500 -41.80 14.02 9.47
CA LYS D 500 -40.80 14.49 10.43
C LYS D 500 -39.53 14.89 9.71
N PRO D 501 -38.69 15.72 10.33
CA PRO D 501 -37.35 15.97 9.78
C PRO D 501 -36.56 14.68 9.67
N VAL D 502 -35.60 14.66 8.75
CA VAL D 502 -34.85 13.45 8.42
C VAL D 502 -33.35 13.72 8.51
N ILE D 503 -32.62 12.80 9.13
CA ILE D 503 -31.17 12.77 9.11
C ILE D 503 -30.75 11.51 8.38
N VAL D 504 -29.82 11.63 7.44
CA VAL D 504 -29.17 10.45 6.89
C VAL D 504 -28.01 10.14 7.84
N THR D 505 -28.22 9.16 8.72
CA THR D 505 -27.23 8.89 9.78
C THR D 505 -26.08 8.00 9.32
N GLU D 506 -26.18 7.35 8.16
CA GLU D 506 -25.07 6.57 7.61
C GLU D 506 -25.16 6.56 6.08
N TYR D 507 -24.02 6.72 5.42
CA TYR D 507 -23.83 6.45 3.99
C TYR D 507 -22.34 6.55 3.70
N GLY D 508 -21.90 5.80 2.69
CA GLY D 508 -20.49 5.84 2.32
C GLY D 508 -20.12 4.60 1.50
N ALA D 509 -18.81 4.31 1.48
CA ALA D 509 -18.27 3.24 0.66
C ALA D 509 -16.92 2.78 1.21
N ASP D 510 -16.67 1.47 1.21
CA ASP D 510 -15.36 0.98 1.62
C ASP D 510 -14.29 1.50 0.68
N THR D 511 -13.13 1.83 1.23
CA THR D 511 -12.10 2.51 0.45
C THR D 511 -10.72 2.08 0.96
N ILE D 512 -9.97 1.41 0.10
CA ILE D 512 -8.59 1.07 0.43
C ILE D 512 -7.71 2.27 0.10
N ALA D 513 -7.02 2.79 1.11
CA ALA D 513 -6.06 3.87 0.90
C ALA D 513 -4.99 3.44 -0.09
N GLY D 514 -4.74 4.29 -1.09
CA GLY D 514 -3.79 4.00 -2.14
C GLY D 514 -4.35 3.31 -3.37
N LEU D 515 -5.57 2.78 -3.28
CA LEU D 515 -6.25 2.18 -4.43
C LEU D 515 -6.83 3.30 -5.29
N HIS D 516 -6.23 3.57 -6.44
CA HIS D 516 -6.70 4.58 -7.37
C HIS D 516 -7.08 3.92 -8.70
N LYS D 517 -8.08 4.48 -9.37
CA LYS D 517 -8.40 3.96 -10.69
C LYS D 517 -9.17 5.00 -11.51
N LEU D 518 -8.90 5.01 -12.81
CA LEU D 518 -9.53 5.93 -13.75
C LEU D 518 -9.92 5.13 -14.99
N PRO D 519 -11.23 4.94 -15.25
CA PRO D 519 -12.38 5.38 -14.45
C PRO D 519 -12.42 4.71 -13.08
N GLU D 520 -13.13 5.33 -12.14
CA GLU D 520 -13.13 4.88 -10.76
C GLU D 520 -13.92 3.59 -10.60
N VAL D 521 -13.57 2.82 -9.58
CA VAL D 521 -14.22 1.56 -9.26
C VAL D 521 -14.43 1.50 -7.75
N ILE D 522 -15.38 0.66 -7.32
CA ILE D 522 -15.60 0.47 -5.90
C ILE D 522 -14.29 0.04 -5.25
N PHE D 523 -14.08 0.53 -4.03
CA PHE D 523 -12.91 0.40 -3.16
C PHE D 523 -11.85 1.44 -3.48
N SER D 524 -11.93 2.15 -4.60
CA SER D 524 -10.95 3.19 -4.89
C SER D 524 -11.30 4.47 -4.14
N GLU D 525 -10.28 5.31 -3.98
CA GLU D 525 -10.47 6.57 -3.26
C GLU D 525 -11.38 7.51 -4.05
N GLU D 526 -11.26 7.47 -5.39
CA GLU D 526 -12.11 8.29 -6.24
C GLU D 526 -13.56 7.85 -6.13
N TYR D 527 -13.83 6.55 -6.04
CA TYR D 527 -15.24 6.13 -5.95
C TYR D 527 -15.88 6.61 -4.66
N GLN D 528 -15.13 6.58 -3.57
CA GLN D 528 -15.68 7.05 -2.31
C GLN D 528 -16.14 8.50 -2.42
N LYS D 529 -15.28 9.37 -2.97
CA LYS D 529 -15.64 10.76 -3.18
C LYS D 529 -16.91 10.89 -4.03
N ARG D 530 -16.96 10.21 -5.19
CA ARG D 530 -18.10 10.35 -6.08
C ARG D 530 -19.39 9.82 -5.44
N CYS D 531 -19.29 8.71 -4.69
CA CYS D 531 -20.44 8.13 -4.03
C CYS D 531 -21.04 9.10 -3.02
N ILE D 532 -20.20 9.69 -2.19
CA ILE D 532 -20.69 10.61 -1.18
C ILE D 532 -21.32 11.83 -1.85
N GLU D 533 -20.68 12.31 -2.91
CA GLU D 533 -21.10 13.51 -3.62
C GLU D 533 -22.50 13.35 -4.25
N GLU D 534 -22.81 12.17 -4.80
CA GLU D 534 -24.11 11.96 -5.41
C GLU D 534 -25.21 11.79 -4.35
N ASN D 535 -24.88 11.17 -3.22
CA ASN D 535 -25.82 11.13 -2.11
C ASN D 535 -26.11 12.53 -1.62
N ASN D 536 -25.07 13.37 -1.55
CA ASN D 536 -25.26 14.74 -1.07
C ASN D 536 -26.13 15.53 -2.03
N LYS D 537 -26.00 15.26 -3.33
CA LYS D 537 -26.86 15.93 -4.31
C LYS D 537 -28.33 15.63 -4.05
N ALA D 538 -28.65 14.36 -3.73
CA ALA D 538 -30.04 14.03 -3.40
C ALA D 538 -30.50 14.81 -2.17
N MET D 539 -29.67 14.84 -1.11
CA MET D 539 -30.07 15.53 0.12
C MET D 539 -30.30 17.02 -0.14
N ASP D 540 -29.47 17.63 -0.99
CA ASP D 540 -29.56 19.06 -1.23
C ASP D 540 -30.85 19.46 -1.94
N GLU D 541 -31.54 18.52 -2.58
CA GLU D 541 -32.79 18.88 -3.23
C GLU D 541 -34.01 18.66 -2.35
N CYS D 542 -33.83 18.25 -1.09
CA CYS D 542 -34.93 18.05 -0.15
C CYS D 542 -34.92 19.15 0.90
N ASP D 543 -36.10 19.60 1.33
CA ASP D 543 -36.18 20.68 2.30
C ASP D 543 -36.43 20.20 3.73
N PHE D 544 -36.45 18.89 3.96
CA PHE D 544 -36.75 18.34 5.27
C PHE D 544 -35.57 17.58 5.86
N VAL D 545 -34.42 17.56 5.19
CA VAL D 545 -33.23 16.94 5.73
C VAL D 545 -32.55 17.92 6.69
N ILE D 546 -32.30 17.48 7.92
CA ILE D 546 -31.64 18.33 8.90
C ILE D 546 -30.24 17.84 9.25
N GLY D 547 -29.66 16.95 8.45
CA GLY D 547 -28.34 16.47 8.78
C GLY D 547 -27.81 15.38 7.88
N GLU D 548 -26.48 15.31 7.76
CA GLU D 548 -25.80 14.24 7.04
C GLU D 548 -24.64 13.73 7.90
N HIS D 549 -24.64 12.42 8.19
CA HIS D 549 -23.54 11.77 8.90
C HIS D 549 -22.97 10.69 7.99
N ILE D 550 -21.74 10.92 7.54
CA ILE D 550 -21.03 9.93 6.74
C ILE D 550 -20.62 8.78 7.64
N TRP D 551 -20.74 7.56 7.12
CA TRP D 551 -20.13 6.37 7.70
C TRP D 551 -18.97 5.98 6.81
N ALA D 552 -17.75 5.94 7.35
CA ALA D 552 -17.44 6.07 8.77
C ALA D 552 -16.43 7.19 9.00
N PHE D 553 -16.25 7.59 10.25
CA PHE D 553 -15.20 8.56 10.56
C PHE D 553 -13.83 7.96 10.25
N ALA D 554 -13.51 6.81 10.86
CA ALA D 554 -12.23 6.15 10.67
C ALA D 554 -12.43 4.66 10.46
N ASP D 555 -11.56 4.07 9.62
CA ASP D 555 -11.52 2.61 9.47
C ASP D 555 -11.48 1.97 10.85
N PHE D 556 -12.25 0.90 11.05
CA PHE D 556 -12.30 0.24 12.35
C PHE D 556 -12.39 -1.28 12.15
N MET D 557 -12.15 -2.02 13.24
CA MET D 557 -12.13 -3.47 13.17
C MET D 557 -13.54 -4.06 13.25
N THR D 558 -13.77 -5.14 12.49
CA THR D 558 -15.00 -5.90 12.50
C THR D 558 -14.70 -7.37 12.77
N ALA D 559 -15.75 -8.10 13.15
CA ALA D 559 -15.68 -9.55 13.09
C ALA D 559 -15.35 -9.99 11.66
N PHE D 560 -14.65 -11.11 11.54
CA PHE D 560 -14.06 -11.50 10.26
C PHE D 560 -15.15 -11.82 9.25
N GLY D 561 -14.92 -11.42 8.00
CA GLY D 561 -15.89 -11.67 6.96
C GLY D 561 -15.31 -11.32 5.60
N LEU D 562 -15.86 -11.95 4.56
CA LEU D 562 -15.29 -11.79 3.24
C LEU D 562 -15.58 -10.41 2.63
N LYS D 563 -16.43 -9.60 3.24
CA LYS D 563 -16.64 -8.24 2.75
C LYS D 563 -15.86 -7.23 3.55
N ARG D 564 -14.95 -7.67 4.40
CA ARG D 564 -14.28 -6.77 5.36
C ARG D 564 -12.77 -6.95 5.24
N VAL D 565 -12.12 -6.04 4.51
CA VAL D 565 -10.67 -6.15 4.33
C VAL D 565 -9.98 -5.62 5.57
N ASP D 566 -9.61 -6.55 6.47
CA ASP D 566 -9.08 -6.20 7.80
C ASP D 566 -9.92 -5.13 8.47
N GLY D 567 -11.21 -5.37 8.50
CA GLY D 567 -12.13 -4.48 9.14
C GLY D 567 -13.02 -3.77 8.14
N ASN D 568 -13.68 -2.73 8.64
CA ASN D 568 -14.55 -1.88 7.84
C ASN D 568 -13.69 -0.75 7.28
N LYS D 569 -13.71 -0.59 5.96
CA LYS D 569 -12.88 0.41 5.30
C LYS D 569 -13.66 1.64 4.84
N LYS D 570 -14.85 1.87 5.40
CA LYS D 570 -15.63 3.06 5.05
C LYS D 570 -15.10 4.36 5.70
N GLY D 571 -14.01 4.30 6.46
CA GLY D 571 -13.47 5.50 7.05
C GLY D 571 -13.15 6.57 6.02
N ILE D 572 -13.47 7.81 6.38
CA ILE D 572 -12.96 8.98 5.65
C ILE D 572 -11.50 9.20 6.03
N PHE D 573 -11.13 8.78 7.24
CA PHE D 573 -9.77 8.75 7.72
C PHE D 573 -9.35 7.29 7.90
N THR D 574 -8.05 7.04 7.78
CA THR D 574 -7.53 5.71 8.10
C THR D 574 -7.66 5.45 9.61
N ARG D 575 -7.45 4.20 10.01
CA ARG D 575 -7.48 3.89 11.45
C ARG D 575 -6.41 4.66 12.21
N GLU D 576 -5.36 5.08 11.52
CA GLU D 576 -4.31 5.89 12.12
C GLU D 576 -4.56 7.39 11.94
N ARG D 577 -5.79 7.76 11.58
CA ARG D 577 -6.30 9.13 11.61
C ARG D 577 -5.57 10.02 10.59
N GLN D 578 -5.40 9.51 9.38
CA GLN D 578 -4.94 10.28 8.23
C GLN D 578 -6.00 10.24 7.14
N PRO D 579 -6.14 11.32 6.37
CA PRO D 579 -7.28 11.44 5.46
C PRO D 579 -7.09 10.69 4.16
N LYS D 580 -8.18 10.12 3.66
CA LYS D 580 -8.24 9.66 2.29
C LYS D 580 -8.66 10.82 1.39
N THR D 581 -8.59 10.61 0.08
CA THR D 581 -8.96 11.63 -0.90
C THR D 581 -10.27 12.33 -0.56
N ALA D 582 -11.33 11.56 -0.28
CA ALA D 582 -12.66 12.15 -0.12
C ALA D 582 -12.72 13.18 1.01
N ALA D 583 -11.86 13.03 2.01
CA ALA D 583 -11.82 13.95 3.14
C ALA D 583 -11.67 15.41 2.71
N PHE D 584 -10.92 15.67 1.64
CA PHE D 584 -10.69 17.05 1.23
C PHE D 584 -11.89 17.64 0.51
N ALA D 585 -12.63 16.81 -0.23
CA ALA D 585 -13.84 17.30 -0.87
C ALA D 585 -14.95 17.53 0.13
N ILE D 586 -15.07 16.64 1.12
CA ILE D 586 -16.06 16.82 2.19
C ILE D 586 -15.79 18.11 2.94
N ARG D 587 -14.51 18.38 3.22
CA ARG D 587 -14.14 19.60 3.92
C ARG D 587 -14.57 20.84 3.14
N GLU D 588 -14.30 20.86 1.82
CA GLU D 588 -14.71 22.01 1.01
C GLU D 588 -16.21 22.27 1.14
N ARG D 589 -17.00 21.19 1.16
CA ARG D 589 -18.45 21.33 1.30
C ARG D 589 -18.83 21.78 2.71
N TRP D 590 -18.31 21.12 3.75
CA TRP D 590 -18.78 21.44 5.10
C TRP D 590 -18.29 22.80 5.56
N ARG D 591 -17.12 23.24 5.09
CA ARG D 591 -16.59 24.53 5.53
C ARG D 591 -17.34 25.70 4.91
N LYS D 592 -17.94 25.50 3.75
CA LYS D 592 -18.84 26.49 3.16
C LYS D 592 -20.23 26.45 3.76
N MET D 593 -20.57 25.40 4.51
CA MET D 593 -21.87 25.33 5.15
C MET D 593 -21.80 25.94 6.56
CA CA E . 10.13 2.05 -34.46
CA CA F . 7.87 7.64 34.25
CA CA G . -3.22 -16.82 -31.83
CA CA H . -14.97 7.09 31.98
#